data_6E8D
#
_entry.id   6E8D
#
_cell.length_a   59.020
_cell.length_b   83.890
_cell.length_c   128.260
_cell.angle_alpha   80.30
_cell.angle_beta   83.57
_cell.angle_gamma   89.96
#
_symmetry.space_group_name_H-M   'P 1'
#
loop_
_entity.id
_entity.type
_entity.pdbx_description
1 polymer 'Beta sliding clamp,DNA mismatch repair protein MutL'
2 non-polymer GLYCEROL
3 water water
#
_entity_poly.entity_id   1
_entity_poly.type   'polypeptide(L)'
_entity_poly.pdbx_seq_one_letter_code
;MGSSHHHHHHGSGGGNNNNNNNNNNLGIEENLYFQSHMMKFTIQKDRLVESVQDVLKAVSSRTTIPILTGIKIVASDDGV
SFTGSDSDISIESFIPKEEGDKEIVTIEQPGSIVLQARFFSEIVKKLPMATVEIEVQNQYLTIIRSGKAEFNLNGLDADE
YPHLPQIEEHHAIQIPTDLLKNLIRQTVFAVSTSETRPILTGVNWKVEQSELLCTATDSHRLALRKAKLDIPEDRSYNVV
IPGKSLTELSKILDDNQELVDIVITETQVLFKAKNVLFFSRLLDGNYPDTTSLIPQDSKTEIIVNTKEFLQAIDRASLLA
REGRNNVVKLSAKPAESIEISSNSPEIGKVVEAIVADQIEGEELNISFSPKYMLDALKVLEGAEIRVSFTGAMRPFLIRT
PNDETIVQLILPVRTYVDSVEPEVQEMIVPLTFHYSTNEALIIEQHKQELESVGVFLESFGSNSYIVRCHPAWFPKGEEA
ELIEEIIQQVLDSKNIDIKKLREEAAIMMSCK
;
_entity_poly.pdbx_strand_id   A,B,C,D
#
# COMPACT_ATOMS: atom_id res chain seq x y z
N ASN A 31 2.60 -15.57 49.36
CA ASN A 31 1.19 -15.14 49.54
C ASN A 31 0.25 -16.34 49.32
N LEU A 32 -0.92 -16.09 48.77
CA LEU A 32 -1.95 -17.12 48.58
C LEU A 32 -2.24 -17.28 47.10
N TYR A 33 -2.10 -18.50 46.58
CA TYR A 33 -2.18 -18.70 45.15
C TYR A 33 -3.62 -18.81 44.66
N PHE A 34 -3.92 -18.08 43.60
CA PHE A 34 -5.23 -18.08 42.98
C PHE A 34 -5.08 -17.69 41.51
N GLN A 35 -5.26 -18.65 40.62
CA GLN A 35 -5.02 -18.44 39.19
C GLN A 35 -5.90 -17.36 38.59
N SER A 36 -5.32 -16.56 37.71
CA SER A 36 -6.04 -15.50 37.02
C SER A 36 -6.90 -16.07 35.90
N HIS A 37 -6.64 -17.32 35.52
CA HIS A 37 -7.34 -17.95 34.40
C HIS A 37 -7.17 -19.48 34.39
N MET A 38 -8.00 -20.15 33.60
CA MET A 38 -8.05 -21.61 33.55
C MET A 38 -7.09 -22.19 32.51
N MET A 39 -7.38 -21.94 31.25
CA MET A 39 -6.54 -22.34 30.14
C MET A 39 -6.01 -21.11 29.41
N LYS A 40 -4.73 -21.11 29.06
CA LYS A 40 -4.16 -20.00 28.34
C LYS A 40 -2.99 -20.44 27.48
N PHE A 41 -3.09 -20.19 26.17
CA PHE A 41 -2.00 -20.50 25.25
C PHE A 41 -2.03 -19.59 24.03
N THR A 42 -0.88 -19.50 23.37
CA THR A 42 -0.73 -18.78 22.11
C THR A 42 -0.50 -19.79 21.00
N ILE A 43 -1.08 -19.53 19.83
CA ILE A 43 -0.99 -20.47 18.72
C ILE A 43 -0.99 -19.77 17.36
N GLN A 44 -0.31 -20.38 16.40
CA GLN A 44 -0.32 -19.89 15.03
C GLN A 44 -1.68 -20.18 14.38
N LYS A 45 -2.19 -19.19 13.66
CA LYS A 45 -3.55 -19.25 13.10
C LYS A 45 -3.72 -20.35 12.06
N ASP A 46 -2.68 -20.57 11.25
CA ASP A 46 -2.79 -21.49 10.11
C ASP A 46 -3.02 -22.93 10.58
N ARG A 47 -2.28 -23.34 11.61
CA ARG A 47 -2.43 -24.68 12.16
C ARG A 47 -3.72 -24.78 12.97
N LEU A 48 -4.07 -23.70 13.65
CA LEU A 48 -5.32 -23.64 14.42
C LEU A 48 -6.51 -23.87 13.50
N VAL A 49 -6.58 -23.10 12.41
CA VAL A 49 -7.63 -23.25 11.43
C VAL A 49 -7.67 -24.68 10.88
N GLU A 50 -6.49 -25.17 10.48
CA GLU A 50 -6.36 -26.50 9.90
C GLU A 50 -6.98 -27.59 10.79
N SER A 51 -6.66 -27.55 12.09
CA SER A 51 -7.17 -28.54 13.03
C SER A 51 -8.67 -28.37 13.27
N VAL A 52 -9.13 -27.13 13.33
CA VAL A 52 -10.54 -26.84 13.56
C VAL A 52 -11.38 -27.32 12.37
N GLN A 53 -10.88 -27.14 11.15
CA GLN A 53 -11.60 -27.58 9.95
C GLN A 53 -11.76 -29.10 9.94
N ASP A 54 -10.69 -29.81 10.24
CA ASP A 54 -10.73 -31.27 10.29
C ASP A 54 -11.73 -31.75 11.34
N VAL A 55 -11.56 -31.24 12.56
CA VAL A 55 -12.41 -31.62 13.68
C VAL A 55 -13.88 -31.27 13.43
N LEU A 56 -14.11 -30.16 12.75
CA LEU A 56 -15.46 -29.67 12.49
C LEU A 56 -16.26 -30.66 11.65
N LYS A 57 -15.56 -31.48 10.88
CA LYS A 57 -16.22 -32.45 10.00
C LYS A 57 -16.95 -33.53 10.78
N ALA A 58 -16.64 -33.68 12.07
CA ALA A 58 -17.29 -34.66 12.92
C ALA A 58 -18.47 -34.07 13.68
N VAL A 59 -18.64 -32.75 13.59
CA VAL A 59 -19.70 -32.07 14.32
C VAL A 59 -20.97 -31.99 13.47
N SER A 60 -22.11 -32.22 14.11
CA SER A 60 -23.41 -32.20 13.45
C SER A 60 -24.31 -31.15 14.07
N SER A 61 -24.97 -30.37 13.22
CA SER A 61 -25.93 -29.38 13.68
C SER A 61 -27.12 -30.08 14.34
N ARG A 62 -27.59 -31.15 13.71
CA ARG A 62 -28.67 -31.95 14.26
C ARG A 62 -28.15 -32.97 15.26
N THR A 63 -28.18 -32.60 16.54
CA THR A 63 -27.73 -33.48 17.60
C THR A 63 -28.73 -33.48 18.76
N THR A 64 -28.85 -34.63 19.43
CA THR A 64 -29.73 -34.77 20.58
C THR A 64 -28.97 -34.54 21.88
N ILE A 65 -27.64 -34.51 21.80
CA ILE A 65 -26.79 -34.23 22.95
C ILE A 65 -26.16 -32.84 22.77
N PRO A 66 -26.58 -31.85 23.59
CA PRO A 66 -26.20 -30.45 23.39
C PRO A 66 -24.70 -30.20 23.25
N ILE A 67 -23.89 -30.79 24.13
CA ILE A 67 -22.47 -30.46 24.18
C ILE A 67 -21.72 -30.96 22.94
N LEU A 68 -22.37 -31.80 22.14
CA LEU A 68 -21.74 -32.32 20.93
C LEU A 68 -21.77 -31.30 19.79
N THR A 69 -22.39 -30.15 20.03
CA THR A 69 -22.32 -29.04 19.07
C THR A 69 -21.03 -28.26 19.28
N GLY A 70 -20.30 -28.61 20.34
CA GLY A 70 -19.10 -27.90 20.71
C GLY A 70 -17.83 -28.56 20.20
N ILE A 71 -16.70 -27.93 20.49
CA ILE A 71 -15.39 -28.48 20.16
C ILE A 71 -14.56 -28.49 21.43
N LYS A 72 -13.97 -29.64 21.73
CA LYS A 72 -13.19 -29.79 22.96
C LYS A 72 -11.74 -29.41 22.70
N ILE A 73 -11.24 -28.46 23.49
CA ILE A 73 -9.87 -28.01 23.40
C ILE A 73 -9.14 -28.39 24.67
N VAL A 74 -7.98 -29.04 24.52
CA VAL A 74 -7.15 -29.40 25.66
C VAL A 74 -5.73 -28.92 25.46
N ALA A 75 -5.31 -27.98 26.30
CA ALA A 75 -3.94 -27.49 26.26
C ALA A 75 -3.10 -28.19 27.32
N SER A 76 -2.04 -28.86 26.88
CA SER A 76 -1.09 -29.51 27.78
C SER A 76 0.32 -28.99 27.52
N ASP A 77 1.29 -29.50 28.27
CA ASP A 77 2.67 -29.06 28.13
C ASP A 77 3.24 -29.44 26.78
N ASP A 78 2.69 -30.51 26.19
CA ASP A 78 3.19 -31.03 24.93
C ASP A 78 2.55 -30.34 23.71
N GLY A 79 1.34 -29.82 23.89
CA GLY A 79 0.65 -29.13 22.81
C GLY A 79 -0.83 -28.95 23.08
N VAL A 80 -1.61 -28.83 22.01
CA VAL A 80 -3.05 -28.66 22.13
C VAL A 80 -3.79 -29.61 21.20
N SER A 81 -4.84 -30.24 21.71
CA SER A 81 -5.66 -31.15 20.92
C SER A 81 -7.06 -30.56 20.74
N PHE A 82 -7.68 -30.92 19.63
CA PHE A 82 -9.02 -30.46 19.29
C PHE A 82 -9.89 -31.67 18.99
N THR A 83 -11.05 -31.75 19.64
CA THR A 83 -11.93 -32.89 19.47
C THR A 83 -13.32 -32.45 19.08
N GLY A 84 -13.91 -33.15 18.12
CA GLY A 84 -15.29 -32.95 17.72
C GLY A 84 -15.94 -34.31 17.50
N SER A 85 -17.25 -34.39 17.71
CA SER A 85 -17.93 -35.67 17.61
C SER A 85 -19.43 -35.51 17.40
N ASP A 86 -20.02 -36.52 16.78
CA ASP A 86 -21.47 -36.59 16.63
C ASP A 86 -21.93 -37.99 17.01
N SER A 87 -21.29 -38.56 18.03
CA SER A 87 -21.63 -39.88 18.56
C SER A 87 -21.54 -41.10 17.61
N ASP A 88 -21.32 -40.84 16.33
CA ASP A 88 -21.23 -41.95 15.37
C ASP A 88 -19.75 -41.91 14.97
N ILE A 89 -19.22 -40.72 14.74
CA ILE A 89 -17.79 -40.56 14.45
C ILE A 89 -17.18 -39.52 15.39
N SER A 90 -15.88 -39.66 15.63
CA SER A 90 -15.15 -38.73 16.48
C SER A 90 -13.77 -38.48 15.88
N ILE A 91 -13.36 -37.22 15.92
CA ILE A 91 -12.06 -36.82 15.38
C ILE A 91 -11.28 -36.05 16.43
N GLU A 92 -10.01 -36.40 16.60
CA GLU A 92 -9.10 -35.63 17.44
C GLU A 92 -7.89 -35.19 16.63
N SER A 93 -7.68 -33.88 16.56
CA SER A 93 -6.55 -33.30 15.87
C SER A 93 -5.60 -32.65 16.88
N PHE A 94 -4.34 -33.07 16.85
CA PHE A 94 -3.35 -32.59 17.79
C PHE A 94 -2.33 -31.67 17.12
N ILE A 95 -1.86 -30.68 17.87
CA ILE A 95 -0.84 -29.76 17.40
C ILE A 95 0.33 -29.73 18.37
N PRO A 96 1.48 -30.31 17.99
CA PRO A 96 2.66 -30.20 18.85
C PRO A 96 3.07 -28.74 19.03
N LYS A 97 3.67 -28.40 20.17
CA LYS A 97 4.02 -27.01 20.45
C LYS A 97 5.19 -26.56 19.57
N GLU A 98 5.95 -27.54 19.08
CA GLU A 98 7.08 -27.27 18.20
C GLU A 98 7.04 -28.18 16.98
N GLU A 99 7.11 -27.56 15.79
CA GLU A 99 7.11 -28.27 14.53
C GLU A 99 8.34 -27.86 13.71
N GLY A 100 9.50 -27.88 14.37
CA GLY A 100 10.77 -27.54 13.73
C GLY A 100 11.52 -26.45 14.46
N ASP A 101 12.12 -25.56 13.69
CA ASP A 101 12.82 -24.40 14.25
C ASP A 101 11.83 -23.52 15.00
N LYS A 102 10.69 -23.30 14.37
CA LYS A 102 9.67 -22.44 14.93
C LYS A 102 8.83 -23.01 16.05
N GLU A 103 8.27 -22.11 16.85
CA GLU A 103 7.37 -22.51 17.92
C GLU A 103 5.93 -22.30 17.46
N ILE A 104 5.14 -23.36 17.49
CA ILE A 104 3.76 -23.31 17.00
C ILE A 104 2.80 -22.94 18.13
N VAL A 105 3.05 -23.50 19.32
CA VAL A 105 2.19 -23.25 20.46
C VAL A 105 3.01 -22.85 21.68
N THR A 106 2.50 -21.86 22.42
CA THR A 106 3.10 -21.46 23.68
C THR A 106 2.04 -21.59 24.77
N ILE A 107 2.17 -22.64 25.58
CA ILE A 107 1.20 -22.91 26.63
C ILE A 107 1.67 -22.27 27.94
N GLU A 108 0.92 -21.28 28.40
CA GLU A 108 1.24 -20.56 29.62
C GLU A 108 0.53 -21.20 30.82
N GLN A 109 -0.60 -21.84 30.54
CA GLN A 109 -1.40 -22.49 31.56
C GLN A 109 -2.19 -23.64 30.95
N PRO A 110 -1.74 -24.88 31.15
CA PRO A 110 -2.51 -26.02 30.64
C PRO A 110 -3.93 -26.05 31.22
N GLY A 111 -4.87 -26.57 30.45
CA GLY A 111 -6.26 -26.57 30.83
C GLY A 111 -7.11 -26.99 29.64
N SER A 112 -8.42 -26.89 29.79
CA SER A 112 -9.33 -27.32 28.73
C SER A 112 -10.63 -26.55 28.78
N ILE A 113 -11.33 -26.53 27.64
CA ILE A 113 -12.60 -25.84 27.51
C ILE A 113 -13.33 -26.34 26.27
N VAL A 114 -14.65 -26.24 26.29
CA VAL A 114 -15.47 -26.57 25.13
C VAL A 114 -16.15 -25.31 24.59
N LEU A 115 -15.88 -25.01 23.32
CA LEU A 115 -16.48 -23.86 22.65
C LEU A 115 -17.44 -24.35 21.57
N GLN A 116 -18.35 -23.49 21.15
CA GLN A 116 -19.27 -23.84 20.07
C GLN A 116 -18.49 -23.99 18.77
N ALA A 117 -18.57 -25.18 18.18
CA ALA A 117 -17.68 -25.58 17.10
C ALA A 117 -17.86 -24.73 15.85
N ARG A 118 -19.09 -24.62 15.36
CA ARG A 118 -19.36 -23.89 14.14
C ARG A 118 -18.92 -22.45 14.26
N PHE A 119 -19.24 -21.83 15.40
CA PHE A 119 -18.87 -20.43 15.65
C PHE A 119 -17.37 -20.26 15.80
N PHE A 120 -16.73 -21.19 16.49
CA PHE A 120 -15.29 -21.12 16.73
C PHE A 120 -14.57 -21.23 15.38
N SER A 121 -15.15 -21.98 14.47
CA SER A 121 -14.61 -22.14 13.13
C SER A 121 -14.71 -20.81 12.36
N GLU A 122 -15.87 -20.16 12.42
CA GLU A 122 -16.06 -18.91 11.70
C GLU A 122 -15.10 -17.83 12.18
N ILE A 123 -14.89 -17.75 13.49
CA ILE A 123 -13.94 -16.77 14.02
C ILE A 123 -12.54 -16.99 13.48
N VAL A 124 -11.99 -18.18 13.74
CA VAL A 124 -10.57 -18.43 13.51
C VAL A 124 -10.19 -18.24 12.05
N LYS A 125 -11.12 -18.50 11.14
CA LYS A 125 -10.85 -18.32 9.72
C LYS A 125 -10.59 -16.86 9.37
N LYS A 126 -11.24 -15.96 10.08
CA LYS A 126 -11.18 -14.53 9.75
C LYS A 126 -10.38 -13.70 10.76
N LEU A 127 -9.54 -14.35 11.56
CA LEU A 127 -8.66 -13.61 12.44
C LEU A 127 -7.59 -12.91 11.60
N PRO A 128 -7.34 -11.62 11.89
CA PRO A 128 -6.45 -10.83 11.03
C PRO A 128 -5.01 -11.32 11.02
N MET A 129 -4.39 -11.43 12.19
CA MET A 129 -2.96 -11.71 12.28
C MET A 129 -2.65 -13.18 12.51
N ALA A 130 -1.37 -13.52 12.37
CA ALA A 130 -0.92 -14.90 12.40
C ALA A 130 -1.00 -15.49 13.81
N THR A 131 -0.58 -14.70 14.79
CA THR A 131 -0.56 -15.13 16.18
C THR A 131 -1.96 -15.04 16.79
N VAL A 132 -2.38 -16.12 17.45
CA VAL A 132 -3.69 -16.16 18.10
C VAL A 132 -3.56 -16.52 19.58
N GLU A 133 -4.05 -15.63 20.44
CA GLU A 133 -4.05 -15.86 21.88
C GLU A 133 -5.42 -16.34 22.34
N ILE A 134 -5.43 -17.46 23.04
CA ILE A 134 -6.65 -17.99 23.62
C ILE A 134 -6.50 -18.09 25.13
N GLU A 135 -7.44 -17.48 25.84
CA GLU A 135 -7.37 -17.38 27.30
C GLU A 135 -8.75 -17.61 27.91
N VAL A 136 -8.87 -18.68 28.69
CA VAL A 136 -10.12 -18.99 29.38
C VAL A 136 -10.08 -18.41 30.77
N GLN A 137 -10.98 -17.46 31.04
CA GLN A 137 -11.02 -16.81 32.33
C GLN A 137 -11.74 -17.72 33.34
N ASN A 138 -11.80 -17.27 34.57
CA ASN A 138 -12.25 -18.11 35.68
C ASN A 138 -13.77 -18.38 35.71
N GLN A 139 -14.49 -17.74 34.81
CA GLN A 139 -15.89 -17.97 34.70
C GLN A 139 -16.22 -18.66 33.39
N TYR A 140 -15.20 -19.28 32.80
CA TYR A 140 -15.29 -20.06 31.56
C TYR A 140 -15.53 -19.20 30.32
N LEU A 141 -15.55 -17.89 30.48
CA LEU A 141 -15.57 -16.98 29.33
C LEU A 141 -14.21 -17.06 28.64
N THR A 142 -14.23 -17.40 27.35
CA THR A 142 -12.99 -17.63 26.61
C THR A 142 -12.69 -16.46 25.67
N ILE A 143 -11.51 -15.88 25.84
CA ILE A 143 -11.09 -14.73 25.05
C ILE A 143 -10.17 -15.17 23.91
N ILE A 144 -10.48 -14.68 22.70
CA ILE A 144 -9.67 -14.98 21.52
C ILE A 144 -9.17 -13.68 20.91
N ARG A 145 -7.85 -13.50 20.92
CA ARG A 145 -7.24 -12.26 20.44
C ARG A 145 -6.29 -12.51 19.28
N SER A 146 -6.48 -11.72 18.23
CA SER A 146 -5.57 -11.71 17.08
C SER A 146 -5.51 -10.28 16.55
N GLY A 147 -4.32 -9.71 16.53
CA GLY A 147 -4.14 -8.33 16.12
C GLY A 147 -4.88 -7.40 17.05
N LYS A 148 -5.90 -6.73 16.51
CA LYS A 148 -6.71 -5.79 17.28
C LYS A 148 -8.13 -6.32 17.50
N ALA A 149 -8.39 -7.54 17.04
CA ALA A 149 -9.70 -8.16 17.16
C ALA A 149 -9.77 -9.05 18.38
N GLU A 150 -10.80 -8.85 19.22
CA GLU A 150 -10.97 -9.64 20.43
C GLU A 150 -12.37 -10.24 20.50
N PHE A 151 -12.44 -11.56 20.44
CA PHE A 151 -13.69 -12.28 20.60
C PHE A 151 -13.81 -12.86 22.00
N ASN A 152 -15.03 -12.91 22.51
CA ASN A 152 -15.33 -13.55 23.79
C ASN A 152 -16.30 -14.69 23.59
N LEU A 153 -15.99 -15.86 24.16
CA LEU A 153 -16.86 -17.01 24.02
C LEU A 153 -17.29 -17.65 25.33
N ASN A 154 -18.56 -18.02 25.37
CA ASN A 154 -19.12 -18.77 26.47
C ASN A 154 -18.59 -20.20 26.43
N GLY A 155 -17.81 -20.56 27.44
CA GLY A 155 -17.19 -21.87 27.50
C GLY A 155 -18.01 -22.87 28.30
N LEU A 156 -17.83 -24.15 27.97
CA LEU A 156 -18.44 -25.24 28.70
C LEU A 156 -17.35 -26.12 29.31
N ASP A 157 -17.60 -26.68 30.49
CA ASP A 157 -16.61 -27.50 31.16
C ASP A 157 -16.26 -28.72 30.33
N ALA A 158 -14.97 -28.89 30.04
CA ALA A 158 -14.48 -29.95 29.18
C ALA A 158 -14.80 -31.35 29.71
N ASP A 159 -14.89 -31.49 31.03
CA ASP A 159 -15.14 -32.79 31.64
C ASP A 159 -16.56 -33.29 31.37
N GLU A 160 -17.43 -32.40 30.88
CA GLU A 160 -18.79 -32.79 30.50
C GLU A 160 -18.81 -33.32 29.07
N TYR A 161 -17.69 -33.18 28.38
CA TYR A 161 -17.59 -33.67 27.00
C TYR A 161 -17.30 -35.17 27.03
N PRO A 162 -17.96 -35.95 26.15
CA PRO A 162 -17.76 -37.40 26.18
C PRO A 162 -16.32 -37.82 25.94
N HIS A 163 -15.93 -38.96 26.51
CA HIS A 163 -14.60 -39.49 26.29
C HIS A 163 -14.52 -40.19 24.93
N LEU A 164 -13.32 -40.23 24.37
CA LEU A 164 -13.10 -40.98 23.15
C LEU A 164 -13.44 -42.45 23.38
N PRO A 165 -13.86 -43.15 22.32
CA PRO A 165 -14.02 -44.60 22.48
C PRO A 165 -12.71 -45.24 22.89
N GLN A 166 -12.74 -46.03 23.96
CA GLN A 166 -11.55 -46.71 24.43
C GLN A 166 -11.25 -47.90 23.53
N ILE A 167 -10.22 -47.77 22.71
CA ILE A 167 -9.84 -48.82 21.78
C ILE A 167 -8.38 -49.19 21.95
N GLU A 168 -8.15 -50.42 22.39
CA GLU A 168 -6.80 -50.96 22.49
C GLU A 168 -6.23 -51.18 21.10
N GLU A 169 -4.99 -50.74 20.88
CA GLU A 169 -4.35 -50.88 19.58
C GLU A 169 -3.65 -52.23 19.43
N HIS A 170 -4.43 -53.28 19.17
CA HIS A 170 -3.87 -54.61 18.91
C HIS A 170 -4.58 -55.23 17.71
N HIS A 171 -3.84 -56.04 16.95
CA HIS A 171 -4.29 -56.57 15.67
C HIS A 171 -4.66 -55.42 14.73
N ALA A 172 -3.77 -54.45 14.63
CA ALA A 172 -3.98 -53.28 13.77
C ALA A 172 -3.56 -53.57 12.33
N ILE A 173 -4.10 -52.80 11.40
CA ILE A 173 -3.81 -52.96 9.97
C ILE A 173 -3.17 -51.68 9.44
N GLN A 174 -2.32 -51.83 8.43
CA GLN A 174 -1.65 -50.68 7.81
C GLN A 174 -1.95 -50.59 6.33
N ILE A 175 -2.46 -49.44 5.91
CA ILE A 175 -2.71 -49.16 4.50
C ILE A 175 -2.08 -47.82 4.12
N PRO A 176 -1.37 -47.77 2.98
CA PRO A 176 -0.89 -46.46 2.52
C PRO A 176 -2.05 -45.49 2.32
N THR A 177 -1.83 -44.21 2.62
CA THR A 177 -2.90 -43.22 2.60
C THR A 177 -3.57 -43.10 1.22
N ASP A 178 -2.76 -42.97 0.18
CA ASP A 178 -3.29 -42.77 -1.17
C ASP A 178 -4.11 -43.97 -1.62
N LEU A 179 -3.63 -45.18 -1.33
CA LEU A 179 -4.38 -46.38 -1.63
C LEU A 179 -5.73 -46.33 -0.91
N LEU A 180 -5.67 -46.10 0.40
CA LEU A 180 -6.88 -46.03 1.23
C LEU A 180 -7.90 -45.05 0.68
N LYS A 181 -7.44 -43.89 0.22
CA LYS A 181 -8.32 -42.89 -0.36
C LYS A 181 -8.89 -43.37 -1.68
N ASN A 182 -8.09 -44.15 -2.42
CA ASN A 182 -8.56 -44.75 -3.66
C ASN A 182 -9.61 -45.82 -3.38
N LEU A 183 -9.38 -46.61 -2.33
N LEU A 183 -9.38 -46.61 -2.33
CA LEU A 183 -10.34 -47.63 -1.91
CA LEU A 183 -10.34 -47.63 -1.92
C LEU A 183 -11.69 -46.99 -1.63
C LEU A 183 -11.69 -47.00 -1.61
N ILE A 184 -11.67 -45.96 -0.80
CA ILE A 184 -12.88 -45.23 -0.45
C ILE A 184 -13.50 -44.69 -1.73
N ARG A 185 -12.78 -43.81 -2.42
CA ARG A 185 -13.27 -43.14 -3.64
C ARG A 185 -13.93 -44.11 -4.62
N GLN A 186 -13.42 -45.28 -4.74
CA GLN A 186 -13.88 -46.28 -5.68
C GLN A 186 -15.05 -47.12 -5.19
N THR A 187 -15.55 -46.79 -3.99
CA THR A 187 -16.62 -47.59 -3.39
C THR A 187 -17.75 -46.80 -2.69
N VAL A 188 -17.43 -45.73 -1.95
CA VAL A 188 -18.46 -45.06 -1.13
C VAL A 188 -19.68 -44.64 -1.93
N PHE A 189 -19.48 -44.17 -3.17
CA PHE A 189 -20.58 -43.60 -3.94
C PHE A 189 -21.72 -44.59 -4.17
N ALA A 190 -21.40 -45.89 -4.13
CA ALA A 190 -22.34 -46.93 -4.51
C ALA A 190 -23.24 -47.37 -3.34
N VAL A 191 -23.02 -46.82 -2.16
CA VAL A 191 -23.83 -47.21 -0.99
C VAL A 191 -25.25 -46.67 -1.12
N SER A 192 -26.18 -47.32 -0.44
CA SER A 192 -27.58 -46.88 -0.44
C SER A 192 -27.75 -45.62 0.39
N THR A 193 -28.62 -44.74 -0.06
CA THR A 193 -28.93 -43.50 0.67
C THR A 193 -30.24 -43.65 1.44
N SER A 194 -30.92 -44.78 1.24
CA SER A 194 -32.19 -45.05 1.91
C SER A 194 -31.97 -45.53 3.33
N GLU A 195 -32.86 -45.10 4.22
CA GLU A 195 -32.80 -45.52 5.62
C GLU A 195 -33.53 -46.85 5.85
N THR A 196 -34.03 -47.42 4.76
CA THR A 196 -34.77 -48.69 4.84
C THR A 196 -33.86 -49.82 5.32
N ARG A 197 -32.67 -49.92 4.68
CA ARG A 197 -31.70 -50.92 5.10
C ARG A 197 -30.45 -50.16 5.51
N PRO A 198 -30.32 -49.89 6.83
CA PRO A 198 -29.16 -49.19 7.38
C PRO A 198 -27.82 -49.81 6.98
N ILE A 199 -27.76 -51.13 6.90
CA ILE A 199 -26.50 -51.83 6.66
C ILE A 199 -25.95 -51.54 5.26
N LEU A 200 -26.84 -51.26 4.31
CA LEU A 200 -26.42 -51.01 2.93
C LEU A 200 -25.97 -49.56 2.71
N THR A 201 -26.04 -48.73 3.75
CA THR A 201 -25.54 -47.37 3.67
C THR A 201 -24.04 -47.33 3.99
N GLY A 202 -23.49 -48.48 4.35
CA GLY A 202 -22.09 -48.59 4.70
C GLY A 202 -21.32 -49.46 3.72
N VAL A 203 -19.99 -49.36 3.78
CA VAL A 203 -19.12 -50.16 2.93
C VAL A 203 -18.66 -51.40 3.69
N ASN A 204 -18.87 -52.57 3.09
CA ASN A 204 -18.43 -53.82 3.69
C ASN A 204 -16.94 -54.04 3.55
N TRP A 205 -16.23 -54.05 4.68
CA TRP A 205 -14.80 -54.34 4.69
C TRP A 205 -14.56 -55.77 5.16
N LYS A 206 -14.10 -56.62 4.24
CA LYS A 206 -13.80 -58.00 4.56
C LYS A 206 -12.31 -58.28 4.39
N VAL A 207 -11.69 -58.82 5.44
CA VAL A 207 -10.28 -59.19 5.40
C VAL A 207 -10.13 -60.71 5.52
N GLU A 208 -9.36 -61.29 4.62
CA GLU A 208 -9.08 -62.72 4.64
C GLU A 208 -7.81 -63.02 3.85
N GLN A 209 -6.91 -63.77 4.46
CA GLN A 209 -5.64 -64.14 3.83
C GLN A 209 -4.85 -62.90 3.41
N SER A 210 -4.79 -61.91 4.31
CA SER A 210 -4.00 -60.71 4.11
C SER A 210 -4.40 -59.93 2.85
N GLU A 211 -5.70 -59.89 2.58
CA GLU A 211 -6.23 -59.14 1.45
C GLU A 211 -7.56 -58.50 1.81
N LEU A 212 -7.65 -57.19 1.61
CA LEU A 212 -8.86 -56.44 1.93
C LEU A 212 -9.81 -56.41 0.75
N LEU A 213 -11.09 -56.70 1.01
CA LEU A 213 -12.12 -56.65 -0.01
C LEU A 213 -13.22 -55.68 0.40
N CYS A 214 -13.23 -54.51 -0.24
CA CYS A 214 -14.23 -53.49 0.03
C CYS A 214 -15.42 -53.64 -0.90
N THR A 215 -16.61 -53.82 -0.33
CA THR A 215 -17.83 -53.97 -1.09
C THR A 215 -18.86 -52.93 -0.69
N ALA A 216 -19.36 -52.22 -1.69
CA ALA A 216 -20.39 -51.24 -1.48
C ALA A 216 -21.49 -51.40 -2.51
N THR A 217 -22.72 -51.39 -2.04
CA THR A 217 -23.81 -51.46 -2.96
C THR A 217 -25.10 -50.89 -2.48
N ASP A 218 -25.70 -50.15 -3.39
CA ASP A 218 -27.15 -49.87 -3.36
C ASP A 218 -27.81 -51.09 -4.14
N SER A 219 -29.13 -51.24 -4.15
CA SER A 219 -29.75 -52.39 -4.78
C SER A 219 -29.60 -52.39 -6.30
N HIS A 220 -29.28 -51.24 -6.88
CA HIS A 220 -29.25 -51.11 -8.33
C HIS A 220 -27.88 -51.36 -8.94
N ARG A 221 -26.83 -51.06 -8.18
CA ARG A 221 -25.46 -51.27 -8.62
C ARG A 221 -24.52 -51.66 -7.49
N LEU A 222 -23.36 -52.17 -7.83
CA LEU A 222 -22.40 -52.61 -6.84
C LEU A 222 -20.99 -52.15 -7.19
N ALA A 223 -20.23 -51.79 -6.15
CA ALA A 223 -18.82 -51.43 -6.30
C ALA A 223 -17.95 -52.36 -5.48
N LEU A 224 -16.95 -52.94 -6.14
CA LEU A 224 -16.00 -53.83 -5.47
C LEU A 224 -14.59 -53.30 -5.61
N ARG A 225 -13.81 -53.44 -4.54
CA ARG A 225 -12.41 -53.06 -4.60
C ARG A 225 -11.61 -54.06 -3.75
N LYS A 226 -10.53 -54.57 -4.27
CA LYS A 226 -9.66 -55.49 -3.55
C LYS A 226 -8.26 -54.91 -3.39
N ALA A 227 -7.65 -55.14 -2.22
CA ALA A 227 -6.33 -54.62 -1.92
C ALA A 227 -5.50 -55.61 -1.11
N LYS A 228 -4.22 -55.75 -1.49
CA LYS A 228 -3.30 -56.63 -0.78
C LYS A 228 -2.57 -55.86 0.31
N LEU A 229 -2.56 -56.41 1.51
CA LEU A 229 -1.98 -55.75 2.68
C LEU A 229 -0.92 -56.63 3.34
N ASP A 230 0.05 -55.99 3.98
CA ASP A 230 1.15 -56.70 4.63
C ASP A 230 0.73 -57.13 6.04
N ILE A 231 -0.26 -58.02 6.10
CA ILE A 231 -0.87 -58.44 7.36
C ILE A 231 -0.73 -59.96 7.50
N PRO A 232 -0.62 -60.48 8.75
CA PRO A 232 -0.61 -61.94 8.88
C PRO A 232 -1.88 -62.57 8.32
N GLU A 233 -1.70 -63.64 7.54
CA GLU A 233 -2.80 -64.32 6.85
C GLU A 233 -3.87 -64.86 7.79
N ASP A 234 -3.55 -64.94 9.07
CA ASP A 234 -4.46 -65.54 10.06
C ASP A 234 -5.65 -64.64 10.37
N ARG A 235 -5.40 -63.34 10.48
CA ARG A 235 -6.45 -62.39 10.85
C ARG A 235 -7.63 -62.32 9.89
N SER A 236 -8.86 -62.21 10.49
CA SER A 236 -10.07 -62.15 9.69
C SER A 236 -10.99 -61.05 10.20
N TYR A 237 -11.51 -60.25 9.28
CA TYR A 237 -12.44 -59.18 9.62
C TYR A 237 -13.63 -59.16 8.67
N ASN A 238 -14.79 -58.80 9.20
CA ASN A 238 -15.97 -58.54 8.38
C ASN A 238 -16.82 -57.49 9.07
N VAL A 239 -16.64 -56.23 8.66
CA VAL A 239 -17.34 -55.11 9.26
C VAL A 239 -17.97 -54.23 8.19
N VAL A 240 -18.88 -53.37 8.62
CA VAL A 240 -19.56 -52.44 7.73
C VAL A 240 -19.39 -51.02 8.25
N ILE A 241 -18.61 -50.23 7.51
CA ILE A 241 -18.32 -48.86 7.91
C ILE A 241 -19.25 -47.89 7.17
N PRO A 242 -19.91 -46.97 7.90
CA PRO A 242 -20.77 -45.98 7.24
C PRO A 242 -20.03 -45.20 6.16
N GLY A 243 -20.66 -45.08 4.99
CA GLY A 243 -20.03 -44.41 3.86
C GLY A 243 -19.64 -42.97 4.14
N LYS A 244 -20.48 -42.26 4.89
CA LYS A 244 -20.22 -40.87 5.22
C LYS A 244 -18.93 -40.72 6.03
N SER A 245 -18.69 -41.69 6.91
CA SER A 245 -17.50 -41.68 7.75
C SER A 245 -16.23 -41.77 6.90
N LEU A 246 -16.24 -42.67 5.92
CA LEU A 246 -15.11 -42.87 5.04
C LEU A 246 -14.86 -41.64 4.17
N THR A 247 -15.94 -40.98 3.75
CA THR A 247 -15.83 -39.78 2.93
C THR A 247 -15.18 -38.64 3.70
N GLU A 248 -15.60 -38.46 4.95
CA GLU A 248 -15.04 -37.41 5.80
C GLU A 248 -13.60 -37.72 6.19
N LEU A 249 -13.32 -38.99 6.43
CA LEU A 249 -11.96 -39.44 6.71
C LEU A 249 -11.03 -39.08 5.56
N SER A 250 -11.49 -39.35 4.34
CA SER A 250 -10.72 -39.09 3.13
C SER A 250 -10.37 -37.60 2.99
N LYS A 251 -11.34 -36.75 3.35
CA LYS A 251 -11.15 -35.31 3.28
C LYS A 251 -10.02 -34.83 4.19
N ILE A 252 -9.83 -35.54 5.30
CA ILE A 252 -8.85 -35.15 6.31
C ILE A 252 -7.46 -35.68 5.99
N LEU A 253 -7.39 -36.86 5.37
CA LEU A 253 -6.12 -37.47 5.04
C LEU A 253 -5.40 -36.69 3.94
N ASP A 254 -4.09 -36.49 4.14
CA ASP A 254 -3.26 -35.86 3.12
C ASP A 254 -3.02 -36.83 1.98
N ASP A 255 -2.44 -36.33 0.90
CA ASP A 255 -2.08 -37.16 -0.25
C ASP A 255 -0.62 -37.56 -0.19
N ASN A 256 -0.34 -38.70 0.42
CA ASN A 256 1.02 -39.23 0.49
C ASN A 256 1.00 -40.76 0.55
N GLN A 257 2.19 -41.34 0.66
CA GLN A 257 2.35 -42.80 0.62
C GLN A 257 2.53 -43.37 2.02
N GLU A 258 2.67 -42.49 3.01
CA GLU A 258 2.88 -42.92 4.38
C GLU A 258 1.67 -43.69 4.89
N LEU A 259 1.90 -44.54 5.90
CA LEU A 259 0.90 -45.53 6.31
C LEU A 259 -0.13 -44.98 7.30
N VAL A 260 -1.34 -45.44 7.14
CA VAL A 260 -2.41 -45.14 8.05
C VAL A 260 -2.64 -46.41 8.86
N ASP A 261 -2.69 -46.28 10.17
CA ASP A 261 -2.88 -47.39 11.07
C ASP A 261 -4.37 -47.58 11.30
N ILE A 262 -4.82 -48.82 11.17
CA ILE A 262 -6.22 -49.12 11.36
C ILE A 262 -6.51 -50.19 12.41
N VAL A 263 -7.28 -49.85 13.42
CA VAL A 263 -7.67 -50.79 14.46
C VAL A 263 -9.18 -51.06 14.36
N ILE A 264 -9.54 -52.30 14.10
CA ILE A 264 -10.93 -52.70 13.99
C ILE A 264 -11.35 -53.49 15.22
N THR A 265 -12.53 -53.16 15.76
CA THR A 265 -13.08 -53.86 16.91
C THR A 265 -14.48 -54.36 16.58
N GLU A 266 -15.26 -54.67 17.61
CA GLU A 266 -16.59 -55.24 17.41
C GLU A 266 -17.61 -54.18 16.95
N THR A 267 -17.44 -52.95 17.43
CA THR A 267 -18.42 -51.90 17.17
C THR A 267 -17.78 -50.58 16.70
N GLN A 268 -16.46 -50.56 16.63
CA GLN A 268 -15.73 -49.35 16.28
C GLN A 268 -14.57 -49.63 15.33
N VAL A 269 -14.15 -48.58 14.61
CA VAL A 269 -12.92 -48.63 13.83
C VAL A 269 -12.15 -47.33 14.05
N LEU A 270 -10.84 -47.45 14.21
CA LEU A 270 -9.97 -46.31 14.48
C LEU A 270 -8.92 -46.16 13.39
N PHE A 271 -8.93 -45.02 12.72
CA PHE A 271 -7.89 -44.68 11.76
C PHE A 271 -6.90 -43.72 12.38
N LYS A 272 -5.62 -44.06 12.29
CA LYS A 272 -4.55 -43.26 12.86
C LYS A 272 -3.61 -42.75 11.78
N ALA A 273 -3.29 -41.48 11.89
CA ALA A 273 -2.39 -40.77 11.03
C ALA A 273 -1.66 -39.70 11.81
N LYS A 274 -0.84 -38.93 11.12
CA LYS A 274 -0.05 -37.93 11.77
C LYS A 274 -0.94 -36.93 12.44
N ASN A 275 -0.84 -36.88 13.75
CA ASN A 275 -1.58 -35.97 14.61
C ASN A 275 -3.08 -36.09 14.47
N VAL A 276 -3.56 -37.21 13.97
CA VAL A 276 -4.99 -37.36 13.78
C VAL A 276 -5.52 -38.72 14.27
N LEU A 277 -6.58 -38.68 15.05
CA LEU A 277 -7.35 -39.85 15.44
C LEU A 277 -8.75 -39.74 14.86
N PHE A 278 -9.19 -40.76 14.14
CA PHE A 278 -10.51 -40.76 13.53
C PHE A 278 -11.27 -42.02 13.91
N PHE A 279 -12.38 -41.84 14.64
CA PHE A 279 -13.21 -42.95 15.07
C PHE A 279 -14.48 -43.00 14.26
N SER A 280 -14.92 -44.22 13.94
CA SER A 280 -16.21 -44.43 13.31
C SER A 280 -16.90 -45.64 13.92
N ARG A 281 -18.19 -45.48 14.23
CA ARG A 281 -19.01 -46.57 14.70
C ARG A 281 -19.39 -47.49 13.55
N LEU A 282 -19.18 -48.79 13.75
CA LEU A 282 -19.52 -49.78 12.74
C LEU A 282 -21.01 -50.06 12.73
N LEU A 283 -21.56 -50.29 11.55
CA LEU A 283 -22.99 -50.59 11.41
C LEU A 283 -23.30 -51.99 11.93
N ASP A 284 -24.23 -52.10 12.86
CA ASP A 284 -24.64 -53.41 13.38
C ASP A 284 -25.34 -54.22 12.30
N GLY A 285 -25.07 -55.51 12.27
CA GLY A 285 -25.77 -56.44 11.39
C GLY A 285 -24.84 -57.21 10.47
N ASN A 286 -25.43 -58.03 9.61
CA ASN A 286 -24.67 -58.83 8.66
C ASN A 286 -24.89 -58.36 7.22
N TYR A 287 -23.80 -58.03 6.57
CA TYR A 287 -23.83 -57.60 5.16
C TYR A 287 -24.13 -58.81 4.27
N PRO A 288 -24.98 -58.63 3.24
CA PRO A 288 -25.28 -59.76 2.37
C PRO A 288 -24.11 -60.20 1.51
N ASP A 289 -24.08 -61.48 1.15
CA ASP A 289 -23.08 -62.00 0.23
C ASP A 289 -23.43 -61.56 -1.19
N THR A 290 -22.40 -61.24 -1.97
CA THR A 290 -22.58 -60.77 -3.33
C THR A 290 -21.59 -61.40 -4.29
N THR A 291 -20.70 -62.25 -3.76
CA THR A 291 -19.70 -62.92 -4.58
C THR A 291 -20.37 -63.85 -5.60
N SER A 292 -21.49 -64.43 -5.20
CA SER A 292 -22.28 -65.27 -6.10
C SER A 292 -22.96 -64.41 -7.15
N LEU A 293 -23.34 -63.20 -6.76
CA LEU A 293 -24.10 -62.30 -7.62
C LEU A 293 -23.28 -61.77 -8.80
N ILE A 294 -21.96 -61.77 -8.65
CA ILE A 294 -21.09 -61.26 -9.71
C ILE A 294 -20.90 -62.29 -10.81
N PRO A 295 -21.25 -61.94 -12.07
CA PRO A 295 -21.03 -62.87 -13.18
C PRO A 295 -19.55 -63.20 -13.39
N GLN A 296 -19.27 -64.44 -13.79
CA GLN A 296 -17.90 -64.89 -13.99
C GLN A 296 -17.58 -65.09 -15.48
N ASP A 297 -18.63 -65.17 -16.30
CA ASP A 297 -18.47 -65.35 -17.73
C ASP A 297 -19.32 -64.34 -18.50
N SER A 298 -18.75 -63.79 -19.57
CA SER A 298 -19.41 -62.76 -20.36
C SER A 298 -19.50 -63.14 -21.84
N LYS A 299 -20.67 -62.91 -22.43
CA LYS A 299 -20.87 -63.19 -23.84
C LYS A 299 -20.20 -62.13 -24.70
N THR A 300 -20.35 -60.87 -24.31
CA THR A 300 -19.81 -59.74 -25.08
C THR A 300 -18.85 -58.90 -24.24
N GLU A 301 -17.72 -58.55 -24.83
CA GLU A 301 -16.72 -57.69 -24.18
C GLU A 301 -16.36 -56.51 -25.08
N ILE A 302 -16.45 -55.31 -24.52
CA ILE A 302 -16.12 -54.09 -25.26
C ILE A 302 -14.92 -53.40 -24.61
N ILE A 303 -13.99 -52.96 -25.46
CA ILE A 303 -12.88 -52.13 -25.01
C ILE A 303 -12.93 -50.79 -25.74
N VAL A 304 -12.86 -49.71 -24.97
CA VAL A 304 -13.01 -48.37 -25.54
C VAL A 304 -12.36 -47.33 -24.63
N ASN A 305 -11.95 -46.22 -25.24
CA ASN A 305 -11.39 -45.10 -24.50
C ASN A 305 -12.34 -44.59 -23.42
N THR A 306 -11.80 -44.35 -22.22
CA THR A 306 -12.60 -43.96 -21.07
C THR A 306 -13.32 -42.63 -21.29
N LYS A 307 -12.58 -41.62 -21.75
CA LYS A 307 -13.12 -40.28 -21.89
C LYS A 307 -14.18 -40.20 -22.98
N GLU A 308 -13.85 -40.69 -24.17
CA GLU A 308 -14.76 -40.65 -25.31
C GLU A 308 -16.07 -41.36 -24.98
N PHE A 309 -15.96 -42.50 -24.32
CA PHE A 309 -17.15 -43.26 -23.90
C PHE A 309 -17.90 -42.49 -22.83
N LEU A 310 -17.15 -41.90 -21.90
CA LEU A 310 -17.72 -41.13 -20.80
C LEU A 310 -18.52 -39.94 -21.31
N GLN A 311 -17.91 -39.18 -22.22
CA GLN A 311 -18.52 -37.96 -22.74
C GLN A 311 -19.81 -38.27 -23.52
N ALA A 312 -19.83 -39.42 -24.19
CA ALA A 312 -20.98 -39.82 -24.98
C ALA A 312 -22.18 -40.17 -24.10
N ILE A 313 -21.90 -40.86 -23.00
CA ILE A 313 -22.95 -41.22 -22.04
C ILE A 313 -23.51 -39.97 -21.39
N ASP A 314 -22.62 -39.01 -21.11
CA ASP A 314 -23.02 -37.76 -20.48
C ASP A 314 -23.92 -36.94 -21.41
N ARG A 315 -23.64 -36.95 -22.69
CA ARG A 315 -24.43 -36.26 -23.69
C ARG A 315 -25.84 -36.84 -23.80
N ALA A 316 -25.92 -38.19 -23.72
CA ALA A 316 -27.19 -38.86 -23.83
C ALA A 316 -28.03 -38.66 -22.57
N SER A 317 -27.39 -38.16 -21.52
CA SER A 317 -28.05 -37.93 -20.24
C SER A 317 -28.72 -36.56 -20.19
N LEU A 318 -28.44 -35.72 -21.18
CA LEU A 318 -29.01 -34.37 -21.21
C LEU A 318 -30.53 -34.42 -21.38
N LEU A 319 -31.02 -35.50 -21.99
CA LEU A 319 -32.45 -35.69 -22.20
C LEU A 319 -33.07 -36.51 -21.07
N ALA A 320 -32.64 -36.24 -19.84
CA ALA A 320 -33.16 -36.95 -18.68
C ALA A 320 -34.51 -36.39 -18.23
N ARG A 321 -34.97 -35.35 -18.92
CA ARG A 321 -36.24 -34.68 -18.61
C ARG A 321 -36.39 -34.40 -17.12
N ASN A 326 -32.42 -40.32 -17.81
CA ASN A 326 -33.30 -41.30 -17.17
C ASN A 326 -32.93 -42.72 -17.59
N VAL A 327 -32.88 -42.94 -18.89
CA VAL A 327 -32.52 -44.25 -19.44
C VAL A 327 -31.75 -44.07 -20.75
N VAL A 328 -30.54 -44.61 -20.80
CA VAL A 328 -29.72 -44.61 -22.00
C VAL A 328 -29.65 -46.02 -22.57
N LYS A 329 -29.65 -46.11 -23.89
CA LYS A 329 -29.55 -47.39 -24.60
C LYS A 329 -28.18 -47.52 -25.27
N LEU A 330 -27.61 -48.71 -25.23
CA LEU A 330 -26.32 -48.99 -25.85
C LEU A 330 -26.45 -50.16 -26.83
N SER A 331 -25.89 -49.98 -28.03
CA SER A 331 -25.92 -51.01 -29.06
C SER A 331 -24.55 -51.16 -29.70
N ALA A 332 -24.08 -52.40 -29.82
CA ALA A 332 -22.76 -52.66 -30.39
C ALA A 332 -22.70 -54.00 -31.11
N LYS A 333 -21.97 -54.02 -32.22
CA LYS A 333 -21.69 -55.26 -32.95
C LYS A 333 -20.18 -55.30 -33.27
N PRO A 334 -19.59 -56.50 -33.29
CA PRO A 334 -18.16 -56.65 -33.61
C PRO A 334 -17.71 -55.93 -34.88
N ALA A 335 -16.49 -55.40 -34.85
CA ALA A 335 -15.91 -54.67 -35.98
C ALA A 335 -16.80 -53.51 -36.44
N GLU A 336 -17.71 -53.08 -35.57
CA GLU A 336 -18.61 -51.99 -35.88
C GLU A 336 -18.61 -50.97 -34.74
N SER A 337 -19.03 -49.75 -35.06
CA SER A 337 -19.11 -48.69 -34.07
C SER A 337 -20.10 -49.02 -32.96
N ILE A 338 -20.02 -48.23 -31.89
CA ILE A 338 -20.97 -48.32 -30.79
C ILE A 338 -21.96 -47.18 -30.95
N GLU A 339 -23.24 -47.45 -30.68
CA GLU A 339 -24.27 -46.42 -30.75
C GLU A 339 -24.98 -46.25 -29.41
N ILE A 340 -24.66 -45.17 -28.71
CA ILE A 340 -25.41 -44.78 -27.53
C ILE A 340 -26.52 -43.84 -27.95
N SER A 341 -27.70 -44.08 -27.41
CA SER A 341 -28.87 -43.29 -27.75
C SER A 341 -29.84 -43.25 -26.59
N SER A 342 -30.67 -42.21 -26.58
CA SER A 342 -31.76 -42.09 -25.64
C SER A 342 -32.77 -41.14 -26.26
N ASN A 343 -34.03 -41.27 -25.88
CA ASN A 343 -35.05 -40.38 -26.41
C ASN A 343 -35.99 -40.05 -25.26
N SER A 344 -36.50 -38.82 -25.29
CA SER A 344 -37.46 -38.35 -24.30
C SER A 344 -38.70 -38.03 -25.13
N PRO A 345 -39.87 -38.52 -24.71
CA PRO A 345 -41.10 -38.20 -25.47
C PRO A 345 -41.55 -36.76 -25.64
N GLU A 346 -41.59 -36.30 -26.89
CA GLU A 346 -42.04 -34.94 -27.26
C GLU A 346 -40.98 -33.86 -26.90
N ILE A 347 -39.89 -34.28 -26.25
CA ILE A 347 -38.77 -33.38 -25.96
C ILE A 347 -37.58 -33.53 -26.90
N GLY A 348 -37.31 -34.76 -27.34
CA GLY A 348 -36.27 -35.01 -28.33
C GLY A 348 -35.62 -36.37 -28.21
N LYS A 349 -34.63 -36.59 -29.07
CA LYS A 349 -33.84 -37.82 -29.07
C LYS A 349 -32.40 -37.48 -29.40
N VAL A 350 -31.48 -38.39 -29.07
CA VAL A 350 -30.06 -38.16 -29.31
C VAL A 350 -29.37 -39.46 -29.72
N VAL A 351 -28.41 -39.33 -30.62
CA VAL A 351 -27.64 -40.46 -31.11
C VAL A 351 -26.17 -40.07 -31.24
N GLU A 352 -25.29 -40.89 -30.68
CA GLU A 352 -23.85 -40.64 -30.79
C GLU A 352 -23.12 -41.95 -31.02
N ALA A 353 -22.11 -41.91 -31.89
CA ALA A 353 -21.34 -43.10 -32.25
C ALA A 353 -19.88 -42.96 -31.86
N ILE A 354 -19.32 -44.00 -31.25
CA ILE A 354 -17.92 -44.04 -30.86
C ILE A 354 -17.20 -45.16 -31.58
N VAL A 355 -15.97 -44.88 -32.01
CA VAL A 355 -15.11 -45.91 -32.57
C VAL A 355 -14.51 -46.74 -31.43
N ALA A 356 -15.00 -47.96 -31.28
CA ALA A 356 -14.52 -48.86 -30.23
C ALA A 356 -13.05 -49.18 -30.41
N ASP A 357 -12.46 -49.81 -29.40
CA ASP A 357 -11.05 -50.20 -29.43
C ASP A 357 -10.94 -51.69 -29.73
N GLN A 358 -12.02 -52.42 -29.46
CA GLN A 358 -12.11 -53.86 -29.68
C GLN A 358 -13.50 -54.33 -29.25
N ILE A 359 -14.07 -55.23 -30.04
CA ILE A 359 -15.39 -55.79 -29.74
C ILE A 359 -15.46 -57.26 -30.10
N GLU A 360 -15.92 -58.07 -29.16
CA GLU A 360 -16.04 -59.51 -29.36
C GLU A 360 -17.29 -60.02 -28.65
N GLY A 361 -18.00 -60.94 -29.32
CA GLY A 361 -19.18 -61.56 -28.73
C GLY A 361 -20.48 -61.25 -29.47
N GLU A 362 -21.58 -61.55 -28.81
CA GLU A 362 -22.92 -61.37 -29.38
C GLU A 362 -23.26 -59.90 -29.59
N GLU A 363 -24.04 -59.63 -30.62
CA GLU A 363 -24.60 -58.30 -30.82
C GLU A 363 -25.66 -58.06 -29.74
N LEU A 364 -25.68 -56.86 -29.18
CA LEU A 364 -26.57 -56.56 -28.08
C LEU A 364 -27.16 -55.16 -28.13
N ASN A 365 -28.36 -55.03 -27.56
CA ASN A 365 -29.04 -53.76 -27.38
C ASN A 365 -29.52 -53.64 -25.94
N ILE A 366 -28.75 -52.94 -25.11
CA ILE A 366 -29.02 -52.89 -23.68
C ILE A 366 -29.30 -51.47 -23.20
N SER A 367 -30.23 -51.36 -22.27
CA SER A 367 -30.59 -50.08 -21.66
C SER A 367 -30.17 -50.06 -20.19
N PHE A 368 -29.67 -48.92 -19.74
CA PHE A 368 -29.21 -48.76 -18.37
C PHE A 368 -29.34 -47.31 -17.91
N SER A 369 -29.25 -47.09 -16.60
CA SER A 369 -29.28 -45.74 -16.04
C SER A 369 -27.92 -45.09 -16.25
N PRO A 370 -27.90 -43.88 -16.85
CA PRO A 370 -26.60 -43.28 -17.16
C PRO A 370 -25.89 -42.76 -15.92
N LYS A 371 -26.62 -42.44 -14.86
CA LYS A 371 -26.00 -41.96 -13.63
C LYS A 371 -25.07 -43.02 -13.06
N TYR A 372 -25.59 -44.24 -12.93
CA TYR A 372 -24.82 -45.38 -12.43
C TYR A 372 -23.59 -45.61 -13.30
N MET A 373 -23.81 -45.65 -14.61
CA MET A 373 -22.72 -45.78 -15.59
C MET A 373 -21.69 -44.70 -15.37
N LEU A 374 -22.15 -43.46 -15.20
CA LEU A 374 -21.26 -42.32 -15.01
C LEU A 374 -20.49 -42.42 -13.70
N ASP A 375 -21.20 -42.71 -12.61
CA ASP A 375 -20.58 -42.85 -11.29
C ASP A 375 -19.43 -43.85 -11.34
N ALA A 376 -19.63 -44.95 -12.06
CA ALA A 376 -18.62 -45.99 -12.19
C ALA A 376 -17.42 -45.48 -12.99
N LEU A 377 -17.70 -44.73 -14.06
CA LEU A 377 -16.66 -44.32 -15.00
C LEU A 377 -15.75 -43.22 -14.44
N LYS A 378 -16.35 -42.27 -13.73
CA LYS A 378 -15.60 -41.17 -13.14
C LYS A 378 -14.50 -41.66 -12.18
N VAL A 379 -14.64 -42.91 -11.76
CA VAL A 379 -13.84 -43.47 -10.68
C VAL A 379 -12.68 -44.33 -11.20
N LEU A 380 -12.77 -44.75 -12.46
CA LEU A 380 -11.72 -45.55 -13.08
C LEU A 380 -10.61 -44.67 -13.65
N GLU A 381 -9.36 -45.09 -13.46
CA GLU A 381 -8.20 -44.26 -13.77
C GLU A 381 -7.61 -44.53 -15.15
N GLY A 382 -7.91 -45.70 -15.73
CA GLY A 382 -7.31 -46.09 -16.99
C GLY A 382 -7.78 -45.26 -18.18
N ALA A 383 -6.97 -45.24 -19.22
CA ALA A 383 -7.31 -44.52 -20.45
C ALA A 383 -8.41 -45.25 -21.20
N GLU A 384 -8.44 -46.58 -21.05
CA GLU A 384 -9.46 -47.42 -21.67
C GLU A 384 -10.11 -48.30 -20.61
N ILE A 385 -11.32 -48.75 -20.89
CA ILE A 385 -12.08 -49.60 -19.97
C ILE A 385 -12.52 -50.89 -20.65
N ARG A 386 -12.92 -51.86 -19.85
CA ARG A 386 -13.49 -53.11 -20.35
C ARG A 386 -14.90 -53.30 -19.79
N VAL A 387 -15.87 -53.46 -20.68
CA VAL A 387 -17.26 -53.66 -20.27
C VAL A 387 -17.74 -55.04 -20.71
N SER A 388 -18.23 -55.82 -19.76
CA SER A 388 -18.68 -57.16 -20.02
C SER A 388 -20.15 -57.37 -19.74
N PHE A 389 -20.88 -57.87 -20.73
CA PHE A 389 -22.29 -58.10 -20.58
C PHE A 389 -22.65 -59.52 -20.89
N THR A 390 -23.80 -59.93 -20.39
CA THR A 390 -24.36 -61.23 -20.68
C THR A 390 -25.82 -60.99 -21.01
N GLY A 391 -26.06 -60.40 -22.16
CA GLY A 391 -27.41 -60.10 -22.64
C GLY A 391 -27.91 -58.80 -22.06
N ALA A 392 -29.15 -58.46 -22.40
CA ALA A 392 -29.75 -57.19 -21.98
C ALA A 392 -30.54 -57.34 -20.69
N MET A 393 -30.64 -58.56 -20.17
CA MET A 393 -31.49 -58.86 -19.02
C MET A 393 -30.68 -59.24 -17.78
N ARG A 394 -29.37 -59.09 -17.84
CA ARG A 394 -28.49 -59.47 -16.73
C ARG A 394 -27.44 -58.39 -16.46
N PRO A 395 -26.81 -58.45 -15.28
CA PRO A 395 -25.82 -57.43 -14.91
C PRO A 395 -24.62 -57.39 -15.86
N PHE A 396 -24.00 -56.22 -16.00
CA PHE A 396 -22.80 -56.07 -16.80
C PHE A 396 -21.72 -55.38 -15.98
N LEU A 397 -20.46 -55.75 -16.22
CA LEU A 397 -19.34 -55.26 -15.43
C LEU A 397 -18.57 -54.17 -16.16
N ILE A 398 -17.91 -53.31 -15.38
CA ILE A 398 -17.03 -52.29 -15.92
C ILE A 398 -15.69 -52.36 -15.18
N ARG A 399 -14.61 -52.53 -15.94
CA ARG A 399 -13.29 -52.72 -15.34
C ARG A 399 -12.20 -52.04 -16.15
N THR A 400 -11.00 -52.12 -15.60
CA THR A 400 -9.79 -51.74 -16.31
C THR A 400 -9.36 -52.98 -17.09
N PRO A 401 -8.64 -52.78 -18.18
CA PRO A 401 -8.28 -53.92 -19.02
C PRO A 401 -7.45 -55.03 -18.38
N ASN A 402 -6.40 -54.64 -17.67
CA ASN A 402 -5.48 -55.63 -17.10
C ASN A 402 -5.39 -55.59 -15.57
N ASP A 403 -6.39 -54.97 -14.93
CA ASP A 403 -6.44 -54.93 -13.46
C ASP A 403 -7.67 -55.64 -12.94
N GLU A 404 -7.45 -56.66 -12.11
CA GLU A 404 -8.53 -57.42 -11.50
C GLU A 404 -8.94 -56.84 -10.15
N THR A 405 -8.27 -55.77 -9.75
CA THR A 405 -8.49 -55.17 -8.44
C THR A 405 -9.86 -54.51 -8.30
N ILE A 406 -10.29 -53.81 -9.35
CA ILE A 406 -11.52 -53.03 -9.30
C ILE A 406 -12.60 -53.63 -10.20
N VAL A 407 -13.82 -53.73 -9.66
CA VAL A 407 -14.97 -54.21 -10.43
C VAL A 407 -16.19 -53.34 -10.14
N GLN A 408 -16.76 -52.79 -11.21
CA GLN A 408 -17.98 -51.98 -11.10
C GLN A 408 -19.14 -52.70 -11.78
N LEU A 409 -20.18 -52.99 -11.00
CA LEU A 409 -21.33 -53.73 -11.47
C LEU A 409 -22.55 -52.83 -11.54
N ILE A 410 -23.31 -52.96 -12.62
CA ILE A 410 -24.57 -52.22 -12.78
C ILE A 410 -25.67 -53.11 -13.32
N LEU A 411 -26.88 -52.94 -12.79
CA LEU A 411 -28.05 -53.63 -13.31
C LEU A 411 -28.66 -52.80 -14.43
N PRO A 412 -29.05 -53.46 -15.53
CA PRO A 412 -29.64 -52.71 -16.65
C PRO A 412 -31.13 -52.47 -16.47
N VAL A 413 -31.74 -51.81 -17.46
CA VAL A 413 -33.17 -51.54 -17.46
C VAL A 413 -33.85 -52.46 -18.46
N ARG A 414 -34.86 -53.21 -18.00
CA ARG A 414 -35.64 -54.03 -18.89
C ARG A 414 -36.60 -53.15 -19.69
N THR A 415 -36.65 -53.39 -20.98
CA THR A 415 -37.51 -52.62 -21.83
C THR A 415 -38.69 -53.44 -22.27
N TYR A 416 -39.87 -52.90 -22.04
CA TYR A 416 -41.09 -53.53 -22.49
C TYR A 416 -41.57 -52.60 -23.59
N VAL A 417 -41.78 -53.14 -24.79
CA VAL A 417 -42.19 -52.38 -25.97
C VAL A 417 -43.21 -51.25 -25.76
N GLU A 421 -47.06 -49.83 -18.91
CA GLU A 421 -46.03 -50.87 -18.87
C GLU A 421 -44.65 -50.25 -19.08
N PRO A 422 -44.20 -49.43 -18.10
CA PRO A 422 -42.95 -48.67 -18.25
C PRO A 422 -41.69 -49.50 -18.30
N GLU A 423 -40.55 -48.82 -18.24
CA GLU A 423 -39.25 -49.47 -18.19
C GLU A 423 -38.99 -49.91 -16.75
N VAL A 424 -38.36 -51.06 -16.57
CA VAL A 424 -38.16 -51.63 -15.24
C VAL A 424 -36.68 -51.80 -14.90
N GLN A 425 -36.38 -51.60 -13.61
CA GLN A 425 -35.04 -51.77 -13.07
C GLN A 425 -35.06 -52.87 -12.00
N GLU A 426 -34.12 -53.81 -12.09
CA GLU A 426 -34.03 -54.90 -11.13
C GLU A 426 -33.19 -54.49 -9.93
N MET A 427 -33.27 -55.28 -8.85
CA MET A 427 -32.52 -55.01 -7.61
C MET A 427 -31.54 -56.15 -7.28
N ILE A 428 -30.33 -55.79 -6.88
CA ILE A 428 -29.31 -56.76 -6.45
C ILE A 428 -29.77 -57.47 -5.19
N VAL A 429 -30.12 -56.67 -4.18
CA VAL A 429 -30.67 -57.17 -2.92
C VAL A 429 -32.14 -56.77 -2.82
N PRO A 430 -33.06 -57.65 -3.26
CA PRO A 430 -34.49 -57.34 -3.26
C PRO A 430 -35.03 -56.90 -1.89
N LEU A 431 -35.98 -55.96 -1.91
CA LEU A 431 -36.64 -55.51 -0.70
C LEU A 431 -37.71 -56.51 -0.30
N THR A 432 -37.78 -56.81 0.99
CA THR A 432 -38.74 -57.77 1.52
C THR A 432 -39.79 -57.07 2.39
N PHE A 433 -41.05 -57.44 2.19
CA PHE A 433 -42.16 -56.85 2.94
C PHE A 433 -43.07 -57.91 3.52
N HIS A 434 -43.34 -57.83 4.82
CA HIS A 434 -44.22 -58.76 5.50
C HIS A 434 -45.63 -58.18 5.63
N TYR A 435 -46.65 -59.01 5.42
CA TYR A 435 -48.04 -58.55 5.46
C TYR A 435 -48.96 -59.50 6.22
N SER A 436 -50.06 -58.93 6.72
CA SER A 436 -51.08 -59.71 7.41
C SER A 436 -51.71 -60.68 6.42
N THR A 437 -52.47 -61.65 6.94
CA THR A 437 -53.07 -62.70 6.12
C THR A 437 -54.19 -62.09 5.28
N ASN A 438 -54.97 -61.19 5.89
CA ASN A 438 -56.04 -60.50 5.17
C ASN A 438 -55.48 -59.70 4.01
N GLU A 439 -54.39 -58.97 4.27
CA GLU A 439 -53.74 -58.17 3.25
C GLU A 439 -52.88 -59.04 2.33
N ALA A 440 -52.38 -60.15 2.85
CA ALA A 440 -51.53 -61.05 2.09
C ALA A 440 -52.31 -61.72 0.97
N LEU A 441 -53.55 -62.11 1.27
CA LEU A 441 -54.42 -62.73 0.29
C LEU A 441 -54.78 -61.75 -0.81
N ILE A 442 -54.97 -60.49 -0.42
CA ILE A 442 -55.35 -59.44 -1.36
C ILE A 442 -54.26 -59.19 -2.41
N ILE A 443 -53.01 -59.25 -1.98
CA ILE A 443 -51.88 -58.98 -2.87
C ILE A 443 -51.89 -59.89 -4.09
N GLU A 444 -52.20 -61.16 -3.89
CA GLU A 444 -52.28 -62.13 -4.98
C GLU A 444 -53.52 -61.90 -5.83
N GLN A 445 -54.59 -61.42 -5.20
CA GLN A 445 -55.85 -61.18 -5.91
C GLN A 445 -55.70 -60.07 -6.93
N HIS A 446 -55.04 -58.99 -6.54
CA HIS A 446 -54.83 -57.84 -7.42
C HIS A 446 -53.41 -57.84 -8.01
N LYS A 447 -52.78 -59.02 -8.02
CA LYS A 447 -51.39 -59.14 -8.46
C LYS A 447 -51.24 -58.80 -9.94
N GLN A 448 -52.26 -59.08 -10.73
CA GLN A 448 -52.21 -58.85 -12.17
C GLN A 448 -52.06 -57.36 -12.48
N GLU A 449 -52.74 -56.52 -11.71
CA GLU A 449 -52.68 -55.08 -11.90
C GLU A 449 -51.34 -54.51 -11.44
N LEU A 450 -50.76 -55.10 -10.41
CA LEU A 450 -49.45 -54.66 -9.90
C LEU A 450 -48.40 -54.73 -10.99
N GLU A 451 -48.37 -55.87 -11.69
CA GLU A 451 -47.45 -56.10 -12.79
C GLU A 451 -47.54 -55.01 -13.86
N SER A 452 -48.76 -54.50 -14.07
CA SER A 452 -49.00 -53.48 -15.07
C SER A 452 -48.47 -52.11 -14.64
N VAL A 453 -48.21 -51.96 -13.36
CA VAL A 453 -47.72 -50.69 -12.82
C VAL A 453 -46.19 -50.75 -12.65
N GLY A 454 -45.65 -51.95 -12.58
CA GLY A 454 -44.22 -52.16 -12.39
C GLY A 454 -43.90 -52.76 -11.04
N VAL A 455 -44.93 -52.97 -10.23
CA VAL A 455 -44.77 -53.53 -8.89
C VAL A 455 -44.64 -55.05 -8.97
N PHE A 456 -43.60 -55.45 -9.69
CA PHE A 456 -43.19 -56.82 -10.00
C PHE A 456 -42.69 -57.67 -8.82
N LEU A 457 -43.59 -58.03 -7.92
CA LEU A 457 -43.22 -58.83 -6.75
C LEU A 457 -42.91 -60.28 -7.10
N GLU A 458 -42.12 -60.94 -6.25
CA GLU A 458 -41.77 -62.32 -6.54
C GLU A 458 -42.72 -63.24 -5.84
N SER A 459 -43.12 -62.90 -4.63
CA SER A 459 -44.06 -63.70 -3.87
C SER A 459 -43.31 -64.91 -3.28
N PHE A 460 -42.06 -64.74 -2.88
CA PHE A 460 -41.20 -65.79 -2.31
C PHE A 460 -41.56 -66.31 -0.93
N GLY A 461 -41.98 -65.41 -0.06
CA GLY A 461 -42.31 -65.78 1.29
C GLY A 461 -43.81 -65.76 1.40
N SER A 462 -44.34 -66.64 2.24
CA SER A 462 -45.77 -66.71 2.43
C SER A 462 -46.05 -65.52 3.31
N ASN A 463 -47.07 -64.77 2.94
CA ASN A 463 -47.51 -63.55 3.61
C ASN A 463 -46.41 -62.50 3.55
N SER A 464 -45.47 -62.68 2.63
CA SER A 464 -44.42 -61.68 2.49
C SER A 464 -43.68 -61.82 1.16
N TYR A 465 -43.92 -60.88 0.26
CA TYR A 465 -43.37 -60.94 -1.09
C TYR A 465 -42.14 -60.04 -1.23
N ILE A 466 -41.18 -60.48 -2.04
CA ILE A 466 -39.98 -59.70 -2.28
C ILE A 466 -40.14 -58.87 -3.54
N VAL A 467 -39.24 -57.90 -3.73
CA VAL A 467 -39.28 -57.01 -4.89
C VAL A 467 -38.10 -57.26 -5.82
N ARG A 468 -38.32 -58.05 -6.86
CA ARG A 468 -37.28 -58.33 -7.85
C ARG A 468 -37.06 -57.12 -8.75
N CYS A 469 -38.16 -56.60 -9.32
CA CYS A 469 -38.10 -55.46 -10.23
C CYS A 469 -39.07 -54.36 -9.82
N HIS A 470 -38.77 -53.13 -10.23
CA HIS A 470 -39.59 -51.97 -9.90
C HIS A 470 -39.48 -50.93 -11.02
N PRO A 471 -40.50 -50.06 -11.15
CA PRO A 471 -40.49 -49.06 -12.22
C PRO A 471 -39.24 -48.18 -12.20
N ALA A 472 -38.64 -47.98 -13.36
CA ALA A 472 -37.35 -47.30 -13.46
C ALA A 472 -37.43 -45.82 -13.11
N TRP A 473 -38.62 -45.23 -13.24
CA TRP A 473 -38.77 -43.79 -13.01
C TRP A 473 -38.72 -43.43 -11.53
N PHE A 474 -38.78 -44.43 -10.67
CA PHE A 474 -38.71 -44.21 -9.22
C PHE A 474 -37.47 -43.40 -8.83
N PRO A 475 -37.64 -42.45 -7.89
CA PRO A 475 -36.47 -41.67 -7.46
C PRO A 475 -35.55 -42.50 -6.57
N LYS A 476 -34.25 -42.25 -6.69
CA LYS A 476 -33.24 -43.00 -5.94
C LYS A 476 -33.37 -42.76 -4.44
N GLY A 477 -33.32 -43.84 -3.66
CA GLY A 477 -33.35 -43.74 -2.21
C GLY A 477 -34.74 -43.73 -1.61
N GLU A 478 -35.76 -43.82 -2.47
CA GLU A 478 -37.15 -43.78 -2.03
C GLU A 478 -37.98 -44.84 -2.75
N GLU A 479 -37.27 -45.93 -3.22
CA GLU A 479 -38.02 -47.03 -3.88
C GLU A 479 -38.96 -47.79 -2.95
N ALA A 480 -38.44 -48.13 -1.76
CA ALA A 480 -39.22 -48.87 -0.76
C ALA A 480 -40.47 -48.12 -0.35
N GLU A 481 -40.32 -46.83 -0.08
CA GLU A 481 -41.43 -45.99 0.39
C GLU A 481 -42.62 -46.01 -0.57
N LEU A 482 -42.36 -45.73 -1.84
CA LEU A 482 -43.41 -45.73 -2.85
C LEU A 482 -44.08 -47.10 -2.97
N ILE A 483 -43.25 -48.12 -3.18
CA ILE A 483 -43.74 -49.50 -3.34
C ILE A 483 -44.69 -49.90 -2.20
N GLU A 484 -44.51 -49.26 -1.04
CA GLU A 484 -45.37 -49.52 0.10
C GLU A 484 -46.73 -48.82 -0.04
N GLU A 485 -46.68 -47.51 -0.25
CA GLU A 485 -47.90 -46.70 -0.39
C GLU A 485 -48.80 -47.22 -1.51
N ILE A 486 -48.19 -47.81 -2.54
CA ILE A 486 -48.93 -48.40 -3.64
C ILE A 486 -49.83 -49.53 -3.13
N ILE A 487 -49.22 -50.49 -2.44
CA ILE A 487 -49.95 -51.62 -1.88
C ILE A 487 -50.97 -51.17 -0.84
N GLN A 488 -50.61 -50.14 -0.08
CA GLN A 488 -51.47 -49.60 0.97
C GLN A 488 -52.83 -49.17 0.41
N GLN A 489 -52.83 -48.71 -0.83
CA GLN A 489 -54.06 -48.31 -1.50
C GLN A 489 -54.96 -49.49 -1.81
N VAL A 490 -54.36 -50.64 -2.12
CA VAL A 490 -55.11 -51.84 -2.48
C VAL A 490 -55.88 -52.32 -1.25
N LEU A 491 -55.28 -52.17 -0.07
CA LEU A 491 -55.91 -52.59 1.17
C LEU A 491 -56.83 -51.49 1.71
N ASP A 492 -56.56 -50.25 1.32
CA ASP A 492 -57.36 -49.10 1.76
C ASP A 492 -58.45 -48.73 0.76
N SER A 493 -58.35 -49.30 -0.45
CA SER A 493 -59.35 -49.08 -1.49
C SER A 493 -60.26 -50.29 -1.62
N LEU A 501 -55.27 -46.71 -8.93
CA LEU A 501 -53.85 -46.50 -9.22
C LEU A 501 -53.65 -45.42 -10.27
N ARG A 502 -54.56 -45.35 -11.23
CA ARG A 502 -54.50 -44.36 -12.30
C ARG A 502 -54.38 -42.95 -11.75
N GLU A 503 -55.42 -42.51 -11.04
CA GLU A 503 -55.42 -41.18 -10.44
C GLU A 503 -54.29 -41.04 -9.45
N GLU A 504 -54.13 -42.04 -8.59
CA GLU A 504 -53.05 -42.05 -7.61
C GLU A 504 -51.71 -41.82 -8.32
N ALA A 505 -51.28 -42.81 -9.09
CA ALA A 505 -50.00 -42.75 -9.81
C ALA A 505 -49.82 -41.45 -10.56
N ALA A 506 -50.94 -40.83 -10.97
CA ALA A 506 -50.88 -39.57 -11.69
C ALA A 506 -50.53 -38.42 -10.76
N ILE A 507 -51.13 -38.40 -9.57
CA ILE A 507 -50.87 -37.33 -8.61
C ILE A 507 -49.44 -37.44 -8.07
N MET A 508 -48.89 -38.65 -8.06
CA MET A 508 -47.54 -38.87 -7.56
C MET A 508 -46.49 -38.41 -8.58
N MET A 509 -46.75 -38.71 -9.85
CA MET A 509 -45.83 -38.33 -10.93
C MET A 509 -45.81 -36.82 -11.12
N ASN B 31 -0.48 -13.37 -34.57
CA ASN B 31 -1.29 -12.88 -33.41
C ASN B 31 -0.80 -13.48 -32.10
N LEU B 32 0.50 -13.39 -31.86
CA LEU B 32 1.08 -13.85 -30.60
C LEU B 32 1.15 -12.70 -29.65
N TYR B 33 0.97 -12.99 -28.38
CA TYR B 33 1.00 -11.93 -27.39
C TYR B 33 2.43 -11.65 -26.93
N PHE B 34 2.82 -10.38 -26.98
CA PHE B 34 4.13 -9.95 -26.55
C PHE B 34 4.11 -8.48 -26.19
N GLN B 35 4.16 -8.19 -24.90
CA GLN B 35 4.11 -6.82 -24.39
C GLN B 35 5.28 -5.98 -24.89
N SER B 36 5.01 -4.71 -25.15
CA SER B 36 6.04 -3.77 -25.58
C SER B 36 6.66 -3.04 -24.40
N HIS B 37 6.15 -3.31 -23.20
CA HIS B 37 6.68 -2.68 -21.99
C HIS B 37 6.33 -3.47 -20.73
N MET B 38 7.17 -3.34 -19.70
CA MET B 38 7.01 -4.08 -18.47
C MET B 38 6.06 -3.40 -17.49
N MET B 39 6.35 -2.14 -17.18
CA MET B 39 5.52 -1.34 -16.28
C MET B 39 5.21 0.00 -16.92
N LYS B 40 3.99 0.48 -16.75
CA LYS B 40 3.59 1.75 -17.32
C LYS B 40 2.48 2.40 -16.52
N PHE B 41 2.70 3.63 -16.07
CA PHE B 41 1.66 4.38 -15.37
C PHE B 41 1.88 5.89 -15.50
N THR B 42 0.78 6.63 -15.34
CA THR B 42 0.79 8.09 -15.37
C THR B 42 0.46 8.60 -13.98
N ILE B 43 1.27 9.53 -13.48
CA ILE B 43 1.12 10.04 -12.12
C ILE B 43 1.28 11.56 -12.06
N GLN B 44 0.57 12.19 -11.15
CA GLN B 44 0.71 13.63 -10.92
C GLN B 44 2.06 13.91 -10.27
N LYS B 45 2.71 14.99 -10.71
CA LYS B 45 4.07 15.30 -10.27
C LYS B 45 4.16 15.58 -8.77
N ASP B 46 3.24 16.38 -8.24
CA ASP B 46 3.36 16.86 -6.87
C ASP B 46 3.35 15.70 -5.87
N ARG B 47 2.51 14.70 -6.10
CA ARG B 47 2.48 13.52 -5.25
C ARG B 47 3.69 12.62 -5.47
N LEU B 48 4.11 12.51 -6.73
CA LEU B 48 5.31 11.75 -7.08
C LEU B 48 6.53 12.30 -6.35
N VAL B 49 6.72 13.61 -6.43
CA VAL B 49 7.83 14.27 -5.73
C VAL B 49 7.73 14.03 -4.24
N GLU B 50 6.51 14.10 -3.70
CA GLU B 50 6.27 13.99 -2.28
C GLU B 50 6.70 12.63 -1.73
N SER B 51 6.32 11.56 -2.42
CA SER B 51 6.64 10.20 -1.98
C SER B 51 8.13 9.90 -2.16
N VAL B 52 8.71 10.36 -3.26
CA VAL B 52 10.12 10.15 -3.54
C VAL B 52 10.96 10.83 -2.46
N GLN B 53 10.53 12.00 -2.01
CA GLN B 53 11.26 12.77 -1.01
C GLN B 53 11.27 12.07 0.34
N ASP B 54 10.11 11.54 0.73
CA ASP B 54 9.99 10.78 1.98
C ASP B 54 10.91 9.56 1.92
N VAL B 55 10.74 8.77 0.88
CA VAL B 55 11.50 7.53 0.68
C VAL B 55 13.00 7.79 0.61
N LEU B 56 13.39 8.94 0.09
CA LEU B 56 14.81 9.25 -0.13
C LEU B 56 15.58 9.37 1.18
N LYS B 57 14.85 9.54 2.28
CA LYS B 57 15.48 9.70 3.59
C LYS B 57 16.02 8.38 4.13
N ALA B 58 15.52 7.27 3.59
CA ALA B 58 16.02 5.95 3.97
C ALA B 58 17.21 5.54 3.13
N VAL B 59 17.43 6.25 2.02
CA VAL B 59 18.50 5.92 1.10
C VAL B 59 19.82 6.54 1.55
N SER B 60 20.88 5.74 1.52
CA SER B 60 22.21 6.19 1.91
C SER B 60 23.19 6.00 0.76
N SER B 61 24.13 6.93 0.63
CA SER B 61 25.10 6.90 -0.45
C SER B 61 26.26 5.95 -0.16
N ARG B 62 26.40 5.54 1.09
CA ARG B 62 27.51 4.70 1.52
C ARG B 62 27.08 3.26 1.80
N THR B 63 25.94 2.86 1.25
CA THR B 63 25.46 1.50 1.46
C THR B 63 26.37 0.49 0.78
N THR B 64 26.68 -0.59 1.48
CA THR B 64 27.57 -1.62 0.97
C THR B 64 26.86 -2.43 -0.12
N ILE B 65 25.56 -2.63 0.04
CA ILE B 65 24.78 -3.40 -0.91
C ILE B 65 24.36 -2.49 -2.07
N PRO B 66 24.81 -2.81 -3.31
CA PRO B 66 24.63 -1.89 -4.45
C PRO B 66 23.20 -1.43 -4.72
N ILE B 67 22.26 -2.37 -4.75
CA ILE B 67 20.89 -2.05 -5.15
C ILE B 67 20.19 -1.13 -4.16
N LEU B 68 20.79 -0.91 -2.99
CA LEU B 68 20.20 -0.03 -1.99
C LEU B 68 20.45 1.45 -2.29
N THR B 69 21.21 1.72 -3.35
CA THR B 69 21.35 3.09 -3.85
C THR B 69 20.10 3.49 -4.63
N GLY B 70 19.27 2.50 -4.95
CA GLY B 70 18.08 2.71 -5.76
C GLY B 70 16.80 2.90 -4.98
N ILE B 71 15.71 3.14 -5.71
CA ILE B 71 14.38 3.26 -5.14
C ILE B 71 13.47 2.28 -5.85
N LYS B 72 12.69 1.53 -5.06
CA LYS B 72 11.85 0.48 -5.62
C LYS B 72 10.45 1.01 -5.91
N ILE B 73 10.02 0.87 -7.15
CA ILE B 73 8.70 1.32 -7.56
C ILE B 73 7.86 0.12 -7.94
N VAL B 74 6.71 -0.04 -7.29
CA VAL B 74 5.77 -1.12 -7.60
C VAL B 74 4.41 -0.55 -7.96
N ALA B 75 4.02 -0.71 -9.23
CA ALA B 75 2.71 -0.26 -9.68
C ALA B 75 1.73 -1.42 -9.69
N SER B 76 0.59 -1.23 -9.04
CA SER B 76 -0.47 -2.22 -9.00
C SER B 76 -1.78 -1.59 -9.45
N ASP B 77 -2.84 -2.38 -9.50
CA ASP B 77 -4.16 -1.87 -9.86
C ASP B 77 -4.62 -0.80 -8.88
N ASP B 78 -4.21 -0.93 -7.62
CA ASP B 78 -4.66 -0.04 -6.55
C ASP B 78 -3.89 1.28 -6.50
N GLY B 79 -2.64 1.26 -6.96
CA GLY B 79 -1.81 2.45 -6.91
C GLY B 79 -0.34 2.15 -7.16
N VAL B 80 0.52 2.99 -6.62
CA VAL B 80 1.97 2.85 -6.77
C VAL B 80 2.68 3.10 -5.46
N SER B 81 3.55 2.18 -5.09
CA SER B 81 4.35 2.31 -3.87
C SER B 81 5.79 2.65 -4.20
N PHE B 82 6.45 3.33 -3.27
CA PHE B 82 7.85 3.70 -3.44
C PHE B 82 8.61 3.25 -2.20
N THR B 83 9.76 2.60 -2.38
CA THR B 83 10.53 2.07 -1.26
C THR B 83 12.00 2.44 -1.34
N GLY B 84 12.56 2.82 -0.19
CA GLY B 84 13.98 3.11 -0.06
C GLY B 84 14.47 2.57 1.26
N SER B 85 15.72 2.19 1.32
CA SER B 85 16.27 1.60 2.49
C SER B 85 17.78 1.66 2.60
N ASP B 86 18.29 1.64 3.81
CA ASP B 86 19.72 1.60 4.05
C ASP B 86 20.06 0.51 5.03
N SER B 87 19.27 -0.56 5.05
CA SER B 87 19.52 -1.70 5.93
C SER B 87 19.29 -1.53 7.44
N ASP B 88 19.05 -0.31 7.90
CA ASP B 88 18.83 -0.04 9.30
C ASP B 88 17.41 0.53 9.27
N ILE B 89 17.12 1.34 8.27
CA ILE B 89 15.85 2.00 8.10
C ILE B 89 15.20 1.68 6.80
N SER B 90 13.90 1.47 6.76
CA SER B 90 13.23 1.29 5.50
C SER B 90 11.98 2.11 5.48
N ILE B 91 11.68 2.70 4.35
CA ILE B 91 10.49 3.53 4.20
C ILE B 91 9.72 3.11 2.94
N GLU B 92 8.43 2.85 3.10
CA GLU B 92 7.56 2.64 1.96
C GLU B 92 6.47 3.70 1.94
N SER B 93 6.36 4.40 0.81
CA SER B 93 5.33 5.41 0.61
C SER B 93 4.39 4.98 -0.51
N PHE B 94 3.09 5.01 -0.23
CA PHE B 94 2.08 4.56 -1.18
C PHE B 94 1.25 5.72 -1.72
N ILE B 95 0.80 5.59 -2.95
CA ILE B 95 -0.09 6.57 -3.57
C ILE B 95 -1.27 5.84 -4.20
N PRO B 96 -2.47 5.98 -3.60
CA PRO B 96 -3.65 5.38 -4.23
C PRO B 96 -3.92 6.02 -5.59
N LYS B 97 -4.61 5.32 -6.48
CA LYS B 97 -4.81 5.82 -7.84
C LYS B 97 -5.90 6.90 -7.88
N GLU B 98 -6.73 6.93 -6.85
CA GLU B 98 -7.78 7.93 -6.74
C GLU B 98 -7.88 8.50 -5.32
N GLU B 99 -7.41 9.73 -5.17
CA GLU B 99 -7.54 10.48 -3.92
C GLU B 99 -8.38 11.73 -4.17
N GLY B 100 -9.69 11.59 -3.96
CA GLY B 100 -10.64 12.66 -4.22
C GLY B 100 -11.46 12.35 -5.45
N ASP B 101 -11.93 13.41 -6.11
CA ASP B 101 -12.65 13.26 -7.37
C ASP B 101 -11.65 13.16 -8.52
N LYS B 102 -10.46 13.71 -8.29
CA LYS B 102 -9.38 13.66 -9.26
C LYS B 102 -8.73 12.29 -9.34
N GLU B 103 -8.11 12.01 -10.49
CA GLU B 103 -7.36 10.78 -10.69
C GLU B 103 -5.87 11.07 -10.51
N ILE B 104 -5.28 10.48 -9.48
CA ILE B 104 -3.87 10.72 -9.17
C ILE B 104 -2.97 9.83 -10.01
N VAL B 105 -3.36 8.56 -10.16
CA VAL B 105 -2.56 7.60 -10.91
C VAL B 105 -3.41 6.88 -11.94
N THR B 106 -2.83 6.71 -13.13
CA THR B 106 -3.42 5.87 -14.17
C THR B 106 -2.44 4.75 -14.49
N ILE B 107 -2.83 3.51 -14.23
CA ILE B 107 -1.96 2.36 -14.43
C ILE B 107 -2.41 1.58 -15.66
N GLU B 108 -1.59 1.64 -16.71
CA GLU B 108 -1.85 0.90 -17.94
C GLU B 108 -1.35 -0.53 -17.82
N GLN B 109 -0.22 -0.68 -17.14
CA GLN B 109 0.47 -1.95 -17.02
C GLN B 109 1.10 -2.07 -15.63
N PRO B 110 0.48 -2.85 -14.74
CA PRO B 110 1.12 -3.11 -13.44
C PRO B 110 2.51 -3.72 -13.60
N GLY B 111 3.42 -3.38 -12.71
CA GLY B 111 4.78 -3.87 -12.78
C GLY B 111 5.65 -3.22 -11.73
N SER B 112 6.96 -3.40 -11.84
CA SER B 112 7.88 -2.80 -10.90
C SER B 112 9.25 -2.57 -11.53
N ILE B 113 10.05 -1.72 -10.89
CA ILE B 113 11.40 -1.42 -11.35
C ILE B 113 12.16 -0.74 -10.23
N VAL B 114 13.49 -0.79 -10.29
CA VAL B 114 14.34 -0.10 -9.34
C VAL B 114 15.21 0.91 -10.07
N LEU B 115 14.98 2.18 -9.78
CA LEU B 115 15.75 3.26 -10.38
C LEU B 115 16.72 3.84 -9.36
N GLN B 116 17.80 4.43 -9.84
CA GLN B 116 18.76 5.06 -8.95
C GLN B 116 18.08 6.21 -8.21
N ALA B 117 18.21 6.18 -6.90
CA ALA B 117 17.37 6.96 -5.99
C ALA B 117 17.44 8.47 -6.21
N ARG B 118 18.65 9.00 -6.13
N ARG B 118 18.65 9.02 -6.14
CA ARG B 118 18.87 10.45 -6.10
CA ARG B 118 18.81 10.46 -6.08
C ARG B 118 18.82 11.09 -7.47
C ARG B 118 18.92 11.12 -7.47
N PHE B 119 19.12 10.31 -8.51
CA PHE B 119 19.00 10.79 -9.87
C PHE B 119 17.51 10.92 -10.18
N PHE B 120 16.76 9.93 -9.74
CA PHE B 120 15.31 9.93 -9.90
C PHE B 120 14.69 11.09 -9.13
N SER B 121 15.22 11.38 -7.94
CA SER B 121 14.69 12.47 -7.12
C SER B 121 14.97 13.82 -7.78
N GLU B 122 16.19 14.01 -8.25
CA GLU B 122 16.58 15.25 -8.90
C GLU B 122 15.75 15.48 -10.16
N ILE B 123 15.51 14.41 -10.91
CA ILE B 123 14.74 14.48 -12.14
C ILE B 123 13.29 14.89 -11.90
N VAL B 124 12.60 14.21 -10.99
CA VAL B 124 11.17 14.44 -10.76
C VAL B 124 10.90 15.84 -10.21
N LYS B 125 11.86 16.38 -9.45
CA LYS B 125 11.71 17.72 -8.90
C LYS B 125 11.69 18.78 -10.00
N LYS B 126 12.40 18.53 -11.09
CA LYS B 126 12.60 19.54 -12.13
C LYS B 126 11.70 19.32 -13.36
N LEU B 127 10.75 18.40 -13.27
CA LEU B 127 9.88 18.14 -14.42
C LEU B 127 8.95 19.33 -14.65
N PRO B 128 8.75 19.70 -15.93
CA PRO B 128 8.01 20.93 -16.26
C PRO B 128 6.51 20.87 -15.99
N MET B 129 5.85 19.82 -16.47
CA MET B 129 4.39 19.74 -16.39
C MET B 129 3.90 18.83 -15.26
N ALA B 130 2.61 18.88 -14.99
CA ALA B 130 2.01 18.20 -13.85
C ALA B 130 1.98 16.68 -14.00
N THR B 131 1.51 16.20 -15.16
CA THR B 131 1.39 14.77 -15.39
C THR B 131 2.73 14.17 -15.78
N VAL B 132 3.07 13.04 -15.17
CA VAL B 132 4.34 12.38 -15.41
C VAL B 132 4.10 10.95 -15.90
N GLU B 133 4.51 10.68 -17.12
CA GLU B 133 4.42 9.34 -17.68
C GLU B 133 5.68 8.54 -17.38
N ILE B 134 5.50 7.36 -16.80
CA ILE B 134 6.61 6.47 -16.50
C ILE B 134 6.36 5.11 -17.15
N GLU B 135 7.25 4.73 -18.06
CA GLU B 135 7.08 3.49 -18.82
C GLU B 135 8.40 2.72 -18.87
N VAL B 136 8.37 1.51 -18.33
CA VAL B 136 9.54 0.63 -18.36
C VAL B 136 9.50 -0.27 -19.58
N GLN B 137 10.56 -0.24 -20.36
CA GLN B 137 10.63 -1.02 -21.59
C GLN B 137 11.20 -2.42 -21.31
N ASN B 138 11.24 -3.25 -22.35
CA ASN B 138 11.56 -4.67 -22.20
C ASN B 138 13.01 -4.95 -21.82
N GLN B 139 13.87 -3.95 -21.95
CA GLN B 139 15.25 -4.07 -21.55
C GLN B 139 15.52 -3.32 -20.27
N TYR B 140 14.46 -3.03 -19.55
CA TYR B 140 14.49 -2.37 -18.24
C TYR B 140 14.89 -0.90 -18.31
N LEU B 141 15.09 -0.37 -19.52
CA LEU B 141 15.28 1.06 -19.69
C LEU B 141 13.96 1.76 -19.37
N THR B 142 14.01 2.70 -18.43
CA THR B 142 12.79 3.34 -17.92
C THR B 142 12.63 4.76 -18.45
N ILE B 143 11.53 4.98 -19.18
CA ILE B 143 11.24 6.28 -19.78
C ILE B 143 10.40 7.14 -18.84
N ILE B 144 10.85 8.38 -18.64
CA ILE B 144 10.13 9.34 -17.80
C ILE B 144 9.81 10.59 -18.60
N ARG B 145 8.52 10.80 -18.86
CA ARG B 145 8.07 11.91 -19.70
C ARG B 145 7.25 12.94 -18.91
N SER B 146 7.50 14.20 -19.21
CA SER B 146 6.71 15.31 -18.68
C SER B 146 6.80 16.50 -19.62
N GLY B 147 5.66 16.89 -20.19
CA GLY B 147 5.63 17.95 -21.18
C GLY B 147 6.41 17.56 -22.42
N LYS B 148 7.53 18.23 -22.62
CA LYS B 148 8.39 18.00 -23.78
C LYS B 148 9.74 17.42 -23.37
N ALA B 149 9.86 17.08 -22.08
CA ALA B 149 11.09 16.52 -21.54
C ALA B 149 10.95 15.01 -21.43
N GLU B 150 11.98 14.29 -21.87
CA GLU B 150 12.01 12.83 -21.76
C GLU B 150 13.33 12.36 -21.17
N PHE B 151 13.25 11.68 -20.03
CA PHE B 151 14.40 11.07 -19.40
C PHE B 151 14.36 9.56 -19.58
N ASN B 152 15.53 8.97 -19.79
CA ASN B 152 15.67 7.51 -19.78
C ASN B 152 16.64 7.09 -18.70
N LEU B 153 16.15 6.31 -17.74
CA LEU B 153 16.98 5.82 -16.65
C LEU B 153 17.17 4.30 -16.78
N ASN B 154 18.36 3.83 -16.38
CA ASN B 154 18.64 2.40 -16.34
C ASN B 154 17.94 1.74 -15.16
N GLY B 155 17.11 0.74 -15.46
CA GLY B 155 16.34 0.05 -14.44
C GLY B 155 16.96 -1.26 -13.98
N LEU B 156 16.72 -1.59 -12.71
CA LEU B 156 17.15 -2.85 -12.14
C LEU B 156 15.92 -3.67 -11.78
N ASP B 157 16.06 -4.99 -11.82
CA ASP B 157 14.96 -5.89 -11.51
C ASP B 157 14.54 -5.71 -10.05
N ALA B 158 13.25 -5.51 -9.83
CA ALA B 158 12.72 -5.25 -8.49
C ALA B 158 12.79 -6.45 -7.56
N ASP B 159 12.81 -7.67 -8.11
CA ASP B 159 12.91 -8.88 -7.28
C ASP B 159 14.27 -8.98 -6.62
N GLU B 160 15.23 -8.19 -7.10
CA GLU B 160 16.56 -8.19 -6.50
C GLU B 160 16.60 -7.23 -5.31
N TYR B 161 15.53 -6.46 -5.14
CA TYR B 161 15.46 -5.51 -4.04
C TYR B 161 15.00 -6.24 -2.79
N PRO B 162 15.63 -5.94 -1.64
CA PRO B 162 15.28 -6.66 -0.40
C PRO B 162 13.83 -6.48 0.00
N HIS B 163 13.27 -7.51 0.64
CA HIS B 163 11.91 -7.44 1.16
C HIS B 163 11.86 -6.58 2.41
N LEU B 164 10.69 -6.03 2.70
CA LEU B 164 10.49 -5.32 3.96
C LEU B 164 10.65 -6.29 5.13
N PRO B 165 11.04 -5.77 6.30
CA PRO B 165 11.06 -6.65 7.47
C PRO B 165 9.68 -7.24 7.72
N GLN B 166 9.61 -8.56 7.89
CA GLN B 166 8.34 -9.23 8.11
C GLN B 166 7.89 -9.04 9.55
N ILE B 167 6.98 -8.08 9.75
CA ILE B 167 6.46 -7.79 11.08
C ILE B 167 4.96 -8.03 11.16
N GLU B 168 4.58 -8.78 12.20
CA GLU B 168 3.19 -9.03 12.49
C GLU B 168 2.63 -7.90 13.36
N GLU B 169 1.50 -7.36 12.95
CA GLU B 169 0.90 -6.24 13.67
C GLU B 169 0.10 -6.73 14.86
N HIS B 170 0.80 -7.11 15.92
CA HIS B 170 0.17 -7.58 17.13
C HIS B 170 0.76 -6.76 18.30
N HIS B 171 -0.05 -6.51 19.32
CA HIS B 171 0.36 -5.71 20.47
C HIS B 171 0.96 -4.37 20.01
N ALA B 172 0.15 -3.59 19.30
CA ALA B 172 0.59 -2.29 18.77
C ALA B 172 0.35 -1.17 19.78
N ILE B 173 1.05 -0.06 19.58
CA ILE B 173 0.92 1.12 20.42
C ILE B 173 0.52 2.32 19.55
N GLN B 174 -0.41 3.13 20.06
CA GLN B 174 -0.88 4.31 19.33
C GLN B 174 -0.45 5.60 20.02
N ILE B 175 0.22 6.46 19.27
CA ILE B 175 0.63 7.78 19.75
C ILE B 175 0.15 8.86 18.76
N PRO B 176 -0.46 9.94 19.26
CA PRO B 176 -0.79 11.06 18.37
C PRO B 176 0.45 11.64 17.70
N THR B 177 0.34 12.01 16.43
CA THR B 177 1.50 12.41 15.63
C THR B 177 2.31 13.55 16.28
N ASP B 178 1.64 14.62 16.65
CA ASP B 178 2.32 15.80 17.18
C ASP B 178 3.02 15.49 18.51
N LEU B 179 2.36 14.72 19.36
CA LEU B 179 2.98 14.30 20.62
C LEU B 179 4.24 13.49 20.33
N LEU B 180 4.12 12.55 19.40
CA LEU B 180 5.25 11.70 19.02
C LEU B 180 6.42 12.53 18.50
N LYS B 181 6.11 13.52 17.67
CA LYS B 181 7.13 14.40 17.12
C LYS B 181 7.74 15.27 18.21
N ASN B 182 6.93 15.62 19.20
CA ASN B 182 7.40 16.41 20.32
C ASN B 182 8.32 15.56 21.21
N LEU B 183 7.96 14.26 21.33
CA LEU B 183 8.74 13.29 22.10
C LEU B 183 10.14 13.14 21.52
N ILE B 184 10.19 13.03 20.21
CA ILE B 184 11.45 12.88 19.49
C ILE B 184 12.30 14.14 19.60
N ARG B 185 11.66 15.29 19.43
CA ARG B 185 12.34 16.58 19.52
C ARG B 185 12.92 16.80 20.92
N GLN B 186 12.28 16.21 21.93
CA GLN B 186 12.63 16.44 23.32
C GLN B 186 13.63 15.44 23.91
N THR B 187 14.14 14.55 23.07
CA THR B 187 15.05 13.52 23.54
C THR B 187 16.22 13.27 22.58
N VAL B 188 15.91 13.27 21.29
CA VAL B 188 16.85 12.76 20.30
C VAL B 188 18.18 13.52 20.24
N PHE B 189 18.17 14.79 20.61
CA PHE B 189 19.39 15.60 20.56
C PHE B 189 20.41 15.14 21.59
N ALA B 190 19.94 14.50 22.66
CA ALA B 190 20.79 14.16 23.79
C ALA B 190 21.61 12.90 23.57
N VAL B 191 21.34 12.18 22.49
CA VAL B 191 22.05 10.92 22.24
C VAL B 191 23.52 11.19 21.94
N SER B 192 24.34 10.16 22.11
CA SER B 192 25.77 10.29 21.84
C SER B 192 26.06 10.18 20.35
N THR B 193 27.13 10.86 19.91
CA THR B 193 27.58 10.78 18.53
C THR B 193 28.79 9.87 18.41
N SER B 194 29.23 9.32 19.53
CA SER B 194 30.38 8.41 19.55
C SER B 194 29.96 6.99 19.19
N GLU B 195 30.74 6.36 18.32
CA GLU B 195 30.50 4.99 17.91
C GLU B 195 31.10 3.99 18.89
N THR B 196 31.67 4.51 19.98
CA THR B 196 32.31 3.66 20.98
C THR B 196 31.25 2.87 21.75
N ARG B 197 30.09 3.45 21.93
CA ARG B 197 28.99 2.79 22.59
C ARG B 197 27.72 2.87 21.78
N PRO B 198 27.61 1.99 20.81
CA PRO B 198 26.47 1.95 19.89
C PRO B 198 25.12 2.11 20.58
N ILE B 199 25.01 1.59 21.79
CA ILE B 199 23.75 1.61 22.52
C ILE B 199 23.32 3.04 22.90
N LEU B 200 24.30 3.91 23.18
CA LEU B 200 24.01 5.26 23.62
C LEU B 200 23.68 6.22 22.48
N THR B 201 23.81 5.75 21.24
CA THR B 201 23.49 6.59 20.08
C THR B 201 21.99 6.54 19.77
N GLY B 202 21.26 5.73 20.53
CA GLY B 202 19.82 5.58 20.35
C GLY B 202 19.03 6.07 21.56
N VAL B 203 17.73 6.25 21.36
CA VAL B 203 16.83 6.65 22.43
C VAL B 203 16.15 5.43 23.03
N ASN B 204 16.22 5.30 24.35
CA ASN B 204 15.61 4.18 25.04
C ASN B 204 14.12 4.40 25.25
N TRP B 205 13.31 3.55 24.62
CA TRP B 205 11.86 3.57 24.83
C TRP B 205 11.46 2.50 25.84
N LYS B 206 10.94 2.94 26.97
CA LYS B 206 10.54 2.04 28.05
C LYS B 206 9.05 2.21 28.37
N VAL B 207 8.28 1.17 28.11
CA VAL B 207 6.84 1.18 28.41
C VAL B 207 6.54 0.34 29.63
N GLU B 208 5.79 0.92 30.57
CA GLU B 208 5.38 0.21 31.78
C GLU B 208 4.15 0.88 32.39
N GLN B 209 3.16 0.07 32.77
CA GLN B 209 1.91 0.57 33.33
C GLN B 209 1.27 1.64 32.43
N SER B 210 1.16 1.32 31.14
CA SER B 210 0.48 2.17 30.18
C SER B 210 1.07 3.58 30.09
N GLU B 211 2.38 3.67 30.20
CA GLU B 211 3.09 4.95 30.08
C GLU B 211 4.46 4.74 29.44
N LEU B 212 4.85 5.68 28.59
CA LEU B 212 6.10 5.60 27.85
C LEU B 212 7.17 6.48 28.49
N LEU B 213 8.37 5.92 28.65
CA LEU B 213 9.53 6.67 29.09
C LEU B 213 10.59 6.68 27.99
N CYS B 214 10.84 7.87 27.44
CA CYS B 214 11.91 8.05 26.47
C CYS B 214 13.12 8.64 27.17
N THR B 215 14.25 7.93 27.11
CA THR B 215 15.48 8.40 27.71
C THR B 215 16.59 8.44 26.68
N ALA B 216 17.30 9.56 26.65
CA ALA B 216 18.43 9.75 25.78
C ALA B 216 19.51 10.46 26.53
N THR B 217 20.75 10.04 26.38
CA THR B 217 21.83 10.68 27.06
C THR B 217 23.17 10.38 26.49
N ASP B 218 23.99 11.41 26.48
CA ASP B 218 25.40 11.25 26.25
C ASP B 218 26.01 11.25 27.68
N SER B 219 27.23 10.89 27.81
CA SER B 219 27.71 10.74 29.18
C SER B 219 27.78 12.09 29.92
N HIS B 220 27.45 13.17 29.22
CA HIS B 220 27.57 14.52 29.79
C HIS B 220 26.22 15.13 30.17
N ARG B 221 25.18 14.73 29.45
CA ARG B 221 23.83 15.22 29.69
C ARG B 221 22.76 14.20 29.38
N LEU B 222 21.56 14.39 29.91
CA LEU B 222 20.50 13.43 29.73
C LEU B 222 19.15 14.11 29.49
N ALA B 223 18.36 13.53 28.59
CA ALA B 223 17.00 14.00 28.32
C ALA B 223 16.00 12.89 28.58
N LEU B 224 14.91 13.23 29.28
CA LEU B 224 13.86 12.26 29.55
C LEU B 224 12.46 12.81 29.27
N ARG B 225 11.66 12.09 28.55
CA ARG B 225 10.27 12.51 28.25
C ARG B 225 9.21 11.47 28.71
N LYS B 226 8.22 11.90 29.41
CA LYS B 226 7.13 11.05 29.88
C LYS B 226 5.88 11.26 29.02
N ALA B 227 5.17 10.19 28.71
CA ALA B 227 3.92 10.29 27.96
C ALA B 227 2.94 9.20 28.35
N LYS B 228 1.67 9.57 28.43
CA LYS B 228 0.60 8.64 28.79
C LYS B 228 -0.09 8.12 27.53
N LEU B 229 -0.36 6.82 27.52
CA LEU B 229 -0.91 6.15 26.36
C LEU B 229 -2.11 5.26 26.73
N ASP B 230 -2.80 4.76 25.71
CA ASP B 230 -3.98 3.91 25.90
C ASP B 230 -3.67 2.43 25.57
N ILE B 231 -3.08 1.73 26.54
CA ILE B 231 -2.66 0.34 26.35
C ILE B 231 -2.89 -0.45 27.64
N PRO B 232 -3.14 -1.77 27.54
CA PRO B 232 -3.19 -2.59 28.76
C PRO B 232 -1.95 -2.43 29.64
N GLU B 233 -2.17 -2.17 30.92
CA GLU B 233 -1.08 -1.95 31.87
C GLU B 233 -0.10 -3.12 31.94
N ASP B 234 -0.54 -4.28 31.58
CA ASP B 234 0.27 -5.49 31.58
C ASP B 234 1.43 -5.52 30.57
N ARG B 235 1.26 -4.80 29.45
CA ARG B 235 2.27 -4.79 28.39
C ARG B 235 3.51 -4.01 28.83
N SER B 236 4.68 -4.52 28.48
CA SER B 236 5.94 -3.88 28.82
C SER B 236 6.92 -3.92 27.65
N TYR B 237 7.68 -2.83 27.48
CA TYR B 237 8.67 -2.73 26.42
C TYR B 237 9.95 -2.06 26.94
N ASN B 238 11.09 -2.49 26.40
CA ASN B 238 12.36 -1.86 26.72
C ASN B 238 13.31 -1.95 25.53
N VAL B 239 13.16 -1.03 24.58
CA VAL B 239 13.95 -1.04 23.35
C VAL B 239 14.75 0.24 23.19
N VAL B 240 15.75 0.20 22.32
CA VAL B 240 16.58 1.36 22.04
C VAL B 240 16.55 1.65 20.55
N ILE B 241 16.00 2.80 20.19
CA ILE B 241 15.82 3.20 18.80
C ILE B 241 16.91 4.20 18.41
N PRO B 242 17.60 3.96 17.27
CA PRO B 242 18.60 4.92 16.81
C PRO B 242 18.02 6.34 16.67
N GLY B 243 18.72 7.33 17.21
CA GLY B 243 18.29 8.72 17.14
C GLY B 243 18.08 9.20 15.73
N LYS B 244 19.01 8.83 14.83
CA LYS B 244 18.90 9.18 13.41
C LYS B 244 17.55 8.76 12.85
N SER B 245 17.16 7.52 13.15
CA SER B 245 15.91 6.97 12.65
C SER B 245 14.71 7.82 13.08
N LEU B 246 14.74 8.31 14.32
CA LEU B 246 13.63 9.07 14.88
C LEU B 246 13.53 10.47 14.27
N THR B 247 14.66 11.05 13.90
CA THR B 247 14.67 12.37 13.28
C THR B 247 14.16 12.29 11.84
N GLU B 248 14.51 11.22 11.15
CA GLU B 248 14.01 10.99 9.79
C GLU B 248 12.52 10.72 9.85
N LEU B 249 12.09 9.92 10.82
CA LEU B 249 10.68 9.65 11.05
C LEU B 249 9.91 10.96 11.24
N SER B 250 10.44 11.84 12.09
CA SER B 250 9.80 13.11 12.39
C SER B 250 9.61 13.97 11.14
N LYS B 251 10.65 14.01 10.30
CA LYS B 251 10.62 14.78 9.07
C LYS B 251 9.47 14.35 8.15
N ILE B 252 9.19 13.05 8.14
CA ILE B 252 8.18 12.49 7.24
C ILE B 252 6.77 12.64 7.79
N LEU B 253 6.64 12.60 9.10
CA LEU B 253 5.34 12.76 9.74
C LEU B 253 4.82 14.19 9.56
N ASP B 254 3.50 14.30 9.33
CA ASP B 254 2.86 15.60 9.19
C ASP B 254 2.63 16.23 10.57
N ASP B 255 1.91 17.35 10.58
CA ASP B 255 1.59 18.05 11.83
C ASP B 255 0.10 18.00 12.13
N ASN B 256 -0.36 16.82 12.54
CA ASN B 256 -1.76 16.62 12.92
C ASN B 256 -1.86 15.94 14.28
N GLN B 257 -3.09 15.71 14.72
CA GLN B 257 -3.35 15.08 16.01
C GLN B 257 -3.81 13.65 15.83
N GLU B 258 -3.71 13.15 14.60
CA GLU B 258 -4.14 11.79 14.28
C GLU B 258 -3.16 10.76 14.85
N LEU B 259 -3.61 9.52 14.94
CA LEU B 259 -2.83 8.48 15.61
C LEU B 259 -1.83 7.78 14.70
N VAL B 260 -0.59 7.71 15.16
CA VAL B 260 0.45 6.90 14.52
C VAL B 260 0.49 5.54 15.22
N ASP B 261 0.42 4.46 14.46
CA ASP B 261 0.46 3.10 14.99
C ASP B 261 1.89 2.60 15.11
N ILE B 262 2.23 2.02 16.24
CA ILE B 262 3.60 1.57 16.51
C ILE B 262 3.64 0.09 16.90
N VAL B 263 4.41 -0.69 16.15
CA VAL B 263 4.61 -2.12 16.44
C VAL B 263 6.06 -2.39 16.81
N ILE B 264 6.28 -2.75 18.07
CA ILE B 264 7.62 -3.03 18.57
C ILE B 264 7.84 -4.54 18.70
N THR B 265 8.92 -5.01 18.11
CA THR B 265 9.33 -6.41 18.22
C THR B 265 10.70 -6.51 18.87
N GLU B 266 11.35 -7.66 18.74
CA GLU B 266 12.64 -7.89 19.38
C GLU B 266 13.76 -7.09 18.73
N THR B 267 13.68 -6.93 17.40
CA THR B 267 14.77 -6.34 16.64
C THR B 267 14.34 -5.16 15.77
N GLN B 268 13.03 -4.96 15.64
CA GLN B 268 12.49 -3.95 14.74
C GLN B 268 11.40 -3.12 15.40
N VAL B 269 11.19 -1.92 14.87
CA VAL B 269 10.05 -1.10 15.25
C VAL B 269 9.42 -0.53 13.98
N LEU B 270 8.10 -0.66 13.88
CA LEU B 270 7.35 -0.19 12.71
C LEU B 270 6.40 0.93 13.08
N PHE B 271 6.59 2.10 12.46
CA PHE B 271 5.67 3.22 12.63
C PHE B 271 4.74 3.29 11.43
N LYS B 272 3.44 3.19 11.69
CA LYS B 272 2.43 3.26 10.64
C LYS B 272 1.67 4.56 10.69
N ALA B 273 1.73 5.29 9.57
CA ALA B 273 0.92 6.48 9.39
C ALA B 273 0.20 6.36 8.05
N LYS B 274 -0.45 7.43 7.63
CA LYS B 274 -1.23 7.43 6.41
C LYS B 274 -0.36 7.21 5.17
N ASN B 275 -0.54 6.07 4.51
CA ASN B 275 0.20 5.74 3.29
C ASN B 275 1.71 5.68 3.49
N VAL B 276 2.14 5.48 4.73
CA VAL B 276 3.56 5.40 5.04
C VAL B 276 3.88 4.25 6.00
N LEU B 277 4.94 3.51 5.67
CA LEU B 277 5.50 2.50 6.56
C LEU B 277 6.94 2.84 6.84
N PHE B 278 7.26 3.10 8.11
CA PHE B 278 8.60 3.46 8.52
C PHE B 278 9.17 2.38 9.44
N PHE B 279 10.18 1.66 8.94
CA PHE B 279 10.85 0.62 9.70
C PHE B 279 12.15 1.14 10.26
N SER B 280 12.48 0.72 11.48
CA SER B 280 13.78 0.99 12.06
C SER B 280 14.29 -0.22 12.82
N ARG B 281 15.56 -0.56 12.56
CA ARG B 281 16.23 -1.66 13.23
C ARG B 281 16.63 -1.21 14.62
N LEU B 282 16.28 -2.01 15.63
CA LEU B 282 16.57 -1.66 17.01
C LEU B 282 18.02 -1.95 17.37
N LEU B 283 18.53 -1.21 18.35
CA LEU B 283 19.88 -1.42 18.85
C LEU B 283 19.91 -2.52 19.89
N ASP B 284 20.80 -3.49 19.70
CA ASP B 284 20.92 -4.60 20.64
C ASP B 284 21.78 -4.23 21.85
N GLY B 285 21.39 -4.73 23.01
CA GLY B 285 22.15 -4.49 24.22
C GLY B 285 21.25 -4.06 25.36
N ASN B 286 21.88 -3.80 26.51
CA ASN B 286 21.15 -3.35 27.69
C ASN B 286 21.39 -1.86 27.96
N TYR B 287 20.31 -1.08 27.94
CA TYR B 287 20.44 0.35 28.15
C TYR B 287 20.70 0.63 29.63
N PRO B 288 21.68 1.51 29.95
CA PRO B 288 21.97 1.80 31.35
C PRO B 288 20.78 2.38 32.11
N ASP B 289 20.68 2.06 33.39
CA ASP B 289 19.64 2.64 34.24
C ASP B 289 20.03 4.07 34.60
N THR B 290 19.04 4.95 34.69
CA THR B 290 19.27 6.36 34.98
C THR B 290 18.25 6.94 35.95
N THR B 291 17.29 6.11 36.37
CA THR B 291 16.29 6.53 37.34
C THR B 291 16.93 6.98 38.65
N SER B 292 18.02 6.33 39.03
CA SER B 292 18.72 6.65 40.26
C SER B 292 19.44 7.98 40.19
N LEU B 293 19.87 8.36 38.98
CA LEU B 293 20.72 9.51 38.79
C LEU B 293 19.97 10.84 38.83
N ILE B 294 18.69 10.82 38.48
CA ILE B 294 17.86 12.01 38.55
C ILE B 294 17.61 12.39 40.01
N PRO B 295 18.20 13.52 40.46
CA PRO B 295 18.03 13.88 41.88
C PRO B 295 16.62 14.36 42.21
N GLN B 296 16.15 14.02 43.41
CA GLN B 296 14.80 14.39 43.84
C GLN B 296 14.80 15.70 44.62
N ASP B 297 15.84 15.92 45.40
CA ASP B 297 15.94 17.11 46.26
C ASP B 297 16.90 18.14 45.67
N SER B 298 16.50 19.41 45.72
CA SER B 298 17.32 20.50 45.19
C SER B 298 17.64 21.51 46.29
N LYS B 299 18.92 21.83 46.40
CA LYS B 299 19.38 22.83 47.37
C LYS B 299 19.01 24.23 46.91
N THR B 300 19.01 24.45 45.59
CA THR B 300 18.66 25.74 45.00
C THR B 300 17.62 25.57 43.91
N GLU B 301 16.70 26.53 43.81
CA GLU B 301 15.60 26.47 42.85
C GLU B 301 15.35 27.83 42.20
N ILE B 302 15.76 27.95 40.93
CA ILE B 302 15.61 29.20 40.18
C ILE B 302 14.43 29.14 39.22
N ILE B 303 13.86 30.30 38.90
CA ILE B 303 12.81 30.42 37.90
C ILE B 303 13.05 31.69 37.07
N VAL B 304 13.15 31.52 35.75
CA VAL B 304 13.47 32.62 34.85
C VAL B 304 12.57 32.64 33.61
N ASN B 305 12.50 33.80 32.96
CA ASN B 305 11.92 33.89 31.62
C ASN B 305 12.81 33.14 30.64
N THR B 306 12.20 32.24 29.87
CA THR B 306 12.95 31.37 28.96
C THR B 306 13.83 32.15 27.99
N LYS B 307 13.23 33.08 27.25
CA LYS B 307 13.95 33.83 26.22
C LYS B 307 15.15 34.58 26.79
N GLU B 308 14.92 35.41 27.80
CA GLU B 308 15.98 36.21 28.41
C GLU B 308 17.15 35.34 28.87
N PHE B 309 16.84 34.22 29.49
CA PHE B 309 17.86 33.32 29.99
C PHE B 309 18.64 32.72 28.82
N LEU B 310 17.92 32.30 27.79
CA LEU B 310 18.53 31.70 26.61
C LEU B 310 19.50 32.67 25.94
N GLN B 311 19.04 33.89 25.70
CA GLN B 311 19.84 34.90 25.01
C GLN B 311 21.10 35.25 25.79
N ALA B 312 21.03 35.21 27.12
CA ALA B 312 22.17 35.52 27.96
C ALA B 312 23.24 34.44 27.84
N ILE B 313 22.80 33.18 27.85
CA ILE B 313 23.71 32.05 27.68
C ILE B 313 24.32 32.09 26.27
N ASP B 314 23.50 32.48 25.30
CA ASP B 314 23.94 32.56 23.91
C ASP B 314 25.06 33.58 23.75
N ARG B 315 24.91 34.74 24.38
CA ARG B 315 25.94 35.77 24.35
C ARG B 315 27.19 35.31 25.08
N ALA B 316 27.00 34.54 26.14
CA ALA B 316 28.11 34.03 26.94
C ALA B 316 28.94 33.01 26.15
N SER B 317 28.29 32.29 25.25
CA SER B 317 28.94 31.23 24.50
C SER B 317 29.81 31.75 23.36
N LEU B 318 29.82 33.06 23.15
CA LEU B 318 30.57 33.66 22.06
C LEU B 318 32.08 33.45 22.20
N LEU B 319 32.59 33.57 23.43
CA LEU B 319 34.02 33.41 23.68
C LEU B 319 34.48 31.99 23.40
N ALA B 320 33.70 31.01 23.84
CA ALA B 320 34.05 29.61 23.67
C ALA B 320 33.94 29.20 22.20
N ASN B 326 35.32 25.99 25.94
CA ASN B 326 35.33 26.55 27.29
C ASN B 326 33.95 26.43 27.93
N VAL B 327 33.74 27.14 29.04
CA VAL B 327 32.56 26.97 29.86
C VAL B 327 31.91 28.31 30.20
N VAL B 328 30.63 28.25 30.57
CA VAL B 328 29.89 29.41 31.06
C VAL B 328 29.65 29.28 32.57
N LYS B 329 30.06 30.30 33.32
CA LYS B 329 29.82 30.36 34.75
C LYS B 329 28.48 31.01 35.05
N LEU B 330 27.76 30.46 36.02
CA LEU B 330 26.54 31.07 36.52
C LEU B 330 26.65 31.27 38.02
N SER B 331 26.14 32.40 38.50
CA SER B 331 26.13 32.70 39.93
C SER B 331 24.86 33.44 40.31
N ALA B 332 24.15 32.92 41.28
CA ALA B 332 22.93 33.56 41.68
C ALA B 332 22.81 33.64 43.17
N LYS B 333 22.21 34.72 43.64
CA LYS B 333 21.99 34.96 45.06
C LYS B 333 20.52 35.18 45.25
N PRO B 334 19.93 34.60 46.28
CA PRO B 334 18.49 34.73 46.48
C PRO B 334 18.08 36.16 46.65
N ALA B 335 16.96 36.49 45.99
CA ALA B 335 16.41 37.84 45.96
C ALA B 335 17.44 38.87 45.45
N GLU B 336 18.19 38.48 44.43
CA GLU B 336 19.23 39.30 43.82
C GLU B 336 19.34 38.95 42.34
N SER B 337 20.00 39.80 41.59
CA SER B 337 20.17 39.54 40.20
C SER B 337 21.13 38.39 40.01
N ILE B 338 20.80 37.60 39.01
CA ILE B 338 21.53 36.47 38.49
C ILE B 338 22.59 36.92 37.53
N GLU B 339 23.72 36.23 37.49
CA GLU B 339 24.82 36.68 36.64
C GLU B 339 25.48 35.52 35.88
N ILE B 340 25.54 35.66 34.56
CA ILE B 340 26.28 34.73 33.72
C ILE B 340 27.58 35.38 33.25
N SER B 341 28.64 34.59 33.14
CA SER B 341 29.92 35.09 32.68
C SER B 341 30.79 33.97 32.13
N SER B 342 31.76 34.33 31.29
CA SER B 342 32.73 33.38 30.78
C SER B 342 34.01 34.12 30.44
N ASN B 343 35.14 33.42 30.57
CA ASN B 343 36.44 34.03 30.32
C ASN B 343 37.31 33.16 29.44
N SER B 344 37.92 33.78 28.43
CA SER B 344 38.87 33.11 27.56
C SER B 344 40.13 33.95 27.42
N PRO B 345 41.31 33.32 27.53
CA PRO B 345 42.55 34.07 27.31
C PRO B 345 42.63 34.61 25.88
N GLU B 346 42.29 33.75 24.92
CA GLU B 346 42.45 34.05 23.51
C GLU B 346 41.60 35.23 23.04
N ILE B 347 40.59 35.62 23.82
CA ILE B 347 39.67 36.67 23.41
C ILE B 347 39.41 37.71 24.50
N GLY B 348 38.91 37.27 25.65
CA GLY B 348 38.59 38.19 26.73
C GLY B 348 37.58 37.63 27.70
N LYS B 349 36.60 38.45 28.08
CA LYS B 349 35.61 38.05 29.07
C LYS B 349 34.25 38.67 28.77
N VAL B 350 33.20 38.06 29.30
CA VAL B 350 31.83 38.56 29.15
C VAL B 350 31.09 38.45 30.49
N VAL B 351 30.17 39.37 30.71
CA VAL B 351 29.30 39.35 31.89
C VAL B 351 27.93 39.91 31.53
N GLU B 352 26.89 39.31 32.07
CA GLU B 352 25.52 39.78 31.89
C GLU B 352 24.67 39.41 33.10
N ALA B 353 23.70 40.25 33.43
CA ALA B 353 22.86 40.06 34.61
C ALA B 353 21.38 40.06 34.25
N ILE B 354 20.69 38.99 34.63
CA ILE B 354 19.25 38.86 34.39
C ILE B 354 18.50 38.80 35.72
N VAL B 355 17.32 39.41 35.74
CA VAL B 355 16.49 39.41 36.95
C VAL B 355 15.60 38.17 37.00
N ALA B 356 15.85 37.32 37.99
CA ALA B 356 15.09 36.08 38.15
C ALA B 356 13.62 36.34 38.45
N ASP B 357 12.76 35.44 38.02
CA ASP B 357 11.35 35.50 38.37
C ASP B 357 11.18 35.11 39.83
N GLN B 358 12.02 34.18 40.28
CA GLN B 358 11.97 33.68 41.65
C GLN B 358 13.23 32.88 41.96
N ILE B 359 13.80 33.11 43.14
CA ILE B 359 14.98 32.38 43.59
C ILE B 359 14.80 31.91 45.03
N GLU B 360 15.22 30.68 45.29
CA GLU B 360 15.14 30.09 46.63
C GLU B 360 16.30 29.13 46.84
N GLY B 361 16.74 29.00 48.09
CA GLY B 361 17.77 28.04 48.43
C GLY B 361 19.15 28.64 48.55
N GLU B 362 20.15 27.78 48.71
CA GLU B 362 21.52 28.19 48.92
C GLU B 362 22.08 28.91 47.69
N GLU B 363 22.79 30.01 47.92
CA GLU B 363 23.46 30.71 46.83
C GLU B 363 24.56 29.81 46.28
N LEU B 364 24.87 29.95 44.99
CA LEU B 364 25.83 29.05 44.36
C LEU B 364 26.53 29.65 43.14
N ASN B 365 27.75 29.18 42.92
CA ASN B 365 28.50 29.44 41.70
C ASN B 365 28.75 28.13 40.97
N ILE B 366 28.20 27.99 39.77
CA ILE B 366 28.33 26.75 39.02
C ILE B 366 28.80 27.02 37.59
N SER B 367 29.44 26.02 37.00
CA SER B 367 29.97 26.11 35.65
C SER B 367 29.44 24.95 34.80
N PHE B 368 29.03 25.26 33.57
CA PHE B 368 28.44 24.26 32.70
C PHE B 368 28.61 24.63 31.23
N SER B 369 28.77 23.63 30.38
CA SER B 369 28.92 23.86 28.95
C SER B 369 27.69 24.61 28.42
N PRO B 370 27.90 25.67 27.64
CA PRO B 370 26.73 26.43 27.18
C PRO B 370 25.98 25.71 26.08
N LYS B 371 26.65 24.79 25.40
CA LYS B 371 26.03 24.01 24.34
C LYS B 371 24.90 23.16 24.89
N TYR B 372 25.21 22.36 25.92
CA TYR B 372 24.24 21.47 26.55
C TYR B 372 23.06 22.25 27.11
N MET B 373 23.35 23.38 27.74
CA MET B 373 22.30 24.24 28.29
C MET B 373 21.40 24.73 27.16
N LEU B 374 22.01 25.18 26.08
CA LEU B 374 21.27 25.73 24.95
C LEU B 374 20.39 24.67 24.28
N ASP B 375 20.92 23.47 24.10
CA ASP B 375 20.16 22.38 23.52
C ASP B 375 18.93 22.07 24.36
N ALA B 376 19.10 22.11 25.68
CA ALA B 376 18.02 21.80 26.61
C ALA B 376 16.94 22.88 26.59
N LEU B 377 17.36 24.13 26.41
CA LEU B 377 16.45 25.27 26.47
C LEU B 377 15.61 25.42 25.21
N LYS B 378 16.21 25.14 24.06
CA LYS B 378 15.56 25.33 22.77
C LYS B 378 14.30 24.50 22.63
N VAL B 379 14.23 23.40 23.37
CA VAL B 379 13.17 22.44 23.21
C VAL B 379 12.03 22.69 24.19
N LEU B 380 12.35 23.30 25.32
CA LEU B 380 11.34 23.56 26.35
C LEU B 380 10.35 24.62 25.88
N GLU B 381 9.07 24.30 25.99
CA GLU B 381 8.00 25.10 25.39
C GLU B 381 7.60 26.29 26.26
N GLY B 382 7.74 26.15 27.57
CA GLY B 382 7.24 27.13 28.51
C GLY B 382 7.85 28.52 28.35
N ALA B 383 7.05 29.54 28.66
CA ALA B 383 7.51 30.93 28.63
C ALA B 383 8.52 31.21 29.73
N GLU B 384 8.53 30.34 30.73
CA GLU B 384 9.49 30.42 31.85
C GLU B 384 9.88 29.01 32.28
N ILE B 385 11.12 28.86 32.73
CA ILE B 385 11.64 27.54 33.10
C ILE B 385 12.13 27.51 34.55
N ARG B 386 12.04 26.33 35.16
CA ARG B 386 12.54 26.11 36.52
C ARG B 386 13.84 25.32 36.48
N VAL B 387 14.90 25.91 37.03
CA VAL B 387 16.19 25.24 37.13
C VAL B 387 16.44 24.86 38.58
N SER B 388 16.87 23.61 38.79
CA SER B 388 17.04 23.06 40.15
C SER B 388 18.46 22.56 40.36
N PHE B 389 19.19 23.24 41.25
CA PHE B 389 20.58 22.87 41.57
C PHE B 389 20.68 22.20 42.92
N THR B 390 21.66 21.31 43.05
CA THR B 390 21.97 20.65 44.31
C THR B 390 23.34 21.13 44.81
N GLY B 391 24.28 21.25 43.89
CA GLY B 391 25.60 21.74 44.21
C GLY B 391 26.34 22.14 42.95
N ALA B 392 27.41 22.90 43.13
CA ALA B 392 28.27 23.27 42.02
C ALA B 392 28.86 22.02 41.38
N MET B 393 29.13 21.04 42.24
CA MET B 393 29.81 19.81 41.84
C MET B 393 28.83 18.63 41.75
N ARG B 394 27.59 18.93 41.37
CA ARG B 394 26.58 17.89 41.18
C ARG B 394 25.65 18.25 40.03
N PRO B 395 24.91 17.25 39.50
CA PRO B 395 24.00 17.49 38.37
C PRO B 395 22.88 18.46 38.72
N PHE B 396 22.35 19.14 37.72
CA PHE B 396 21.20 20.04 37.91
C PHE B 396 20.18 19.81 36.80
N LEU B 397 18.93 20.18 37.08
CA LEU B 397 17.83 19.94 36.15
C LEU B 397 17.28 21.22 35.53
N ILE B 398 16.66 21.06 34.37
CA ILE B 398 15.94 22.15 33.70
C ILE B 398 14.56 21.64 33.30
N ARG B 399 13.52 22.36 33.71
CA ARG B 399 12.15 21.93 33.44
C ARG B 399 11.18 23.10 33.29
N THR B 400 9.96 22.76 32.89
CA THR B 400 8.84 23.69 32.91
C THR B 400 8.37 23.84 34.36
N PRO B 401 7.58 24.88 34.65
CA PRO B 401 7.26 25.18 36.05
C PRO B 401 6.27 24.19 36.67
N ASN B 402 5.16 23.94 35.99
CA ASN B 402 4.11 23.06 36.52
C ASN B 402 3.99 21.74 35.77
N ASP B 403 4.85 21.53 34.78
CA ASP B 403 4.82 20.32 33.96
C ASP B 403 5.97 19.39 34.33
N GLU B 404 5.62 18.17 34.72
CA GLU B 404 6.61 17.19 35.15
C GLU B 404 6.86 16.12 34.10
N THR B 405 6.31 16.30 32.90
CA THR B 405 6.43 15.30 31.85
C THR B 405 7.79 15.34 31.15
N ILE B 406 8.46 16.48 31.22
CA ILE B 406 9.75 16.66 30.57
C ILE B 406 10.82 17.02 31.61
N VAL B 407 12.01 16.42 31.45
CA VAL B 407 13.13 16.68 32.34
C VAL B 407 14.45 16.69 31.56
N GLN B 408 15.21 17.76 31.71
CA GLN B 408 16.52 17.88 31.10
C GLN B 408 17.60 17.96 32.17
N LEU B 409 18.58 17.05 32.08
CA LEU B 409 19.66 16.97 33.05
C LEU B 409 21.00 17.29 32.40
N ILE B 410 21.81 18.09 33.09
CA ILE B 410 23.14 18.44 32.62
C ILE B 410 24.15 18.29 33.74
N LEU B 411 25.35 17.82 33.40
CA LEU B 411 26.43 17.75 34.37
C LEU B 411 27.27 19.03 34.31
N PRO B 412 27.82 19.47 35.45
CA PRO B 412 28.55 20.73 35.50
C PRO B 412 30.01 20.55 35.12
N VAL B 413 30.73 21.66 34.98
CA VAL B 413 32.18 21.62 34.82
C VAL B 413 32.80 22.07 36.13
N ARG B 414 33.95 21.50 36.45
CA ARG B 414 34.64 21.76 37.70
C ARG B 414 35.99 22.44 37.48
N THR B 415 36.22 23.52 38.22
CA THR B 415 37.49 24.23 38.19
C THR B 415 38.41 23.64 39.26
N TYR B 416 39.60 23.20 38.85
CA TYR B 416 40.53 22.53 39.74
C TYR B 416 41.97 22.98 39.50
N VAL B 417 42.36 24.08 40.12
CA VAL B 417 43.72 24.59 40.01
C VAL B 417 44.55 24.07 41.18
N VAL B 420 48.84 22.31 32.51
CA VAL B 420 47.82 21.86 33.44
C VAL B 420 46.50 22.57 33.21
N GLU B 421 45.46 21.80 32.90
CA GLU B 421 44.13 22.32 32.63
C GLU B 421 43.31 22.35 33.91
N PRO B 422 42.55 23.43 34.15
CA PRO B 422 41.73 23.50 35.36
C PRO B 422 40.29 23.03 35.14
N GLU B 423 39.81 23.19 33.91
CA GLU B 423 38.43 22.86 33.55
C GLU B 423 38.27 21.36 33.32
N VAL B 424 37.25 20.79 33.94
CA VAL B 424 37.02 19.34 33.87
C VAL B 424 35.52 19.01 33.92
N GLN B 425 35.10 18.14 33.00
CA GLN B 425 33.71 17.70 32.93
C GLN B 425 33.57 16.29 33.53
N GLU B 426 32.49 16.08 34.27
CA GLU B 426 32.19 14.76 34.81
C GLU B 426 31.29 14.01 33.83
N MET B 427 31.37 12.68 33.86
CA MET B 427 30.53 11.83 33.03
C MET B 427 29.42 11.21 33.88
N ILE B 428 28.35 10.75 33.21
CA ILE B 428 27.16 10.22 33.91
C ILE B 428 26.99 8.73 33.61
N VAL B 429 27.54 8.28 32.50
CA VAL B 429 27.71 6.86 32.22
C VAL B 429 29.20 6.62 31.99
N PRO B 430 29.95 6.36 33.08
CA PRO B 430 31.42 6.28 33.03
C PRO B 430 31.95 5.29 31.99
N LEU B 431 32.86 5.77 31.15
CA LEU B 431 33.50 4.93 30.15
C LEU B 431 34.41 3.91 30.80
N THR B 432 34.23 2.65 30.43
CA THR B 432 35.10 1.57 30.92
C THR B 432 36.13 1.23 29.86
N PHE B 433 37.34 0.94 30.31
CA PHE B 433 38.45 0.59 29.43
C PHE B 433 39.21 -0.61 29.94
N ASN B 438 50.63 -6.50 34.27
CA ASN B 438 51.06 -5.44 35.18
C ASN B 438 50.82 -4.05 34.60
N GLU B 439 49.99 -3.96 33.56
CA GLU B 439 49.67 -2.68 32.96
C GLU B 439 48.86 -1.82 33.93
N ALA B 440 47.97 -2.47 34.68
CA ALA B 440 47.16 -1.77 35.67
C ALA B 440 48.02 -1.18 36.77
N LEU B 441 49.21 -1.75 36.96
CA LEU B 441 50.15 -1.22 37.94
C LEU B 441 50.48 0.23 37.61
N ILE B 442 50.81 0.49 36.35
CA ILE B 442 51.08 1.85 35.88
C ILE B 442 49.88 2.75 36.18
N ILE B 443 48.68 2.21 36.05
CA ILE B 443 47.45 2.98 36.23
C ILE B 443 47.35 3.53 37.66
N GLU B 444 47.59 2.67 38.65
CA GLU B 444 47.55 3.08 40.04
C GLU B 444 48.87 3.74 40.46
N GLN B 445 49.95 3.35 39.78
CA GLN B 445 51.27 3.90 40.06
C GLN B 445 51.31 5.40 39.81
N HIS B 446 50.91 5.80 38.61
CA HIS B 446 50.93 7.20 38.19
C HIS B 446 49.51 7.78 38.20
N LYS B 447 48.68 7.30 39.12
CA LYS B 447 47.33 7.80 39.29
C LYS B 447 47.32 9.30 39.63
N GLN B 448 48.48 9.81 40.05
CA GLN B 448 48.67 11.24 40.29
C GLN B 448 49.00 11.99 39.01
N GLU B 449 49.77 11.35 38.13
CA GLU B 449 50.24 11.96 36.90
C GLU B 449 49.10 12.29 35.94
N LEU B 450 48.13 11.39 35.84
CA LEU B 450 47.00 11.60 34.95
C LEU B 450 45.98 12.54 35.58
N GLU B 451 45.87 12.48 36.91
CA GLU B 451 44.98 13.36 37.64
C GLU B 451 45.42 14.82 37.48
N SER B 452 46.72 15.00 37.26
CA SER B 452 47.27 16.32 36.97
C SER B 452 46.73 16.84 35.65
N VAL B 453 46.82 16.01 34.61
CA VAL B 453 46.34 16.38 33.29
C VAL B 453 44.82 16.26 33.11
N GLY B 454 44.13 16.10 34.23
CA GLY B 454 42.68 16.16 34.25
C GLY B 454 42.07 14.79 34.03
N VAL B 455 42.90 13.77 33.84
CA VAL B 455 42.41 12.42 33.60
C VAL B 455 42.20 11.71 34.94
N PHE B 456 40.99 11.83 35.50
CA PHE B 456 40.66 11.19 36.77
C PHE B 456 40.22 9.75 36.55
N LEU B 457 41.13 8.81 36.78
CA LEU B 457 40.84 7.38 36.64
C LEU B 457 40.42 6.77 37.97
N GLU B 458 39.83 5.59 37.80
CA GLU B 458 39.37 4.67 38.83
C GLU B 458 39.48 3.27 38.24
N SER B 459 39.77 2.27 39.06
CA SER B 459 39.84 0.91 38.51
C SER B 459 38.66 0.09 38.99
N PHE B 460 37.80 -0.27 38.06
CA PHE B 460 36.64 -1.08 38.39
C PHE B 460 37.01 -2.50 38.80
N GLY B 461 37.94 -3.06 38.02
CA GLY B 461 38.36 -4.43 38.17
C GLY B 461 39.75 -4.65 37.63
N SER B 462 40.22 -5.89 37.73
CA SER B 462 41.57 -6.18 37.27
C SER B 462 41.78 -5.82 35.81
N ASN B 463 42.85 -5.06 35.58
CA ASN B 463 43.31 -4.61 34.24
C ASN B 463 42.34 -3.74 33.44
N SER B 464 41.43 -3.07 34.13
CA SER B 464 40.46 -2.24 33.51
C SER B 464 40.31 -0.99 34.31
N TYR B 465 40.08 0.12 33.64
CA TYR B 465 39.95 1.41 34.29
C TYR B 465 38.74 2.15 33.79
N ILE B 466 38.31 3.14 34.54
CA ILE B 466 37.11 3.88 34.15
C ILE B 466 37.38 5.39 34.19
N VAL B 467 36.36 6.18 33.82
CA VAL B 467 36.50 7.63 33.79
C VAL B 467 35.30 8.33 34.43
N ARG B 468 35.57 9.03 35.53
CA ARG B 468 34.56 9.84 36.20
C ARG B 468 34.56 11.25 35.62
N CYS B 469 35.71 11.90 35.70
CA CYS B 469 35.90 13.25 35.18
C CYS B 469 36.81 13.24 33.95
N HIS B 470 36.75 14.33 33.17
CA HIS B 470 37.61 14.47 32.00
C HIS B 470 37.66 15.92 31.54
N PRO B 471 38.78 16.34 30.92
CA PRO B 471 38.94 17.68 30.36
C PRO B 471 37.76 18.13 29.50
N ALA B 472 37.31 19.36 29.71
CA ALA B 472 36.16 19.90 29.00
C ALA B 472 36.49 20.19 27.53
N TRP B 473 37.75 20.50 27.24
CA TRP B 473 38.14 20.93 25.91
C TRP B 473 38.16 19.79 24.90
N PHE B 474 38.08 18.55 25.38
CA PHE B 474 38.05 17.39 24.50
C PHE B 474 37.02 17.56 23.39
N PRO B 475 37.39 17.27 22.13
CA PRO B 475 36.40 17.40 21.06
C PRO B 475 35.20 16.48 21.27
N LYS B 476 34.01 17.03 21.14
CA LYS B 476 32.83 16.24 21.41
C LYS B 476 32.77 15.05 20.52
N GLY B 477 32.45 13.95 21.15
CA GLY B 477 32.25 12.68 20.48
C GLY B 477 33.50 11.82 20.34
N GLU B 478 34.65 12.34 20.77
CA GLU B 478 35.92 11.64 20.67
C GLU B 478 36.66 11.64 22.01
N GLU B 479 35.91 11.65 23.10
CA GLU B 479 36.48 11.67 24.44
C GLU B 479 37.29 10.40 24.69
N ALA B 480 36.69 9.25 24.38
CA ALA B 480 37.31 7.96 24.67
C ALA B 480 38.61 7.77 23.90
N GLU B 481 38.56 7.95 22.59
CA GLU B 481 39.72 7.72 21.72
C GLU B 481 40.93 8.53 22.16
N LEU B 482 40.69 9.72 22.69
CA LEU B 482 41.77 10.57 23.17
C LEU B 482 42.28 10.08 24.53
N ILE B 483 41.36 9.81 25.46
CA ILE B 483 41.72 9.30 26.77
C ILE B 483 42.63 8.07 26.64
N GLU B 484 42.47 7.32 25.56
CA GLU B 484 43.28 6.13 25.31
C GLU B 484 44.71 6.49 24.91
N GLU B 485 44.84 7.33 23.88
CA GLU B 485 46.15 7.76 23.41
C GLU B 485 46.98 8.36 24.54
N ILE B 486 46.29 8.95 25.51
CA ILE B 486 46.94 9.50 26.70
C ILE B 486 47.57 8.39 27.54
N ILE B 487 46.77 7.37 27.85
CA ILE B 487 47.25 6.29 28.70
C ILE B 487 48.28 5.44 27.96
N GLN B 488 48.15 5.37 26.64
CA GLN B 488 49.18 4.73 25.82
C GLN B 488 50.51 5.42 26.08
N GLN B 489 50.51 6.74 26.01
CA GLN B 489 51.70 7.54 26.29
C GLN B 489 52.19 7.31 27.72
N VAL B 490 51.25 7.15 28.64
CA VAL B 490 51.58 6.94 30.05
C VAL B 490 52.31 5.61 30.25
N LEU B 491 51.72 4.53 29.76
CA LEU B 491 52.33 3.21 29.87
C LEU B 491 53.47 3.02 28.86
N ASP B 492 53.67 4.02 28.01
CA ASP B 492 54.76 4.02 27.04
C ASP B 492 55.85 5.00 27.45
N SER B 493 55.66 5.66 28.60
CA SER B 493 56.63 6.63 29.09
C SER B 493 57.78 5.91 29.81
N GLU B 504 53.60 18.67 23.93
CA GLU B 504 52.92 17.66 23.14
C GLU B 504 51.41 17.87 23.21
N ALA B 505 50.91 18.13 24.41
CA ALA B 505 49.48 18.30 24.63
C ALA B 505 48.96 19.55 23.92
N ALA B 506 49.72 20.62 24.00
CA ALA B 506 49.34 21.87 23.36
C ALA B 506 49.27 21.71 21.85
N ILE B 507 50.15 20.88 21.31
CA ILE B 507 50.20 20.62 19.87
C ILE B 507 48.98 19.82 19.43
N MET B 508 48.61 18.82 20.24
CA MET B 508 47.42 18.02 19.96
C MET B 508 46.17 18.89 19.95
N MET B 509 46.16 19.93 20.79
CA MET B 509 45.05 20.86 20.85
C MET B 509 45.05 21.80 19.65
N TYR C 33 -35.89 -23.78 -54.19
CA TYR C 33 -37.31 -23.91 -54.48
C TYR C 33 -38.05 -22.64 -54.09
N PHE C 34 -39.27 -22.52 -54.57
CA PHE C 34 -40.08 -21.33 -54.31
C PHE C 34 -40.52 -21.00 -52.90
N GLN C 35 -41.00 -21.97 -52.11
CA GLN C 35 -41.47 -21.59 -50.77
C GLN C 35 -40.87 -22.17 -49.47
N SER C 36 -40.23 -23.33 -49.52
CA SER C 36 -39.71 -23.92 -48.30
C SER C 36 -38.63 -23.05 -47.71
N HIS C 37 -38.64 -22.87 -46.40
CA HIS C 37 -37.61 -22.08 -45.71
C HIS C 37 -37.05 -22.85 -44.52
N MET C 38 -36.13 -23.77 -44.75
CA MET C 38 -35.58 -24.55 -43.67
C MET C 38 -34.22 -24.06 -43.29
N MET C 39 -34.09 -23.54 -42.07
CA MET C 39 -32.83 -23.01 -41.58
C MET C 39 -31.73 -24.07 -41.62
N LYS C 40 -30.54 -23.65 -42.00
CA LYS C 40 -29.41 -24.51 -41.93
C LYS C 40 -28.11 -23.70 -41.97
N PHE C 41 -27.21 -23.97 -41.05
CA PHE C 41 -25.90 -23.33 -41.01
C PHE C 41 -24.98 -24.07 -40.04
N THR C 42 -23.67 -23.83 -40.18
CA THR C 42 -22.68 -24.38 -39.26
C THR C 42 -21.93 -23.25 -38.59
N ILE C 43 -21.86 -23.30 -37.26
CA ILE C 43 -21.28 -22.22 -36.47
C ILE C 43 -20.26 -22.74 -35.46
N GLN C 44 -19.34 -21.87 -35.06
CA GLN C 44 -18.35 -22.22 -34.05
C GLN C 44 -19.02 -22.30 -32.68
N LYS C 45 -18.55 -23.22 -31.84
CA LYS C 45 -19.22 -23.53 -30.58
C LYS C 45 -19.20 -22.36 -29.59
N ASP C 46 -18.02 -21.83 -29.32
CA ASP C 46 -17.84 -20.78 -28.32
C ASP C 46 -18.79 -19.60 -28.53
N ARG C 47 -18.89 -19.11 -29.76
CA ARG C 47 -19.78 -18.00 -30.07
C ARG C 47 -21.23 -18.41 -29.84
N LEU C 48 -21.56 -19.63 -30.21
CA LEU C 48 -22.90 -20.16 -29.99
C LEU C 48 -23.21 -20.25 -28.51
N VAL C 49 -22.25 -20.76 -27.73
CA VAL C 49 -22.41 -20.85 -26.28
C VAL C 49 -22.63 -19.46 -25.70
N GLU C 50 -21.74 -18.53 -26.04
CA GLU C 50 -21.77 -17.18 -25.48
C GLU C 50 -23.10 -16.50 -25.73
N SER C 51 -23.61 -16.60 -26.94
CA SER C 51 -24.85 -15.93 -27.31
C SER C 51 -26.07 -16.58 -26.66
N VAL C 52 -26.09 -17.92 -26.64
CA VAL C 52 -27.18 -18.66 -26.02
C VAL C 52 -27.25 -18.35 -24.53
N GLN C 53 -26.09 -18.28 -23.87
CA GLN C 53 -26.02 -17.95 -22.45
C GLN C 53 -26.61 -16.58 -22.18
N ASP C 54 -26.30 -15.61 -23.03
CA ASP C 54 -26.78 -14.24 -22.84
C ASP C 54 -28.30 -14.16 -22.93
N VAL C 55 -28.86 -14.72 -24.00
CA VAL C 55 -30.30 -14.68 -24.22
C VAL C 55 -31.04 -15.54 -23.21
N LEU C 56 -30.36 -16.56 -22.69
CA LEU C 56 -30.94 -17.48 -21.72
C LEU C 56 -31.33 -16.76 -20.43
N LYS C 57 -30.58 -15.72 -20.09
CA LYS C 57 -30.82 -14.96 -18.87
C LYS C 57 -32.10 -14.15 -18.94
N ALA C 58 -32.73 -14.14 -20.12
CA ALA C 58 -34.01 -13.46 -20.31
C ALA C 58 -35.16 -14.47 -20.35
N VAL C 59 -34.83 -15.75 -20.38
CA VAL C 59 -35.86 -16.80 -20.44
C VAL C 59 -36.41 -17.08 -19.06
N SER C 60 -37.73 -17.10 -18.99
CA SER C 60 -38.46 -17.37 -17.76
C SER C 60 -38.64 -18.87 -17.56
N SER C 61 -38.84 -19.27 -16.31
CA SER C 61 -39.04 -20.68 -15.99
C SER C 61 -40.50 -20.98 -15.65
N ARG C 62 -41.17 -19.99 -15.06
CA ARG C 62 -42.56 -20.11 -14.63
C ARG C 62 -43.48 -19.19 -15.42
N THR C 63 -43.13 -18.95 -16.69
CA THR C 63 -43.94 -18.08 -17.55
C THR C 63 -45.30 -18.68 -17.86
N THR C 64 -46.27 -17.79 -18.11
CA THR C 64 -47.61 -18.19 -18.51
C THR C 64 -47.74 -18.21 -20.03
N ILE C 65 -46.66 -17.82 -20.72
CA ILE C 65 -46.58 -17.92 -22.17
C ILE C 65 -45.66 -19.09 -22.52
N PRO C 66 -46.23 -20.23 -22.97
CA PRO C 66 -45.40 -21.41 -23.22
C PRO C 66 -44.28 -21.20 -24.24
N ILE C 67 -44.56 -20.50 -25.33
CA ILE C 67 -43.57 -20.30 -26.39
C ILE C 67 -42.35 -19.53 -25.87
N LEU C 68 -42.53 -18.77 -24.81
CA LEU C 68 -41.45 -17.97 -24.24
C LEU C 68 -40.36 -18.83 -23.64
N THR C 69 -40.69 -20.09 -23.36
CA THR C 69 -39.73 -21.05 -22.82
C THR C 69 -38.59 -21.30 -23.81
N GLY C 70 -38.86 -21.08 -25.08
CA GLY C 70 -37.89 -21.34 -26.12
C GLY C 70 -37.03 -20.15 -26.47
N ILE C 71 -35.98 -20.43 -27.28
CA ILE C 71 -35.06 -19.40 -27.73
C ILE C 71 -35.29 -19.26 -29.24
N LYS C 72 -35.62 -18.05 -29.67
CA LYS C 72 -35.86 -17.79 -31.09
C LYS C 72 -34.55 -17.59 -31.85
N ILE C 73 -34.25 -18.54 -32.73
CA ILE C 73 -33.08 -18.47 -33.59
C ILE C 73 -33.49 -18.02 -34.98
N VAL C 74 -32.80 -17.02 -35.51
CA VAL C 74 -33.07 -16.51 -36.85
C VAL C 74 -31.78 -16.37 -37.64
N ALA C 75 -31.66 -17.14 -38.72
CA ALA C 75 -30.50 -17.08 -39.59
C ALA C 75 -30.76 -16.15 -40.77
N SER C 76 -29.71 -15.46 -41.21
CA SER C 76 -29.83 -14.51 -42.31
C SER C 76 -28.56 -14.50 -43.15
N ASP C 77 -28.53 -13.62 -44.16
CA ASP C 77 -27.34 -13.45 -44.98
C ASP C 77 -26.22 -12.82 -44.17
N ASP C 78 -26.59 -11.97 -43.21
CA ASP C 78 -25.61 -11.30 -42.37
C ASP C 78 -25.03 -12.25 -41.34
N GLY C 79 -25.87 -13.06 -40.73
CA GLY C 79 -25.45 -14.01 -39.72
C GLY C 79 -26.61 -14.64 -38.99
N VAL C 80 -26.41 -14.95 -37.71
CA VAL C 80 -27.44 -15.58 -36.89
C VAL C 80 -27.78 -14.70 -35.70
N SER C 81 -29.07 -14.62 -35.38
CA SER C 81 -29.54 -13.86 -34.22
C SER C 81 -30.29 -14.78 -33.25
N PHE C 82 -29.96 -14.65 -31.98
CA PHE C 82 -30.61 -15.42 -30.92
C PHE C 82 -31.45 -14.49 -30.05
N THR C 83 -32.68 -14.92 -29.75
CA THR C 83 -33.62 -14.10 -29.00
C THR C 83 -34.33 -14.89 -27.90
N GLY C 84 -34.40 -14.29 -26.72
CA GLY C 84 -35.10 -14.87 -25.58
C GLY C 84 -35.74 -13.76 -24.77
N SER C 85 -36.90 -14.03 -24.20
CA SER C 85 -37.56 -13.02 -23.42
C SER C 85 -38.53 -13.58 -22.41
N ASP C 86 -38.81 -12.82 -21.37
CA ASP C 86 -39.76 -13.21 -20.34
C ASP C 86 -40.98 -12.32 -20.26
N SER C 87 -41.13 -11.44 -21.25
CA SER C 87 -42.17 -10.43 -21.46
C SER C 87 -41.95 -9.14 -20.70
N ASP C 88 -40.92 -9.13 -19.86
CA ASP C 88 -40.51 -7.96 -19.12
C ASP C 88 -39.20 -7.50 -19.69
N ILE C 89 -38.33 -8.45 -19.99
CA ILE C 89 -37.05 -8.14 -20.57
C ILE C 89 -36.86 -8.98 -21.82
N SER C 90 -36.18 -8.42 -22.82
CA SER C 90 -35.90 -9.18 -24.00
C SER C 90 -34.47 -8.96 -24.40
N ILE C 91 -33.77 -10.03 -24.74
CA ILE C 91 -32.39 -9.93 -25.19
C ILE C 91 -32.22 -10.56 -26.56
N GLU C 92 -31.57 -9.84 -27.47
CA GLU C 92 -31.26 -10.36 -28.80
C GLU C 92 -29.76 -10.31 -29.03
N SER C 93 -29.14 -11.49 -29.11
CA SER C 93 -27.71 -11.60 -29.38
C SER C 93 -27.46 -11.98 -30.83
N PHE C 94 -26.57 -11.25 -31.48
CA PHE C 94 -26.28 -11.45 -32.90
C PHE C 94 -24.86 -11.97 -33.08
N ILE C 95 -24.66 -12.77 -34.14
CA ILE C 95 -23.32 -13.24 -34.51
C ILE C 95 -23.14 -13.08 -36.02
N PRO C 96 -22.26 -12.16 -36.45
CA PRO C 96 -22.08 -12.00 -37.89
C PRO C 96 -21.38 -13.20 -38.52
N LYS C 97 -21.55 -13.38 -39.82
CA LYS C 97 -20.89 -14.49 -40.48
C LYS C 97 -19.39 -14.29 -40.37
N GLU C 98 -18.96 -13.06 -40.56
CA GLU C 98 -17.55 -12.77 -40.48
C GLU C 98 -17.25 -11.62 -39.55
N GLU C 99 -16.21 -11.77 -38.74
CA GLU C 99 -15.82 -10.68 -37.87
C GLU C 99 -14.40 -10.36 -38.24
N GLY C 100 -14.19 -9.16 -38.75
CA GLY C 100 -12.88 -8.76 -39.20
C GLY C 100 -12.42 -9.75 -40.24
N ASP C 101 -11.18 -10.19 -40.11
CA ASP C 101 -10.65 -11.20 -41.02
C ASP C 101 -10.81 -12.60 -40.47
N LYS C 102 -12.05 -13.07 -40.34
CA LYS C 102 -12.33 -14.42 -39.87
C LYS C 102 -13.73 -14.87 -40.25
N GLU C 103 -13.98 -16.17 -40.29
CA GLU C 103 -15.33 -16.63 -40.61
C GLU C 103 -15.88 -17.32 -39.39
N ILE C 104 -16.98 -16.80 -38.89
CA ILE C 104 -17.60 -17.32 -37.67
C ILE C 104 -18.73 -18.28 -38.00
N VAL C 105 -19.53 -17.93 -39.00
CA VAL C 105 -20.67 -18.76 -39.40
C VAL C 105 -20.66 -19.02 -40.91
N THR C 106 -21.30 -20.14 -41.30
CA THR C 106 -21.48 -20.44 -42.72
C THR C 106 -22.96 -20.79 -42.85
N ILE C 107 -23.69 -19.93 -43.55
CA ILE C 107 -25.13 -20.12 -43.69
C ILE C 107 -25.48 -20.76 -45.02
N GLU C 108 -25.78 -22.06 -44.98
CA GLU C 108 -26.26 -22.77 -46.16
C GLU C 108 -27.63 -22.26 -46.58
N GLN C 109 -28.53 -22.17 -45.60
CA GLN C 109 -29.90 -21.77 -45.85
C GLN C 109 -30.46 -20.93 -44.70
N PRO C 110 -30.76 -19.65 -44.96
CA PRO C 110 -31.44 -18.83 -43.95
C PRO C 110 -32.76 -19.43 -43.49
N GLY C 111 -33.16 -19.12 -42.25
CA GLY C 111 -34.40 -19.64 -41.69
C GLY C 111 -34.54 -19.23 -40.24
N SER C 112 -35.65 -19.61 -39.63
CA SER C 112 -35.92 -19.23 -38.24
C SER C 112 -36.62 -20.35 -37.47
N ILE C 113 -36.26 -20.49 -36.19
CA ILE C 113 -36.84 -21.53 -35.35
C ILE C 113 -36.80 -21.15 -33.86
N VAL C 114 -37.75 -21.68 -33.11
CA VAL C 114 -37.71 -21.62 -31.65
C VAL C 114 -37.38 -23.00 -31.08
N LEU C 115 -36.29 -23.07 -30.31
CA LEU C 115 -35.91 -24.28 -29.61
C LEU C 115 -36.02 -24.05 -28.11
N GLN C 116 -36.26 -25.12 -27.35
CA GLN C 116 -36.33 -25.01 -25.90
C GLN C 116 -35.01 -24.51 -25.34
N ALA C 117 -35.07 -23.43 -24.58
CA ALA C 117 -33.89 -22.71 -24.13
C ALA C 117 -33.01 -23.54 -23.20
N ARG C 118 -33.61 -24.13 -22.18
CA ARG C 118 -32.87 -24.90 -21.18
C ARG C 118 -32.11 -26.06 -21.80
N PHE C 119 -32.81 -26.87 -22.60
CA PHE C 119 -32.20 -28.04 -23.21
C PHE C 119 -31.16 -27.63 -24.24
N PHE C 120 -31.47 -26.60 -25.02
CA PHE C 120 -30.55 -26.15 -26.08
C PHE C 120 -29.24 -25.69 -25.47
N SER C 121 -29.32 -24.89 -24.41
CA SER C 121 -28.12 -24.41 -23.73
C SER C 121 -27.30 -25.57 -23.17
N GLU C 122 -27.98 -26.56 -22.61
CA GLU C 122 -27.31 -27.73 -22.04
C GLU C 122 -26.57 -28.52 -23.12
N ILE C 123 -27.19 -28.64 -24.29
CA ILE C 123 -26.63 -29.42 -25.40
C ILE C 123 -25.37 -28.77 -25.96
N VAL C 124 -25.43 -27.47 -26.23
CA VAL C 124 -24.32 -26.79 -26.90
C VAL C 124 -23.06 -26.77 -26.04
N LYS C 125 -23.22 -26.71 -24.72
CA LYS C 125 -22.08 -26.75 -23.81
C LYS C 125 -21.32 -28.07 -23.96
N LYS C 126 -22.07 -29.15 -24.16
CA LYS C 126 -21.50 -30.49 -24.21
C LYS C 126 -20.92 -30.82 -25.59
N LEU C 127 -21.17 -29.96 -26.58
CA LEU C 127 -20.72 -30.20 -27.94
C LEU C 127 -19.25 -30.66 -28.05
N PRO C 128 -19.01 -31.84 -28.67
CA PRO C 128 -17.64 -32.36 -28.76
C PRO C 128 -16.70 -31.53 -29.63
N MET C 129 -17.17 -31.10 -30.81
CA MET C 129 -16.30 -30.41 -31.77
C MET C 129 -16.45 -28.90 -31.70
N ALA C 130 -15.47 -28.20 -32.27
CA ALA C 130 -15.47 -26.75 -32.30
C ALA C 130 -16.57 -26.22 -33.19
N THR C 131 -16.83 -26.91 -34.30
CA THR C 131 -17.87 -26.53 -35.24
C THR C 131 -19.16 -27.26 -34.93
N VAL C 132 -20.28 -26.53 -35.00
CA VAL C 132 -21.60 -27.09 -34.72
C VAL C 132 -22.54 -26.82 -35.87
N GLU C 133 -23.37 -27.80 -36.22
CA GLU C 133 -24.31 -27.69 -37.32
C GLU C 133 -25.75 -27.81 -36.86
N ILE C 134 -26.56 -26.81 -37.22
CA ILE C 134 -27.98 -26.83 -36.96
C ILE C 134 -28.74 -26.87 -38.28
N GLU C 135 -29.81 -27.66 -38.33
CA GLU C 135 -30.57 -27.85 -39.56
C GLU C 135 -32.00 -28.26 -39.25
N VAL C 136 -32.94 -27.42 -39.64
CA VAL C 136 -34.32 -27.78 -39.48
C VAL C 136 -34.57 -28.80 -40.58
N GLN C 137 -35.19 -29.92 -40.28
CA GLN C 137 -35.38 -30.88 -41.35
C GLN C 137 -36.77 -30.97 -41.87
N ASN C 138 -37.69 -30.81 -40.98
CA ASN C 138 -39.08 -30.90 -41.32
C ASN C 138 -39.91 -30.09 -40.37
N GLN C 139 -41.20 -30.03 -40.67
CA GLN C 139 -42.09 -29.35 -39.75
C GLN C 139 -42.01 -30.21 -38.50
N TYR C 140 -41.87 -29.51 -37.36
CA TYR C 140 -41.77 -30.22 -36.09
C TYR C 140 -40.39 -30.75 -35.68
N LEU C 141 -39.30 -30.38 -36.45
CA LEU C 141 -37.99 -30.91 -36.02
C LEU C 141 -36.67 -30.26 -36.40
N THR C 142 -35.84 -29.95 -35.42
CA THR C 142 -34.51 -29.41 -35.66
C THR C 142 -33.50 -30.38 -35.09
N ILE C 143 -32.38 -30.56 -35.78
CA ILE C 143 -31.33 -31.43 -35.29
C ILE C 143 -30.00 -30.70 -35.25
N ILE C 144 -29.20 -31.02 -34.23
CA ILE C 144 -27.93 -30.36 -34.01
C ILE C 144 -26.79 -31.34 -34.21
N ARG C 145 -25.75 -30.92 -34.92
CA ARG C 145 -24.67 -31.81 -35.33
C ARG C 145 -23.31 -31.27 -34.90
N SER C 146 -22.60 -32.08 -34.12
CA SER C 146 -21.24 -31.76 -33.70
C SER C 146 -20.42 -33.05 -33.63
N GLY C 147 -19.51 -33.22 -34.59
CA GLY C 147 -18.68 -34.40 -34.66
C GLY C 147 -19.46 -35.64 -35.01
N LYS C 148 -19.65 -36.50 -34.01
CA LYS C 148 -20.30 -37.79 -34.20
C LYS C 148 -21.53 -37.93 -33.31
N ALA C 149 -22.14 -36.79 -32.96
CA ALA C 149 -23.30 -36.78 -32.08
C ALA C 149 -24.44 -35.97 -32.69
N GLU C 150 -25.59 -36.63 -32.87
CA GLU C 150 -26.78 -35.99 -33.41
C GLU C 150 -27.87 -35.83 -32.35
N PHE C 151 -28.29 -34.60 -32.12
CA PHE C 151 -29.42 -34.30 -31.25
C PHE C 151 -30.63 -33.99 -32.11
N ASN C 152 -31.79 -34.54 -31.74
CA ASN C 152 -33.05 -34.25 -32.43
C ASN C 152 -34.02 -33.51 -31.53
N LEU C 153 -34.18 -32.21 -31.77
CA LEU C 153 -35.07 -31.38 -30.97
C LEU C 153 -36.32 -31.01 -31.75
N ASN C 154 -37.44 -30.89 -31.04
CA ASN C 154 -38.70 -30.51 -31.65
C ASN C 154 -38.78 -29.00 -31.82
N GLY C 155 -38.60 -28.53 -33.05
CA GLY C 155 -38.64 -27.11 -33.33
C GLY C 155 -40.05 -26.56 -33.21
N LEU C 156 -40.15 -25.23 -33.17
CA LEU C 156 -41.44 -24.55 -33.15
C LEU C 156 -41.40 -23.31 -34.04
N ASP C 157 -42.47 -23.10 -34.80
CA ASP C 157 -42.54 -22.03 -35.78
C ASP C 157 -42.18 -20.67 -35.17
N ALA C 158 -41.26 -19.97 -35.81
CA ALA C 158 -40.78 -18.68 -35.31
C ALA C 158 -41.88 -17.61 -35.35
N ASP C 159 -42.91 -17.85 -36.16
CA ASP C 159 -44.00 -16.91 -36.32
C ASP C 159 -44.79 -16.75 -35.03
N GLU C 160 -44.87 -17.83 -34.24
CA GLU C 160 -45.60 -17.80 -32.98
C GLU C 160 -44.90 -16.93 -31.94
N TYR C 161 -43.58 -16.80 -32.07
CA TYR C 161 -42.80 -16.02 -31.12
C TYR C 161 -43.16 -14.54 -31.23
N PRO C 162 -43.32 -13.85 -30.08
CA PRO C 162 -43.67 -12.43 -30.14
C PRO C 162 -42.51 -11.55 -30.59
N HIS C 163 -42.82 -10.48 -31.32
CA HIS C 163 -41.79 -9.59 -31.82
C HIS C 163 -41.30 -8.64 -30.73
N LEU C 164 -40.15 -8.02 -30.96
CA LEU C 164 -39.60 -7.07 -30.02
C LEU C 164 -40.53 -5.86 -29.89
N PRO C 165 -40.52 -5.18 -28.74
CA PRO C 165 -41.38 -4.00 -28.56
C PRO C 165 -41.07 -2.90 -29.57
N GLN C 166 -42.11 -2.19 -30.01
CA GLN C 166 -41.93 -1.08 -30.94
C GLN C 166 -41.34 0.13 -30.23
N ILE C 167 -40.06 0.40 -30.52
CA ILE C 167 -39.32 1.50 -29.91
C ILE C 167 -38.97 2.54 -30.97
N GLU C 168 -39.26 3.81 -30.67
CA GLU C 168 -39.02 4.91 -31.59
C GLU C 168 -37.55 5.02 -31.96
N GLU C 169 -36.67 4.93 -30.96
CA GLU C 169 -35.23 4.91 -31.17
C GLU C 169 -34.69 6.23 -31.71
N HIS C 170 -35.39 7.33 -31.43
CA HIS C 170 -34.95 8.64 -31.90
C HIS C 170 -33.89 9.22 -30.95
N HIS C 171 -34.32 9.67 -29.79
N HIS C 171 -34.30 9.62 -29.75
CA HIS C 171 -33.41 10.21 -28.79
CA HIS C 171 -33.40 10.24 -28.79
C HIS C 171 -32.60 9.08 -28.17
C HIS C 171 -32.61 9.20 -27.99
N ALA C 172 -31.28 9.28 -28.08
CA ALA C 172 -30.39 8.31 -27.48
C ALA C 172 -29.52 8.90 -26.38
N ILE C 173 -28.90 8.02 -25.61
CA ILE C 173 -27.95 8.40 -24.58
C ILE C 173 -26.77 7.43 -24.66
N GLN C 174 -25.55 7.98 -24.63
CA GLN C 174 -24.34 7.19 -24.78
C GLN C 174 -23.51 7.19 -23.50
N ILE C 175 -23.34 6.01 -22.92
CA ILE C 175 -22.57 5.82 -21.69
C ILE C 175 -21.51 4.75 -21.92
N PRO C 176 -20.25 5.05 -21.55
CA PRO C 176 -19.22 4.01 -21.61
C PRO C 176 -19.61 2.77 -20.81
N THR C 177 -19.32 1.59 -21.35
CA THR C 177 -19.78 0.34 -20.75
C THR C 177 -19.29 0.18 -19.32
N ASP C 178 -18.01 0.50 -19.07
CA ASP C 178 -17.48 0.36 -17.73
C ASP C 178 -18.20 1.29 -16.76
N LEU C 179 -18.48 2.51 -17.18
CA LEU C 179 -19.19 3.46 -16.34
C LEU C 179 -20.61 2.97 -16.07
N LEU C 180 -21.25 2.43 -17.10
CA LEU C 180 -22.62 1.91 -16.97
C LEU C 180 -22.66 0.78 -15.94
N LYS C 181 -21.70 -0.17 -16.07
CA LYS C 181 -21.64 -1.30 -15.14
C LYS C 181 -21.36 -0.85 -13.71
N ASN C 182 -20.43 0.10 -13.56
CA ASN C 182 -20.09 0.64 -12.26
C ASN C 182 -21.30 1.36 -11.65
N LEU C 183 -22.11 1.93 -12.53
CA LEU C 183 -23.33 2.63 -12.12
C LEU C 183 -24.30 1.65 -11.48
N ILE C 184 -24.52 0.52 -12.16
CA ILE C 184 -25.46 -0.48 -11.69
C ILE C 184 -24.93 -1.23 -10.48
N ARG C 185 -23.62 -1.43 -10.43
CA ARG C 185 -23.00 -2.16 -9.34
C ARG C 185 -23.22 -1.38 -8.04
N GLN C 186 -23.18 -0.06 -8.14
CA GLN C 186 -23.18 0.82 -6.98
C GLN C 186 -24.58 1.27 -6.53
N THR C 187 -25.62 0.74 -7.14
CA THR C 187 -26.99 1.13 -6.81
C THR C 187 -27.95 -0.05 -6.67
N VAL C 188 -27.87 -0.97 -7.62
CA VAL C 188 -28.90 -2.00 -7.78
C VAL C 188 -29.08 -2.85 -6.53
N PHE C 189 -28.02 -3.01 -5.75
CA PHE C 189 -28.08 -3.82 -4.53
C PHE C 189 -29.00 -3.19 -3.48
N ALA C 190 -29.25 -1.89 -3.61
CA ALA C 190 -29.95 -1.14 -2.57
C ALA C 190 -31.43 -0.94 -2.86
N VAL C 191 -31.99 -1.75 -3.76
CA VAL C 191 -33.42 -1.70 -4.02
C VAL C 191 -34.17 -2.55 -3.00
N SER C 192 -35.45 -2.25 -2.81
CA SER C 192 -36.30 -3.06 -1.96
C SER C 192 -36.58 -4.40 -2.65
N THR C 193 -36.83 -5.44 -1.86
CA THR C 193 -37.06 -6.78 -2.41
C THR C 193 -38.53 -7.18 -2.31
N SER C 194 -39.24 -6.59 -1.34
CA SER C 194 -40.66 -6.88 -1.16
C SER C 194 -41.48 -6.45 -2.37
N GLU C 195 -42.35 -7.35 -2.83
CA GLU C 195 -43.16 -7.10 -4.02
C GLU C 195 -44.43 -6.30 -3.72
N THR C 196 -44.68 -6.06 -2.43
CA THR C 196 -45.88 -5.32 -2.03
C THR C 196 -45.85 -3.87 -2.51
N ARG C 197 -44.64 -3.35 -2.70
CA ARG C 197 -44.45 -1.99 -3.21
C ARG C 197 -43.50 -2.02 -4.41
N PRO C 198 -44.01 -2.44 -5.58
CA PRO C 198 -43.22 -2.72 -6.78
C PRO C 198 -42.29 -1.60 -7.24
N ILE C 199 -42.70 -0.35 -7.03
CA ILE C 199 -41.95 0.78 -7.54
C ILE C 199 -40.54 0.85 -6.94
N LEU C 200 -40.41 0.35 -5.71
CA LEU C 200 -39.15 0.41 -5.00
C LEU C 200 -38.24 -0.77 -5.35
N THR C 201 -38.75 -1.71 -6.14
CA THR C 201 -37.95 -2.85 -6.59
C THR C 201 -36.98 -2.39 -7.68
N GLY C 202 -37.38 -1.35 -8.41
CA GLY C 202 -36.58 -0.81 -9.49
C GLY C 202 -35.70 0.34 -9.04
N VAL C 203 -34.82 0.77 -9.94
CA VAL C 203 -33.94 1.91 -9.69
C VAL C 203 -34.44 3.12 -10.45
N ASN C 204 -34.65 4.22 -9.72
CA ASN C 204 -35.09 5.46 -10.36
C ASN C 204 -33.97 6.12 -11.16
N TRP C 205 -34.23 6.32 -12.45
CA TRP C 205 -33.30 6.98 -13.35
C TRP C 205 -33.82 8.37 -13.73
N LYS C 206 -33.17 9.40 -13.20
CA LYS C 206 -33.59 10.78 -13.41
C LYS C 206 -32.51 11.57 -14.14
N VAL C 207 -32.83 11.98 -15.36
CA VAL C 207 -31.91 12.77 -16.18
C VAL C 207 -32.35 14.23 -16.20
N GLU C 208 -31.38 15.13 -15.97
CA GLU C 208 -31.65 16.57 -15.96
C GLU C 208 -30.36 17.35 -16.08
N GLN C 209 -30.34 18.33 -16.99
CA GLN C 209 -29.18 19.18 -17.20
C GLN C 209 -27.93 18.36 -17.53
N SER C 210 -28.07 17.41 -18.44
CA SER C 210 -26.97 16.55 -18.86
C SER C 210 -26.37 15.79 -17.69
N GLU C 211 -27.20 15.47 -16.70
CA GLU C 211 -26.77 14.70 -15.53
C GLU C 211 -27.74 13.57 -15.22
N LEU C 212 -27.21 12.38 -14.95
CA LEU C 212 -28.01 11.24 -14.57
C LEU C 212 -27.92 10.97 -13.07
N LEU C 213 -29.07 10.86 -12.42
CA LEU C 213 -29.14 10.49 -11.00
C LEU C 213 -29.82 9.14 -10.82
N CYS C 214 -29.05 8.15 -10.40
CA CYS C 214 -29.60 6.82 -10.14
C CYS C 214 -29.88 6.64 -8.65
N THR C 215 -31.15 6.42 -8.31
CA THR C 215 -31.56 6.27 -6.92
C THR C 215 -32.14 4.88 -6.67
N ALA C 216 -31.58 4.18 -5.68
CA ALA C 216 -32.08 2.88 -5.26
C ALA C 216 -32.42 2.92 -3.78
N THR C 217 -33.69 2.72 -3.46
CA THR C 217 -34.17 2.80 -2.08
C THR C 217 -34.55 1.43 -1.56
N ASP C 218 -34.17 1.14 -0.37
CA ASP C 218 -34.44 -0.11 0.31
C ASP C 218 -35.24 0.13 1.56
N SER C 219 -35.32 -0.88 2.42
CA SER C 219 -36.14 -0.75 3.61
C SER C 219 -35.54 0.26 4.59
N HIS C 220 -34.21 0.26 4.72
CA HIS C 220 -33.53 1.05 5.73
C HIS C 220 -32.27 1.71 5.20
N ARG C 221 -32.13 1.71 3.88
CA ARG C 221 -30.97 2.28 3.22
C ARG C 221 -31.20 2.67 1.79
N LEU C 222 -30.33 3.49 1.25
CA LEU C 222 -30.45 3.88 -0.15
C LEU C 222 -29.09 4.15 -0.75
N ALA C 223 -29.05 4.21 -2.08
CA ALA C 223 -27.85 4.57 -2.82
C ALA C 223 -28.19 5.59 -3.90
N LEU C 224 -27.40 6.65 -3.97
CA LEU C 224 -27.54 7.67 -5.00
C LEU C 224 -26.26 7.73 -5.84
N ARG C 225 -26.43 7.57 -7.17
CA ARG C 225 -25.27 7.61 -8.07
C ARG C 225 -25.36 8.75 -9.08
N LYS C 226 -24.31 9.53 -9.18
CA LYS C 226 -24.23 10.65 -10.11
C LYS C 226 -23.27 10.56 -11.29
N ALA C 227 -23.83 10.46 -12.49
CA ALA C 227 -23.03 10.44 -13.71
C ALA C 227 -23.28 11.59 -14.68
N LYS C 228 -22.20 12.19 -15.16
CA LYS C 228 -22.29 13.28 -16.12
C LYS C 228 -22.43 12.72 -17.53
N LEU C 229 -23.56 13.01 -18.17
CA LEU C 229 -23.81 12.56 -19.53
C LEU C 229 -23.26 13.56 -20.54
N ASP C 230 -23.25 13.17 -21.81
CA ASP C 230 -22.73 14.01 -22.87
C ASP C 230 -23.84 14.35 -23.87
N ILE C 231 -24.82 15.12 -23.41
CA ILE C 231 -26.00 15.43 -24.21
C ILE C 231 -26.49 16.86 -23.94
N PRO C 232 -27.29 17.42 -24.87
CA PRO C 232 -27.98 18.69 -24.65
C PRO C 232 -28.62 18.81 -23.27
N GLU C 233 -28.48 19.99 -22.65
CA GLU C 233 -28.99 20.22 -21.31
C GLU C 233 -30.50 20.44 -21.29
N ASP C 234 -31.16 20.20 -22.42
CA ASP C 234 -32.60 20.37 -22.52
C ASP C 234 -33.34 19.06 -22.24
N ARG C 235 -32.80 17.95 -22.75
CA ARG C 235 -33.45 16.66 -22.60
C ARG C 235 -33.51 16.22 -21.13
N SER C 236 -34.61 15.56 -20.78
CA SER C 236 -34.83 15.14 -19.39
C SER C 236 -35.64 13.85 -19.34
N TYR C 237 -35.43 13.06 -18.29
CA TYR C 237 -36.14 11.80 -18.10
C TYR C 237 -36.41 11.52 -16.62
N ASN C 238 -37.43 10.72 -16.37
CA ASN C 238 -37.70 10.21 -15.02
C ASN C 238 -38.39 8.85 -15.08
N VAL C 239 -37.57 7.80 -15.19
CA VAL C 239 -38.09 6.44 -15.32
C VAL C 239 -37.53 5.54 -14.22
N VAL C 240 -38.21 4.44 -13.98
CA VAL C 240 -37.79 3.47 -12.97
C VAL C 240 -37.55 2.11 -13.64
N ILE C 241 -36.31 1.65 -13.58
CA ILE C 241 -35.89 0.42 -14.24
C ILE C 241 -35.77 -0.70 -13.20
N PRO C 242 -36.42 -1.85 -13.45
CA PRO C 242 -36.33 -2.99 -12.52
C PRO C 242 -34.89 -3.38 -12.20
N GLY C 243 -34.62 -3.64 -10.92
CA GLY C 243 -33.28 -3.98 -10.49
C GLY C 243 -32.77 -5.27 -11.11
N LYS C 244 -33.68 -6.20 -11.38
CA LYS C 244 -33.31 -7.46 -12.00
C LYS C 244 -32.77 -7.22 -13.40
N SER C 245 -33.46 -6.38 -14.17
CA SER C 245 -33.08 -6.07 -15.53
C SER C 245 -31.63 -5.54 -15.60
N LEU C 246 -31.31 -4.59 -14.73
CA LEU C 246 -29.99 -3.99 -14.70
C LEU C 246 -28.93 -5.00 -14.28
N THR C 247 -29.30 -5.90 -13.38
CA THR C 247 -28.40 -6.96 -12.93
C THR C 247 -28.07 -7.89 -14.09
N GLU C 248 -29.09 -8.31 -14.83
CA GLU C 248 -28.91 -9.20 -15.97
C GLU C 248 -28.18 -8.48 -17.10
N LEU C 249 -28.48 -7.19 -17.27
CA LEU C 249 -27.79 -6.37 -18.27
C LEU C 249 -26.29 -6.31 -17.97
N SER C 250 -25.96 -6.06 -16.72
CA SER C 250 -24.56 -5.94 -16.32
C SER C 250 -23.79 -7.23 -16.58
N LYS C 251 -24.51 -8.36 -16.60
CA LYS C 251 -23.86 -9.65 -16.77
C LYS C 251 -23.41 -9.87 -18.21
N ILE C 252 -24.23 -9.49 -19.17
CA ILE C 252 -23.93 -9.74 -20.59
C ILE C 252 -22.94 -8.72 -21.15
N LEU C 253 -22.85 -7.55 -20.50
CA LEU C 253 -21.92 -6.52 -20.93
C LEU C 253 -20.48 -6.88 -20.55
N ASP C 254 -19.57 -6.75 -21.51
CA ASP C 254 -18.16 -7.03 -21.28
C ASP C 254 -17.48 -5.85 -20.58
N ASP C 255 -16.29 -6.09 -20.06
CA ASP C 255 -15.51 -5.04 -19.39
C ASP C 255 -14.69 -4.24 -20.38
N ASN C 256 -15.24 -3.14 -20.85
CA ASN C 256 -14.54 -2.23 -21.75
C ASN C 256 -15.12 -0.83 -21.67
N GLN C 257 -14.58 0.07 -22.51
CA GLN C 257 -14.99 1.46 -22.59
C GLN C 257 -15.91 1.74 -23.76
N GLU C 258 -16.25 0.73 -24.51
CA GLU C 258 -17.09 0.90 -25.69
C GLU C 258 -18.42 1.52 -25.27
N LEU C 259 -18.94 2.41 -26.11
CA LEU C 259 -20.14 3.17 -25.79
C LEU C 259 -21.41 2.31 -25.89
N VAL C 260 -22.39 2.63 -25.06
CA VAL C 260 -23.67 1.93 -25.03
C VAL C 260 -24.82 2.90 -25.28
N ASP C 261 -25.60 2.65 -26.33
CA ASP C 261 -26.74 3.49 -26.65
C ASP C 261 -27.94 3.12 -25.79
N ILE C 262 -28.49 4.10 -25.09
CA ILE C 262 -29.67 3.90 -24.24
C ILE C 262 -30.84 4.75 -24.72
N VAL C 263 -31.94 4.09 -25.08
CA VAL C 263 -33.15 4.75 -25.54
C VAL C 263 -34.26 4.57 -24.49
N ILE C 264 -34.77 5.68 -23.98
CA ILE C 264 -35.74 5.65 -22.88
C ILE C 264 -37.12 6.15 -23.30
N THR C 265 -38.00 5.22 -23.68
CA THR C 265 -39.36 5.58 -24.07
C THR C 265 -40.24 5.69 -22.83
N GLU C 266 -41.53 5.95 -23.05
CA GLU C 266 -42.47 6.13 -21.95
C GLU C 266 -42.71 4.82 -21.19
N THR C 267 -42.52 3.69 -21.87
CA THR C 267 -42.85 2.38 -21.30
C THR C 267 -41.68 1.40 -21.24
N GLN C 268 -40.62 1.66 -22.00
CA GLN C 268 -39.51 0.72 -22.12
C GLN C 268 -38.14 1.38 -22.11
N VAL C 269 -37.12 0.59 -21.78
CA VAL C 269 -35.72 0.98 -21.99
C VAL C 269 -35.12 0.05 -23.03
N LEU C 270 -34.14 0.59 -23.77
CA LEU C 270 -33.39 -0.19 -24.74
C LEU C 270 -31.90 0.09 -24.59
N PHE C 271 -31.14 -0.94 -24.24
CA PHE C 271 -29.68 -0.86 -24.19
C PHE C 271 -29.10 -1.56 -25.41
N LYS C 272 -28.39 -0.79 -26.23
CA LYS C 272 -27.77 -1.30 -27.44
C LYS C 272 -26.26 -1.32 -27.30
N ALA C 273 -25.68 -2.50 -27.50
CA ALA C 273 -24.24 -2.67 -27.53
C ALA C 273 -23.90 -3.51 -28.75
N LYS C 274 -22.63 -3.75 -28.99
CA LYS C 274 -22.21 -4.49 -30.18
C LYS C 274 -22.82 -5.89 -30.17
N ASN C 275 -23.56 -6.20 -31.23
CA ASN C 275 -24.13 -7.53 -31.45
C ASN C 275 -25.11 -7.97 -30.36
N VAL C 276 -25.62 -7.03 -29.58
CA VAL C 276 -26.58 -7.33 -28.53
C VAL C 276 -27.56 -6.18 -28.30
N LEU C 277 -28.83 -6.53 -28.11
CA LEU C 277 -29.86 -5.58 -27.69
C LEU C 277 -30.47 -6.06 -26.36
N PHE C 278 -30.73 -5.12 -25.46
CA PHE C 278 -31.37 -5.44 -24.18
C PHE C 278 -32.61 -4.58 -23.98
N PHE C 279 -33.76 -5.22 -23.90
CA PHE C 279 -35.03 -4.54 -23.64
C PHE C 279 -35.44 -4.76 -22.19
N SER C 280 -36.12 -3.76 -21.63
CA SER C 280 -36.65 -3.87 -20.27
C SER C 280 -37.88 -2.99 -20.10
N ARG C 281 -38.95 -3.59 -19.60
CA ARG C 281 -40.17 -2.85 -19.31
C ARG C 281 -39.95 -1.94 -18.11
N LEU C 282 -40.47 -0.73 -18.19
CA LEU C 282 -40.34 0.24 -17.10
C LEU C 282 -41.40 0.02 -16.04
N LEU C 283 -41.10 0.47 -14.82
CA LEU C 283 -42.05 0.40 -13.72
C LEU C 283 -42.84 1.70 -13.61
N ASP C 284 -44.16 1.57 -13.63
CA ASP C 284 -45.04 2.73 -13.67
C ASP C 284 -45.30 3.29 -12.27
N GLY C 285 -45.49 4.61 -12.21
CA GLY C 285 -45.72 5.30 -10.96
C GLY C 285 -44.66 6.35 -10.70
N ASN C 286 -44.92 7.22 -9.73
CA ASN C 286 -43.96 8.26 -9.35
C ASN C 286 -43.06 7.76 -8.23
N TYR C 287 -41.75 7.89 -8.44
CA TYR C 287 -40.78 7.47 -7.43
C TYR C 287 -40.71 8.51 -6.31
N PRO C 288 -40.83 8.07 -5.05
CA PRO C 288 -40.73 9.02 -3.94
C PRO C 288 -39.40 9.76 -3.89
N ASP C 289 -39.41 10.97 -3.35
CA ASP C 289 -38.22 11.80 -3.26
C ASP C 289 -37.38 11.42 -2.04
N THR C 290 -36.89 10.18 -2.04
CA THR C 290 -36.17 9.65 -0.89
C THR C 290 -34.77 10.26 -0.74
N THR C 291 -34.25 10.85 -1.81
CA THR C 291 -32.97 11.54 -1.75
C THR C 291 -33.04 12.73 -0.81
N SER C 292 -34.26 13.12 -0.46
CA SER C 292 -34.49 14.22 0.47
C SER C 292 -33.99 13.91 1.88
N LEU C 293 -33.57 12.68 2.12
CA LEU C 293 -33.04 12.29 3.43
C LEU C 293 -31.54 12.54 3.55
N ILE C 294 -30.89 12.83 2.43
CA ILE C 294 -29.45 13.07 2.42
C ILE C 294 -29.12 14.46 2.95
N PRO C 295 -28.40 14.54 4.08
CA PRO C 295 -28.07 15.84 4.68
C PRO C 295 -26.80 16.47 4.12
N GLN C 296 -26.60 17.74 4.41
CA GLN C 296 -25.39 18.41 4.03
C GLN C 296 -24.54 18.69 5.26
N ASP C 297 -25.09 18.48 6.44
CA ASP C 297 -24.38 18.70 7.70
C ASP C 297 -23.98 17.39 8.37
N SER C 298 -23.08 17.50 9.34
CA SER C 298 -22.62 16.36 10.12
C SER C 298 -21.89 16.85 11.36
N LYS C 299 -22.10 16.16 12.49
CA LYS C 299 -21.46 16.54 13.75
C LYS C 299 -20.16 15.76 13.95
N THR C 300 -20.06 14.59 13.32
CA THR C 300 -18.86 13.75 13.43
C THR C 300 -18.40 13.28 12.05
N GLU C 301 -17.10 13.38 11.81
CA GLU C 301 -16.51 13.04 10.52
C GLU C 301 -15.36 12.05 10.70
N ILE C 302 -15.50 10.88 10.09
CA ILE C 302 -14.48 9.84 10.14
C ILE C 302 -13.99 9.46 8.75
N ILE C 303 -12.67 9.43 8.58
CA ILE C 303 -12.03 8.89 7.39
C ILE C 303 -11.18 7.69 7.79
N VAL C 304 -11.46 6.54 7.19
CA VAL C 304 -10.77 5.31 7.53
C VAL C 304 -10.39 4.48 6.30
N ASN C 305 -9.37 3.66 6.48
CA ASN C 305 -9.00 2.66 5.49
C ASN C 305 -10.19 1.76 5.18
N THR C 306 -10.53 1.67 3.90
CA THR C 306 -11.67 0.88 3.45
C THR C 306 -11.57 -0.57 3.87
N LYS C 307 -10.43 -1.18 3.55
CA LYS C 307 -10.22 -2.61 3.75
C LYS C 307 -10.29 -3.00 5.23
N GLU C 308 -9.50 -2.31 6.05
CA GLU C 308 -9.48 -2.56 7.49
C GLU C 308 -10.83 -2.35 8.13
N PHE C 309 -11.54 -1.31 7.70
CA PHE C 309 -12.87 -1.02 8.23
C PHE C 309 -13.85 -2.13 7.84
N LEU C 310 -13.79 -2.55 6.57
CA LEU C 310 -14.68 -3.60 6.07
C LEU C 310 -14.45 -4.92 6.82
N GLN C 311 -13.18 -5.27 6.96
CA GLN C 311 -12.80 -6.51 7.63
C GLN C 311 -13.23 -6.54 9.09
N ALA C 312 -13.20 -5.38 9.74
CA ALA C 312 -13.60 -5.26 11.13
C ALA C 312 -15.10 -5.41 11.29
N ILE C 313 -15.86 -4.73 10.44
CA ILE C 313 -17.32 -4.81 10.47
C ILE C 313 -17.75 -6.24 10.16
N ASP C 314 -16.98 -6.90 9.32
CA ASP C 314 -17.26 -8.28 8.92
C ASP C 314 -17.07 -9.23 10.10
N ARG C 315 -15.98 -9.04 10.84
CA ARG C 315 -15.70 -9.85 12.02
C ARG C 315 -16.73 -9.62 13.12
N ALA C 316 -17.26 -8.40 13.19
CA ALA C 316 -18.23 -8.04 14.22
C ALA C 316 -19.59 -8.66 13.95
N SER C 317 -19.83 -9.04 12.69
CA SER C 317 -21.11 -9.61 12.28
C SER C 317 -21.13 -11.13 12.39
N LEU C 318 -20.00 -11.72 12.78
CA LEU C 318 -19.88 -13.18 12.83
C LEU C 318 -20.71 -13.78 13.96
N LEU C 319 -21.01 -12.98 14.99
CA LEU C 319 -21.77 -13.46 16.13
C LEU C 319 -23.24 -13.69 15.81
N ALA C 320 -23.66 -13.25 14.63
CA ALA C 320 -25.03 -13.47 14.18
C ALA C 320 -25.33 -14.97 14.22
N ARG C 321 -26.39 -15.35 14.80
CA ARG C 321 -26.78 -16.75 14.97
C ARG C 321 -27.05 -17.45 13.67
N GLU C 322 -27.39 -16.66 12.68
CA GLU C 322 -27.81 -17.20 11.39
C GLU C 322 -29.20 -17.82 11.48
N GLY C 323 -30.13 -17.09 12.09
CA GLY C 323 -31.48 -17.59 12.31
C GLY C 323 -32.40 -16.52 12.86
N ASN C 325 -32.04 -9.90 13.75
CA ASN C 325 -30.81 -9.72 13.00
C ASN C 325 -29.70 -9.18 13.89
N ASN C 326 -28.46 -9.25 13.40
CA ASN C 326 -27.32 -8.78 14.14
C ASN C 326 -27.26 -7.25 14.18
N VAL C 327 -26.63 -6.73 15.22
CA VAL C 327 -26.46 -5.29 15.40
C VAL C 327 -25.04 -5.01 15.86
N VAL C 328 -24.37 -4.11 15.14
CA VAL C 328 -23.00 -3.71 15.45
C VAL C 328 -22.98 -2.24 15.88
N LYS C 329 -22.05 -1.92 16.78
CA LYS C 329 -21.93 -0.59 17.35
C LYS C 329 -20.58 0.03 17.02
N LEU C 330 -20.60 1.27 16.55
CA LEU C 330 -19.39 2.02 16.28
C LEU C 330 -19.21 3.09 17.36
N SER C 331 -18.01 3.19 17.90
CA SER C 331 -17.67 4.21 18.89
C SER C 331 -16.41 4.95 18.44
N ALA C 332 -16.55 6.26 18.24
CA ALA C 332 -15.45 7.09 17.74
C ALA C 332 -15.28 8.36 18.55
N LYS C 333 -14.03 8.78 18.70
CA LYS C 333 -13.67 9.96 19.47
C LYS C 333 -12.36 10.51 18.91
N PRO C 334 -12.24 11.85 18.80
CA PRO C 334 -11.00 12.38 18.24
C PRO C 334 -9.76 11.96 19.02
N ALA C 335 -8.67 11.70 18.29
CA ALA C 335 -7.40 11.27 18.88
C ALA C 335 -7.56 9.95 19.64
N GLU C 336 -8.47 9.11 19.16
CA GLU C 336 -8.66 7.77 19.72
C GLU C 336 -9.03 6.79 18.62
N SER C 337 -8.63 5.53 18.80
CA SER C 337 -8.96 4.49 17.83
C SER C 337 -10.46 4.27 17.76
N ILE C 338 -10.96 4.01 16.56
CA ILE C 338 -12.35 3.63 16.38
C ILE C 338 -12.57 2.26 17.00
N GLU C 339 -13.73 2.08 17.65
CA GLU C 339 -14.05 0.82 18.29
C GLU C 339 -15.32 0.20 17.70
N ILE C 340 -15.14 -0.89 16.96
CA ILE C 340 -16.26 -1.68 16.47
C ILE C 340 -16.54 -2.78 17.48
N SER C 341 -17.82 -3.03 17.74
CA SER C 341 -18.21 -4.04 18.73
C SER C 341 -19.57 -4.63 18.45
N SER C 342 -19.81 -5.80 19.04
CA SER C 342 -21.10 -6.49 18.90
C SER C 342 -21.35 -7.38 20.11
N ASN C 343 -22.59 -7.38 20.59
CA ASN C 343 -22.97 -8.20 21.74
C ASN C 343 -24.12 -9.15 21.41
N SER C 344 -23.82 -10.45 21.46
CA SER C 344 -24.83 -11.48 21.24
C SER C 344 -25.02 -12.27 22.54
N PRO C 345 -26.19 -12.12 23.18
CA PRO C 345 -26.36 -12.87 24.43
C PRO C 345 -26.42 -14.36 24.17
N GLU C 346 -25.90 -15.15 25.12
CA GLU C 346 -25.89 -16.61 25.03
C GLU C 346 -24.92 -17.13 23.97
N ILE C 347 -24.07 -16.25 23.43
CA ILE C 347 -23.06 -16.64 22.46
C ILE C 347 -21.73 -15.96 22.79
N GLY C 348 -21.78 -14.66 23.04
CA GLY C 348 -20.57 -13.90 23.36
C GLY C 348 -20.58 -12.52 22.74
N LYS C 349 -19.40 -11.89 22.67
CA LYS C 349 -19.28 -10.54 22.12
C LYS C 349 -17.97 -10.34 21.35
N VAL C 350 -17.92 -9.29 20.54
CA VAL C 350 -16.72 -8.93 19.78
C VAL C 350 -16.32 -7.49 20.06
N VAL C 351 -15.03 -7.23 20.00
CA VAL C 351 -14.50 -5.88 20.07
C VAL C 351 -13.27 -5.77 19.18
N GLU C 352 -13.26 -4.78 18.29
CA GLU C 352 -12.09 -4.52 17.47
C GLU C 352 -11.80 -3.04 17.36
N ALA C 353 -10.52 -2.70 17.39
CA ALA C 353 -10.08 -1.32 17.27
C ALA C 353 -9.51 -1.05 15.89
N ILE C 354 -9.72 0.16 15.39
CA ILE C 354 -9.17 0.61 14.12
C ILE C 354 -8.65 2.03 14.25
N VAL C 355 -7.40 2.23 13.81
CA VAL C 355 -6.84 3.57 13.72
C VAL C 355 -7.37 4.25 12.48
N ALA C 356 -8.03 5.38 12.66
CA ALA C 356 -8.59 6.13 11.54
C ALA C 356 -7.58 7.13 10.99
N ASP C 357 -7.65 7.36 9.69
CA ASP C 357 -6.84 8.38 9.05
C ASP C 357 -7.24 9.74 9.59
N GLN C 358 -8.50 9.87 9.97
CA GLN C 358 -9.02 11.14 10.47
C GLN C 358 -10.32 10.97 11.25
N ILE C 359 -10.36 11.57 12.43
CA ILE C 359 -11.58 11.67 13.22
C ILE C 359 -11.78 13.12 13.61
N GLU C 360 -12.95 13.66 13.30
CA GLU C 360 -13.27 15.06 13.59
C GLU C 360 -14.69 15.22 14.09
N GLY C 361 -14.84 16.07 15.10
CA GLY C 361 -16.15 16.46 15.60
C GLY C 361 -16.54 15.84 16.92
N GLU C 362 -17.84 15.58 17.04
CA GLU C 362 -18.46 15.17 18.29
C GLU C 362 -18.21 13.71 18.61
N GLU C 363 -18.11 13.39 19.90
CA GLU C 363 -17.99 12.01 20.35
C GLU C 363 -19.20 11.23 19.85
N LEU C 364 -18.97 10.04 19.33
CA LEU C 364 -20.02 9.27 18.68
C LEU C 364 -20.12 7.83 19.20
N ASN C 365 -21.35 7.42 19.47
CA ASN C 365 -21.67 6.02 19.73
C ASN C 365 -22.96 5.68 19.01
N ILE C 366 -22.85 4.88 17.95
CA ILE C 366 -23.97 4.60 17.06
C ILE C 366 -24.04 3.12 16.72
N SER C 367 -25.25 2.63 16.49
CA SER C 367 -25.48 1.24 16.12
C SER C 367 -26.18 1.14 14.77
N PHE C 368 -25.99 0.01 14.10
CA PHE C 368 -26.53 -0.20 12.77
C PHE C 368 -26.45 -1.67 12.38
N SER C 369 -27.19 -2.05 11.35
CA SER C 369 -27.15 -3.41 10.84
C SER C 369 -25.87 -3.61 10.02
N PRO C 370 -25.09 -4.66 10.34
CA PRO C 370 -23.78 -4.81 9.68
C PRO C 370 -23.89 -5.03 8.18
N LYS C 371 -24.96 -5.69 7.74
CA LYS C 371 -25.15 -6.02 6.33
C LYS C 371 -25.18 -4.76 5.46
N TYR C 372 -25.98 -3.79 5.89
CA TYR C 372 -26.12 -2.54 5.15
C TYR C 372 -24.78 -1.83 5.01
N MET C 373 -24.04 -1.75 6.11
CA MET C 373 -22.71 -1.15 6.09
C MET C 373 -21.81 -1.91 5.12
N LEU C 374 -21.78 -3.24 5.25
CA LEU C 374 -20.91 -4.07 4.42
C LEU C 374 -21.24 -3.94 2.94
N ASP C 375 -22.52 -3.83 2.61
CA ASP C 375 -22.94 -3.66 1.22
C ASP C 375 -22.41 -2.36 0.65
N ALA C 376 -22.54 -1.28 1.42
CA ALA C 376 -22.07 0.03 0.99
C ALA C 376 -20.56 0.02 0.76
N LEU C 377 -19.82 -0.60 1.68
CA LEU C 377 -18.36 -0.61 1.62
C LEU C 377 -17.83 -1.36 0.40
N LYS C 378 -18.43 -2.50 0.09
CA LYS C 378 -17.99 -3.33 -1.02
C LYS C 378 -18.08 -2.61 -2.36
N VAL C 379 -19.01 -1.66 -2.42
CA VAL C 379 -19.39 -1.03 -3.67
C VAL C 379 -18.60 0.27 -3.89
N LEU C 380 -17.87 0.69 -2.88
CA LEU C 380 -17.05 1.90 -2.96
C LEU C 380 -15.61 1.59 -3.31
N GLU C 381 -15.17 2.15 -4.44
CA GLU C 381 -13.78 2.04 -4.86
C GLU C 381 -12.96 3.05 -4.07
N GLY C 382 -11.67 2.79 -3.90
CA GLY C 382 -10.78 3.69 -3.20
C GLY C 382 -10.26 3.11 -1.91
N ALA C 383 -9.09 3.58 -1.50
CA ALA C 383 -8.44 3.08 -0.29
C ALA C 383 -9.09 3.65 0.97
N GLU C 384 -9.82 4.75 0.82
CA GLU C 384 -10.45 5.44 1.94
C GLU C 384 -11.96 5.53 1.79
N ILE C 385 -12.64 5.67 2.92
CA ILE C 385 -14.06 5.96 2.95
C ILE C 385 -14.35 7.07 3.95
N ARG C 386 -15.36 7.90 3.59
CA ARG C 386 -15.76 8.98 4.45
C ARG C 386 -17.13 8.65 5.05
N VAL C 387 -17.15 8.44 6.37
CA VAL C 387 -18.41 8.19 7.07
C VAL C 387 -18.77 9.43 7.88
N SER C 388 -19.93 10.00 7.58
CA SER C 388 -20.38 11.25 8.19
C SER C 388 -21.58 11.00 9.10
N PHE C 389 -21.47 11.43 10.35
CA PHE C 389 -22.53 11.22 11.34
C PHE C 389 -23.07 12.52 11.92
N THR C 390 -24.30 12.47 12.40
CA THR C 390 -24.90 13.55 13.11
C THR C 390 -25.73 12.96 14.24
N GLY C 391 -25.09 12.39 15.24
CA GLY C 391 -25.77 11.77 16.35
C GLY C 391 -26.01 10.28 16.13
N ALA C 392 -26.56 9.63 17.14
CA ALA C 392 -26.73 8.18 17.14
C ALA C 392 -27.97 7.70 16.38
N MET C 393 -28.93 8.59 16.15
CA MET C 393 -30.22 8.16 15.60
C MET C 393 -30.54 8.75 14.22
N ARG C 394 -29.73 9.70 13.76
CA ARG C 394 -29.92 10.26 12.43
C ARG C 394 -29.23 9.39 11.38
N PRO C 395 -29.85 9.27 10.19
CA PRO C 395 -29.18 8.59 9.07
C PRO C 395 -27.78 9.13 8.82
N PHE C 396 -26.80 8.23 8.68
CA PHE C 396 -25.43 8.63 8.41
C PHE C 396 -25.08 8.31 6.96
N LEU C 397 -24.02 8.93 6.47
CA LEU C 397 -23.62 8.79 5.07
C LEU C 397 -22.29 8.06 4.95
N ILE C 398 -22.13 7.33 3.85
CA ILE C 398 -20.86 6.72 3.49
C ILE C 398 -20.49 7.19 2.10
N ARG C 399 -19.26 7.68 1.97
CA ARG C 399 -18.78 8.25 0.72
C ARG C 399 -17.29 8.07 0.59
N THR C 400 -16.75 8.41 -0.58
CA THR C 400 -15.31 8.54 -0.74
C THR C 400 -14.94 10.00 -0.48
N PRO C 401 -13.78 10.25 0.15
CA PRO C 401 -13.43 11.64 0.46
C PRO C 401 -13.34 12.52 -0.78
N ASN C 402 -13.82 13.76 -0.67
CA ASN C 402 -13.80 14.72 -1.77
C ASN C 402 -14.40 14.14 -3.05
N ASP C 403 -15.55 13.49 -2.92
CA ASP C 403 -16.25 12.93 -4.07
C ASP C 403 -17.73 12.74 -3.73
N GLU C 404 -18.59 13.31 -4.55
CA GLU C 404 -20.03 13.27 -4.33
C GLU C 404 -20.76 12.56 -5.46
N THR C 405 -20.02 11.81 -6.28
CA THR C 405 -20.64 11.06 -7.37
C THR C 405 -21.50 9.92 -6.82
N ILE C 406 -21.10 9.39 -5.66
CA ILE C 406 -21.80 8.28 -5.04
C ILE C 406 -22.04 8.55 -3.55
N VAL C 407 -23.27 8.31 -3.12
CA VAL C 407 -23.65 8.54 -1.73
C VAL C 407 -24.49 7.36 -1.20
N GLN C 408 -23.95 6.69 -0.19
CA GLN C 408 -24.67 5.63 0.50
C GLN C 408 -25.23 6.17 1.80
N LEU C 409 -26.53 5.94 2.03
CA LEU C 409 -27.20 6.40 3.24
C LEU C 409 -27.84 5.23 3.98
N ILE C 410 -27.60 5.18 5.28
CA ILE C 410 -28.10 4.09 6.13
C ILE C 410 -28.77 4.64 7.38
N LEU C 411 -29.98 4.18 7.64
CA LEU C 411 -30.70 4.51 8.88
C LEU C 411 -30.18 3.63 10.02
N PRO C 412 -29.66 4.24 11.10
CA PRO C 412 -29.05 3.43 12.16
C PRO C 412 -30.07 2.70 13.03
N VAL C 413 -29.58 1.81 13.89
CA VAL C 413 -30.44 1.14 14.86
C VAL C 413 -30.58 2.05 16.08
N ARG C 414 -31.81 2.46 16.35
CA ARG C 414 -32.10 3.29 17.52
C ARG C 414 -32.13 2.39 18.75
N THR C 415 -31.35 2.76 19.76
CA THR C 415 -31.29 1.99 20.99
C THR C 415 -31.96 2.72 22.14
N TYR C 416 -33.06 2.15 22.65
CA TYR C 416 -33.75 2.68 23.81
C TYR C 416 -33.49 1.75 24.99
N VAL C 417 -32.66 2.22 25.92
CA VAL C 417 -32.07 1.35 26.93
C VAL C 417 -33.14 0.72 27.82
N ASP C 418 -33.90 1.55 28.52
CA ASP C 418 -34.97 1.08 29.39
C ASP C 418 -36.26 0.90 28.60
N SER C 419 -36.27 -0.12 27.73
CA SER C 419 -37.40 -0.37 26.84
C SER C 419 -37.58 -1.87 26.63
N VAL C 420 -38.78 -2.26 26.21
CA VAL C 420 -39.07 -3.67 25.94
C VAL C 420 -38.24 -4.12 24.76
N GLU C 421 -38.39 -3.39 23.65
CA GLU C 421 -37.51 -3.55 22.48
C GLU C 421 -36.41 -2.49 22.54
N PRO C 422 -35.19 -2.87 22.96
CA PRO C 422 -34.15 -1.85 23.10
C PRO C 422 -33.36 -1.61 21.82
N GLU C 423 -33.87 -2.13 20.70
CA GLU C 423 -33.21 -1.97 19.42
C GLU C 423 -34.25 -1.83 18.31
N VAL C 424 -34.32 -0.63 17.74
CA VAL C 424 -35.37 -0.28 16.80
C VAL C 424 -34.78 0.21 15.47
N GLN C 425 -35.51 -0.06 14.39
CA GLN C 425 -35.08 0.31 13.05
C GLN C 425 -36.17 1.11 12.33
N GLU C 426 -35.85 2.35 11.98
CA GLU C 426 -36.78 3.19 11.23
C GLU C 426 -36.73 2.85 9.75
N MET C 427 -37.84 3.10 9.05
CA MET C 427 -37.92 2.87 7.61
C MET C 427 -37.96 4.19 6.84
N ILE C 428 -37.34 4.21 5.67
CA ILE C 428 -37.34 5.39 4.83
C ILE C 428 -38.75 5.68 4.32
N VAL C 429 -39.32 4.71 3.59
CA VAL C 429 -40.71 4.80 3.13
C VAL C 429 -41.60 4.00 4.08
N PRO C 430 -42.46 4.69 4.86
CA PRO C 430 -43.21 3.94 5.87
C PRO C 430 -44.31 3.06 5.27
N LEU C 431 -44.76 2.08 6.03
CA LEU C 431 -45.81 1.16 5.59
C LEU C 431 -47.18 1.67 6.03
N THR C 432 -48.18 1.48 5.17
CA THR C 432 -49.54 1.90 5.46
C THR C 432 -50.48 0.69 5.51
N PHE C 433 -51.54 0.80 6.30
CA PHE C 433 -52.50 -0.29 6.48
C PHE C 433 -53.93 0.23 6.62
N HIS C 434 -54.70 0.15 5.54
CA HIS C 434 -56.08 0.62 5.53
C HIS C 434 -57.06 -0.53 5.32
N TYR C 435 -57.59 -1.05 6.43
CA TYR C 435 -58.54 -2.16 6.40
C TYR C 435 -59.98 -1.67 6.41
N SER C 436 -60.91 -2.57 6.67
CA SER C 436 -62.34 -2.24 6.71
C SER C 436 -62.69 -1.58 8.03
N THR C 437 -63.75 -0.76 8.00
CA THR C 437 -64.18 0.01 9.16
C THR C 437 -64.28 -0.83 10.43
N ASN C 438 -64.94 -1.99 10.33
CA ASN C 438 -65.18 -2.84 11.49
C ASN C 438 -63.87 -3.27 12.14
N GLU C 439 -62.97 -3.84 11.35
CA GLU C 439 -61.67 -4.28 11.85
C GLU C 439 -60.72 -3.09 12.07
N ALA C 440 -61.14 -1.92 11.60
CA ALA C 440 -60.36 -0.70 11.77
C ALA C 440 -60.68 -0.04 13.11
N LEU C 441 -61.97 0.10 13.42
CA LEU C 441 -62.40 0.75 14.65
C LEU C 441 -62.05 -0.09 15.87
N ILE C 442 -62.25 -1.40 15.77
CA ILE C 442 -61.97 -2.30 16.89
C ILE C 442 -60.49 -2.30 17.22
N ILE C 443 -59.65 -2.57 16.23
CA ILE C 443 -58.21 -2.59 16.40
C ILE C 443 -57.68 -1.24 16.85
N GLU C 444 -58.44 -0.18 16.57
CA GLU C 444 -58.04 1.17 16.96
C GLU C 444 -58.29 1.42 18.43
N GLN C 445 -59.40 0.90 18.94
CA GLN C 445 -59.78 1.07 20.34
C GLN C 445 -58.69 0.55 21.27
N HIS C 446 -58.00 -0.50 20.84
CA HIS C 446 -56.98 -1.13 21.64
C HIS C 446 -55.60 -0.99 20.99
N LYS C 447 -55.47 0.01 20.11
CA LYS C 447 -54.24 0.27 19.34
C LYS C 447 -52.94 -0.10 20.09
N GLN C 448 -52.89 0.15 21.38
CA GLN C 448 -51.68 -0.17 22.14
C GLN C 448 -51.67 -1.61 22.66
N GLU C 449 -52.51 -2.46 22.08
CA GLU C 449 -52.59 -3.86 22.47
C GLU C 449 -51.49 -4.68 21.78
N LEU C 450 -51.48 -4.65 20.45
CA LEU C 450 -50.49 -5.37 19.67
C LEU C 450 -49.25 -4.50 19.44
N GLU C 451 -49.29 -3.28 19.94
CA GLU C 451 -48.17 -2.35 19.82
C GLU C 451 -47.12 -2.63 20.90
N SER C 452 -47.39 -3.61 21.75
CA SER C 452 -46.51 -3.93 22.88
C SER C 452 -45.33 -4.79 22.43
N VAL C 453 -45.61 -5.76 21.55
CA VAL C 453 -44.60 -6.69 21.03
C VAL C 453 -43.39 -5.96 20.50
N GLY C 454 -43.52 -4.67 20.26
CA GLY C 454 -42.39 -4.03 19.62
C GLY C 454 -42.70 -3.85 18.15
N VAL C 455 -43.75 -3.09 18.03
CA VAL C 455 -44.33 -2.47 16.86
C VAL C 455 -44.76 -1.10 17.37
N PHE C 456 -44.51 -0.03 16.62
CA PHE C 456 -45.04 1.30 16.96
C PHE C 456 -46.01 1.65 15.82
N LEU C 457 -46.97 2.51 16.07
CA LEU C 457 -47.94 2.83 15.04
C LEU C 457 -48.26 4.31 15.05
N GLU C 458 -48.90 4.77 13.98
CA GLU C 458 -49.33 6.15 13.86
C GLU C 458 -50.59 6.21 13.00
N SER C 459 -51.52 7.07 13.32
CA SER C 459 -52.73 7.14 12.54
C SER C 459 -52.72 8.32 11.61
N PHE C 460 -53.13 8.10 10.37
CA PHE C 460 -53.22 9.18 9.39
C PHE C 460 -54.37 8.93 8.42
N GLY C 461 -54.87 10.00 7.78
CA GLY C 461 -55.95 9.86 6.84
C GLY C 461 -57.14 9.32 7.56
N SER C 462 -57.78 8.29 7.04
CA SER C 462 -58.92 7.75 7.73
C SER C 462 -58.90 6.25 7.90
N ASN C 463 -59.02 5.78 9.12
CA ASN C 463 -59.08 4.33 9.31
C ASN C 463 -57.92 3.67 8.55
N SER C 464 -56.72 4.18 8.82
CA SER C 464 -55.50 3.67 8.21
C SER C 464 -54.32 4.13 9.06
N TYR C 465 -53.34 3.25 9.24
CA TYR C 465 -52.20 3.55 10.11
C TYR C 465 -50.91 3.66 9.31
N ILE C 466 -49.91 4.30 9.93
CA ILE C 466 -48.61 4.51 9.32
C ILE C 466 -47.51 4.00 10.23
N VAL C 467 -46.78 2.99 9.77
CA VAL C 467 -45.67 2.42 10.53
C VAL C 467 -44.35 2.95 10.00
N ARG C 468 -43.66 3.73 10.84
CA ARG C 468 -42.39 4.32 10.47
C ARG C 468 -41.26 3.50 11.05
N CYS C 469 -41.60 2.63 12.00
CA CYS C 469 -40.56 1.87 12.69
C CYS C 469 -40.98 0.47 13.13
N HIS C 470 -39.95 -0.33 13.44
CA HIS C 470 -40.13 -1.71 13.88
C HIS C 470 -38.87 -2.18 14.58
N PRO C 471 -38.95 -3.35 15.24
CA PRO C 471 -37.79 -3.92 15.92
C PRO C 471 -36.69 -4.31 14.96
N ALA C 472 -35.46 -4.25 15.43
CA ALA C 472 -34.31 -4.54 14.60
C ALA C 472 -34.25 -6.02 14.21
N TRP C 473 -34.94 -6.88 14.96
CA TRP C 473 -34.82 -8.33 14.72
C TRP C 473 -35.76 -8.86 13.65
N PHE C 474 -36.63 -8.00 13.13
CA PHE C 474 -37.54 -8.41 12.07
C PHE C 474 -36.78 -8.89 10.84
N PRO C 475 -37.35 -9.86 10.10
CA PRO C 475 -36.69 -10.36 8.89
C PRO C 475 -36.74 -9.33 7.75
N LYS C 476 -35.59 -9.11 7.11
CA LYS C 476 -35.49 -8.12 6.05
C LYS C 476 -36.27 -8.57 4.81
N GLY C 477 -36.99 -7.64 4.20
CA GLY C 477 -37.78 -7.93 3.02
C GLY C 477 -39.13 -8.55 3.34
N GLU C 478 -39.42 -8.70 4.63
CA GLU C 478 -40.67 -9.33 5.07
C GLU C 478 -41.22 -8.63 6.31
N GLU C 479 -40.84 -7.37 6.51
CA GLU C 479 -41.30 -6.61 7.66
C GLU C 479 -42.79 -6.32 7.54
N ALA C 480 -43.22 -5.94 6.33
CA ALA C 480 -44.61 -5.60 6.08
C ALA C 480 -45.53 -6.79 6.33
N GLU C 481 -45.17 -7.93 5.75
CA GLU C 481 -45.98 -9.14 5.86
C GLU C 481 -46.13 -9.56 7.32
N LEU C 482 -45.04 -9.44 8.07
CA LEU C 482 -45.04 -9.75 9.50
C LEU C 482 -46.06 -8.90 10.25
N ILE C 483 -45.94 -7.57 10.14
CA ILE C 483 -46.86 -6.66 10.80
C ILE C 483 -48.31 -6.94 10.40
N GLU C 484 -48.53 -7.22 9.12
CA GLU C 484 -49.87 -7.50 8.62
C GLU C 484 -50.47 -8.73 9.29
N GLU C 485 -49.64 -9.76 9.45
CA GLU C 485 -50.08 -11.01 10.07
C GLU C 485 -50.38 -10.80 11.56
N ILE C 486 -49.50 -10.05 12.23
CA ILE C 486 -49.71 -9.74 13.65
C ILE C 486 -50.89 -8.80 13.79
N ILE C 487 -51.04 -7.88 12.84
CA ILE C 487 -52.18 -6.98 12.81
C ILE C 487 -53.48 -7.77 12.66
N MET D 38 41.78 56.70 24.27
CA MET D 38 40.64 56.26 25.12
C MET D 38 39.31 56.69 24.50
N MET D 39 39.02 56.17 23.31
CA MET D 39 37.77 56.47 22.62
C MET D 39 36.57 56.07 23.46
N LYS D 40 35.43 56.71 23.21
CA LYS D 40 34.20 56.37 23.91
C LYS D 40 33.01 57.06 23.24
N PHE D 41 31.97 56.28 22.95
CA PHE D 41 30.78 56.80 22.30
C PHE D 41 29.62 55.81 22.38
N THR D 42 28.41 56.33 22.23
CA THR D 42 27.20 55.52 22.18
C THR D 42 26.65 55.56 20.76
N ILE D 43 26.08 54.44 20.32
CA ILE D 43 25.64 54.30 18.94
C ILE D 43 24.42 53.40 18.84
N GLN D 44 23.62 53.59 17.78
CA GLN D 44 22.47 52.73 17.52
C GLN D 44 22.96 51.37 17.01
N LYS D 45 22.17 50.33 17.25
CA LYS D 45 22.60 48.97 16.97
C LYS D 45 22.70 48.70 15.47
N ASP D 46 21.60 48.94 14.76
CA ASP D 46 21.50 48.59 13.34
C ASP D 46 22.64 49.19 12.51
N ARG D 47 22.95 50.44 12.74
CA ARG D 47 24.03 51.09 12.02
C ARG D 47 25.37 50.49 12.32
N LEU D 48 25.63 50.23 13.58
CA LEU D 48 26.87 49.59 14.00
C LEU D 48 27.03 48.24 13.31
N VAL D 49 25.96 47.45 13.31
CA VAL D 49 25.96 46.16 12.63
C VAL D 49 26.29 46.33 11.15
N GLU D 50 25.53 47.17 10.47
CA GLU D 50 25.66 47.36 9.03
C GLU D 50 27.09 47.72 8.63
N SER D 51 27.68 48.66 9.34
CA SER D 51 29.02 49.14 9.00
C SER D 51 30.08 48.07 9.24
N VAL D 52 29.92 47.29 10.31
CA VAL D 52 30.88 46.26 10.65
C VAL D 52 30.86 45.13 9.61
N GLN D 53 29.66 44.75 9.17
CA GLN D 53 29.53 43.69 8.16
C GLN D 53 30.19 44.08 6.85
N ASP D 54 30.04 45.34 6.46
CA ASP D 54 30.63 45.83 5.22
C ASP D 54 32.15 45.76 5.25
N VAL D 55 32.74 46.31 6.31
CA VAL D 55 34.20 46.34 6.42
C VAL D 55 34.78 44.95 6.70
N LEU D 56 33.94 44.04 7.19
CA LEU D 56 34.38 42.69 7.51
C LEU D 56 34.80 41.93 6.26
N LYS D 57 34.22 42.29 5.13
CA LYS D 57 34.48 41.59 3.87
C LYS D 57 35.91 41.83 3.40
N ALA D 58 36.56 42.86 3.92
CA ALA D 58 37.93 43.19 3.55
C ALA D 58 38.93 42.51 4.49
N VAL D 59 38.42 41.83 5.51
CA VAL D 59 39.27 41.12 6.46
C VAL D 59 39.47 39.68 6.02
N SER D 60 40.72 39.23 6.01
CA SER D 60 41.07 37.87 5.60
C SER D 60 41.31 36.97 6.81
N SER D 61 40.94 35.70 6.65
CA SER D 61 41.05 34.74 7.75
C SER D 61 42.51 34.38 8.04
N ARG D 62 43.31 34.27 6.99
CA ARG D 62 44.71 33.88 7.12
C ARG D 62 45.64 34.91 6.48
N THR D 63 45.79 36.04 7.15
CA THR D 63 46.68 37.10 6.67
C THR D 63 47.99 37.09 7.44
N THR D 64 49.09 37.29 6.73
CA THR D 64 50.42 37.23 7.34
C THR D 64 50.66 38.40 8.29
N ILE D 65 50.03 39.54 8.02
CA ILE D 65 50.08 40.68 8.93
C ILE D 65 49.05 40.50 10.04
N PRO D 66 49.49 40.20 11.28
CA PRO D 66 48.54 39.84 12.33
C PRO D 66 47.55 40.97 12.66
N ILE D 67 48.02 42.21 12.60
CA ILE D 67 47.20 43.37 12.95
C ILE D 67 46.01 43.53 12.00
N LEU D 68 46.15 43.08 10.75
CA LEU D 68 45.10 43.25 9.76
C LEU D 68 43.84 42.42 10.05
N THR D 69 43.94 41.47 10.98
CA THR D 69 42.78 40.65 11.35
C THR D 69 41.76 41.44 12.15
N GLY D 70 42.09 42.67 12.51
CA GLY D 70 41.22 43.51 13.31
C GLY D 70 40.51 44.58 12.51
N ILE D 71 39.47 45.16 13.11
CA ILE D 71 38.74 46.27 12.51
C ILE D 71 39.15 47.58 13.18
N LYS D 72 39.75 48.47 12.41
CA LYS D 72 40.16 49.78 12.92
C LYS D 72 38.94 50.64 13.18
N ILE D 73 38.79 51.06 14.43
CA ILE D 73 37.71 51.94 14.83
C ILE D 73 38.27 53.32 15.17
N VAL D 74 37.70 54.36 14.57
CA VAL D 74 38.16 55.73 14.77
C VAL D 74 36.97 56.63 15.10
N ALA D 75 36.99 57.20 16.31
CA ALA D 75 35.94 58.11 16.75
C ALA D 75 36.37 59.55 16.52
N SER D 76 35.45 60.35 15.98
CA SER D 76 35.72 61.75 15.68
C SER D 76 34.50 62.61 15.99
N ASP D 77 34.68 63.92 15.93
CA ASP D 77 33.59 64.86 16.19
C ASP D 77 32.46 64.69 15.18
N ASP D 78 32.83 64.44 13.92
CA ASP D 78 31.85 64.25 12.85
C ASP D 78 31.15 62.90 12.98
N GLY D 79 31.90 61.88 13.39
CA GLY D 79 31.33 60.56 13.55
C GLY D 79 32.37 59.48 13.74
N VAL D 80 31.97 58.23 13.47
CA VAL D 80 32.85 57.07 13.65
C VAL D 80 33.13 56.41 12.30
N SER D 81 34.38 56.01 12.08
CA SER D 81 34.76 55.34 10.83
C SER D 81 35.38 53.97 11.09
N PHE D 82 34.72 52.93 10.60
CA PHE D 82 35.22 51.57 10.69
C PHE D 82 36.04 51.24 9.44
N THR D 83 37.17 50.56 9.64
CA THR D 83 38.08 50.24 8.55
C THR D 83 38.60 48.81 8.67
N GLY D 84 38.53 48.08 7.56
CA GLY D 84 39.08 46.73 7.48
C GLY D 84 39.82 46.57 6.16
N SER D 85 40.86 45.73 6.16
CA SER D 85 41.68 45.54 4.97
C SER D 85 42.46 44.23 5.00
N ASP D 86 42.71 43.68 3.81
CA ASP D 86 43.52 42.46 3.65
C ASP D 86 44.72 42.74 2.73
N SER D 87 45.21 43.98 2.76
CA SER D 87 46.39 44.39 2.00
C SER D 87 46.20 44.34 0.48
N ASP D 88 45.01 43.93 0.03
CA ASP D 88 44.65 43.93 -1.38
C ASP D 88 43.41 44.81 -1.57
N ILE D 89 42.48 44.65 -0.64
CA ILE D 89 41.25 45.44 -0.61
C ILE D 89 41.13 46.14 0.75
N SER D 90 40.60 47.35 0.74
CA SER D 90 40.39 48.11 1.97
C SER D 90 39.04 48.82 1.93
N ILE D 91 38.18 48.49 2.90
CA ILE D 91 36.88 49.13 3.02
C ILE D 91 36.82 50.00 4.26
N GLU D 92 36.50 51.27 4.08
CA GLU D 92 36.28 52.18 5.20
C GLU D 92 34.82 52.60 5.26
N SER D 93 34.10 52.11 6.26
CA SER D 93 32.72 52.51 6.50
C SER D 93 32.67 53.64 7.52
N PHE D 94 31.95 54.70 7.18
CA PHE D 94 31.83 55.88 8.04
C PHE D 94 30.40 56.03 8.53
N ILE D 95 30.23 56.39 9.80
CA ILE D 95 28.90 56.63 10.35
C ILE D 95 28.83 58.04 10.94
N PRO D 96 27.88 58.86 10.45
CA PRO D 96 27.74 60.23 10.96
C PRO D 96 26.80 60.29 12.16
N LYS D 97 27.14 61.09 13.15
CA LYS D 97 26.30 61.25 14.33
C LYS D 97 24.98 61.92 13.96
N GLU D 98 25.04 62.86 13.02
CA GLU D 98 23.86 63.60 12.59
C GLU D 98 23.37 63.14 11.22
N GLU D 99 22.28 62.38 11.22
CA GLU D 99 21.58 61.98 10.00
C GLU D 99 20.13 62.42 10.06
N GLY D 100 19.81 63.47 9.32
CA GLY D 100 18.51 64.09 9.43
C GLY D 100 18.37 64.70 10.82
N ASP D 101 17.13 64.98 11.23
CA ASP D 101 16.90 65.47 12.58
C ASP D 101 16.89 64.31 13.58
N LYS D 102 18.04 63.66 13.71
CA LYS D 102 18.17 62.49 14.58
C LYS D 102 19.62 62.33 15.07
N GLU D 103 19.77 61.64 16.20
CA GLU D 103 21.08 61.39 16.80
C GLU D 103 21.48 59.93 16.61
N ILE D 104 22.14 59.63 15.51
CA ILE D 104 22.56 58.25 15.21
C ILE D 104 23.73 57.85 16.10
N VAL D 105 24.60 58.81 16.42
CA VAL D 105 25.73 58.55 17.31
C VAL D 105 25.94 59.72 18.27
N THR D 106 26.48 59.43 19.44
CA THR D 106 26.85 60.45 20.42
C THR D 106 28.23 60.13 20.98
N ILE D 107 29.18 61.03 20.73
CA ILE D 107 30.58 60.81 21.09
C ILE D 107 30.92 61.48 22.42
N GLU D 108 31.17 60.66 23.44
CA GLU D 108 31.57 61.16 24.75
C GLU D 108 33.06 61.48 24.76
N GLN D 109 33.84 60.72 24.00
CA GLN D 109 35.29 60.91 23.96
C GLN D 109 35.89 60.34 22.67
N PRO D 110 36.45 61.21 21.80
CA PRO D 110 37.15 60.76 20.60
C PRO D 110 38.42 59.95 20.90
N GLY D 111 38.67 58.95 20.08
CA GLY D 111 39.85 58.10 20.18
C GLY D 111 39.85 57.12 19.03
N SER D 112 40.83 56.21 19.01
CA SER D 112 40.93 55.22 17.94
C SER D 112 41.44 53.89 18.48
N ILE D 113 40.84 52.79 18.00
CA ILE D 113 41.16 51.48 18.51
C ILE D 113 40.96 50.37 17.48
N VAL D 114 41.68 49.26 17.65
CA VAL D 114 41.56 48.09 16.78
C VAL D 114 41.05 46.89 17.58
N LEU D 115 39.94 46.32 17.13
CA LEU D 115 39.38 45.12 17.75
C LEU D 115 39.41 43.95 16.77
N GLN D 116 39.43 42.73 17.30
CA GLN D 116 39.42 41.55 16.46
C GLN D 116 38.15 41.50 15.62
N ALA D 117 38.31 41.36 14.31
CA ALA D 117 37.20 41.42 13.38
C ALA D 117 36.19 40.30 13.64
N ARG D 118 36.70 39.10 13.90
CA ARG D 118 35.85 37.93 14.11
C ARG D 118 34.88 38.14 15.28
N PHE D 119 35.42 38.36 16.47
CA PHE D 119 34.60 38.39 17.68
C PHE D 119 33.77 39.67 17.80
N PHE D 120 34.32 40.79 17.35
CA PHE D 120 33.60 42.06 17.41
C PHE D 120 32.28 41.95 16.65
N SER D 121 32.35 41.50 15.41
CA SER D 121 31.16 41.33 14.58
C SER D 121 30.16 40.36 15.20
N GLU D 122 30.67 39.28 15.80
CA GLU D 122 29.81 38.29 16.44
C GLU D 122 29.05 38.88 17.61
N ILE D 123 29.72 39.73 18.38
CA ILE D 123 29.13 40.35 19.56
C ILE D 123 28.02 41.32 19.18
N VAL D 124 28.33 42.26 18.30
CA VAL D 124 27.39 43.34 17.94
C VAL D 124 26.08 42.78 17.40
N LYS D 125 26.15 41.65 16.69
CA LYS D 125 24.97 41.04 16.10
C LYS D 125 23.99 40.55 17.16
N LYS D 126 24.51 40.18 18.32
CA LYS D 126 23.71 39.56 19.37
C LYS D 126 23.41 40.48 20.54
N LEU D 127 23.80 41.75 20.43
CA LEU D 127 23.62 42.70 21.54
C LEU D 127 22.14 42.86 21.88
N PRO D 128 21.81 42.96 23.17
CA PRO D 128 20.39 42.98 23.58
C PRO D 128 19.61 44.20 23.11
N MET D 129 20.18 45.38 23.25
CA MET D 129 19.42 46.62 23.08
C MET D 129 19.88 47.47 21.89
N ALA D 130 18.99 48.34 21.44
CA ALA D 130 19.26 49.23 20.31
C ALA D 130 20.43 50.16 20.62
N THR D 131 20.46 50.66 21.86
CA THR D 131 21.54 51.53 22.30
C THR D 131 22.77 50.71 22.63
N VAL D 132 23.88 51.02 21.97
CA VAL D 132 25.14 50.32 22.18
C VAL D 132 26.22 51.30 22.61
N GLU D 133 26.90 51.00 23.72
CA GLU D 133 27.96 51.85 24.25
C GLU D 133 29.32 51.18 24.15
N ILE D 134 30.28 51.90 23.61
CA ILE D 134 31.65 51.40 23.46
C ILE D 134 32.60 52.36 24.15
N GLU D 135 33.59 51.81 24.86
CA GLU D 135 34.56 52.62 25.59
C GLU D 135 35.88 51.87 25.78
N VAL D 136 36.97 52.62 25.78
CA VAL D 136 38.30 52.07 26.00
C VAL D 136 38.81 52.47 27.37
N GLN D 137 39.77 51.73 27.90
CA GLN D 137 40.35 52.00 29.21
C GLN D 137 41.86 51.74 29.18
N ASN D 138 42.51 51.86 30.34
CA ASN D 138 43.95 51.70 30.44
C ASN D 138 44.43 50.34 29.92
N GLN D 139 45.64 50.32 29.37
CA GLN D 139 46.25 49.12 28.86
C GLN D 139 45.51 48.57 27.63
N TYR D 140 44.85 49.47 26.91
CA TYR D 140 44.16 49.13 25.67
C TYR D 140 43.11 48.02 25.86
N LEU D 141 42.32 48.14 26.92
CA LEU D 141 41.19 47.25 27.15
C LEU D 141 39.89 47.93 26.72
N THR D 142 39.07 47.21 25.97
CA THR D 142 37.82 47.75 25.45
C THR D 142 36.61 47.10 26.10
N ILE D 143 35.62 47.92 26.44
CA ILE D 143 34.37 47.45 27.02
C ILE D 143 33.20 47.79 26.10
N ILE D 144 32.49 46.75 25.65
CA ILE D 144 31.27 46.92 24.87
C ILE D 144 30.06 46.59 25.74
N ARG D 145 29.14 47.53 25.85
CA ARG D 145 27.99 47.37 26.73
C ARG D 145 26.69 47.80 26.05
N SER D 146 25.70 46.91 26.09
CA SER D 146 24.36 47.22 25.58
C SER D 146 23.33 46.62 26.53
N GLY D 147 22.56 47.48 27.17
CA GLY D 147 21.60 47.04 28.17
C GLY D 147 22.31 46.53 29.42
N LYS D 148 22.08 45.27 29.74
CA LYS D 148 22.64 44.65 30.94
C LYS D 148 23.84 43.78 30.61
N ALA D 149 24.17 43.67 29.33
CA ALA D 149 25.28 42.84 28.88
C ALA D 149 26.56 43.66 28.76
N GLU D 150 27.68 43.07 29.17
CA GLU D 150 28.98 43.74 29.09
C GLU D 150 30.03 42.80 28.50
N PHE D 151 30.71 43.29 27.45
CA PHE D 151 31.77 42.53 26.79
C PHE D 151 33.11 43.22 26.95
N ASN D 152 34.09 42.49 27.47
CA ASN D 152 35.45 43.00 27.61
C ASN D 152 36.38 42.39 26.56
N LEU D 153 36.89 43.23 25.66
CA LEU D 153 37.80 42.79 24.62
C LEU D 153 39.12 43.55 24.66
N ASN D 154 40.22 42.84 24.41
CA ASN D 154 41.54 43.44 24.39
C ASN D 154 41.83 44.08 23.03
N GLY D 155 41.51 45.36 22.89
CA GLY D 155 41.75 46.07 21.65
C GLY D 155 43.21 46.46 21.52
N LEU D 156 43.53 47.25 20.49
CA LEU D 156 44.90 47.67 20.24
C LEU D 156 44.97 49.07 19.65
N ASP D 157 46.15 49.67 19.71
CA ASP D 157 46.34 51.04 19.25
C ASP D 157 46.23 51.13 17.73
N ALA D 158 45.51 52.15 17.26
CA ALA D 158 45.23 52.31 15.84
C ALA D 158 46.50 52.64 15.04
N ASP D 159 47.51 53.17 15.72
CA ASP D 159 48.76 53.55 15.06
C ASP D 159 49.42 52.34 14.41
N GLU D 160 49.22 51.16 15.00
CA GLU D 160 49.79 49.93 14.47
C GLU D 160 49.11 49.55 13.15
N TYR D 161 47.87 50.00 12.97
CA TYR D 161 47.12 49.70 11.76
C TYR D 161 47.61 50.55 10.59
N PRO D 162 47.89 49.91 9.43
CA PRO D 162 48.36 50.67 8.26
C PRO D 162 47.36 51.73 7.79
N HIS D 163 47.86 52.77 7.14
CA HIS D 163 47.01 53.81 6.58
C HIS D 163 46.47 53.39 5.22
N LEU D 164 45.50 54.13 4.70
CA LEU D 164 44.91 53.81 3.41
C LEU D 164 45.87 54.15 2.28
N PRO D 165 45.64 53.57 1.09
CA PRO D 165 46.48 53.85 -0.08
C PRO D 165 46.52 55.34 -0.45
N GLN D 166 47.67 55.80 -0.90
CA GLN D 166 47.83 57.19 -1.34
C GLN D 166 47.19 57.36 -2.70
N ILE D 167 46.25 58.28 -2.82
CA ILE D 167 45.44 58.41 -4.03
C ILE D 167 45.36 59.87 -4.51
N GLU D 168 45.58 60.04 -5.81
CA GLU D 168 45.55 61.34 -6.47
C GLU D 168 44.14 61.95 -6.44
N GLU D 169 43.17 61.20 -6.95
CA GLU D 169 41.73 61.53 -6.82
C GLU D 169 41.16 62.50 -7.85
N HIS D 170 41.95 62.83 -8.87
CA HIS D 170 41.45 63.61 -10.01
C HIS D 170 40.80 62.79 -11.11
N HIS D 171 40.00 63.44 -11.95
CA HIS D 171 39.35 62.79 -13.08
C HIS D 171 38.51 61.59 -12.67
N ALA D 172 37.56 61.83 -11.77
CA ALA D 172 36.70 60.75 -11.28
C ALA D 172 35.71 60.30 -12.35
N ILE D 173 35.53 58.99 -12.45
CA ILE D 173 34.50 58.41 -13.32
C ILE D 173 33.24 58.24 -12.51
N GLN D 174 32.07 58.58 -13.14
CA GLN D 174 30.83 58.45 -12.44
C GLN D 174 29.90 57.45 -13.11
N ILE D 175 29.39 56.51 -12.32
CA ILE D 175 28.48 55.49 -12.80
C ILE D 175 27.33 55.31 -11.82
N PRO D 176 26.09 55.21 -12.32
CA PRO D 176 24.96 54.87 -11.43
C PRO D 176 25.18 53.55 -10.71
N THR D 177 24.75 53.44 -9.46
CA THR D 177 25.03 52.26 -8.66
C THR D 177 24.38 51.00 -9.25
N ASP D 178 23.15 51.14 -9.73
CA ASP D 178 22.41 49.99 -10.24
C ASP D 178 23.04 49.44 -11.52
N LEU D 179 23.64 50.32 -12.32
CA LEU D 179 24.34 49.87 -13.51
C LEU D 179 25.68 49.24 -13.11
N LEU D 180 26.42 49.91 -12.24
CA LEU D 180 27.72 49.41 -11.80
C LEU D 180 27.59 47.99 -11.29
N LYS D 181 26.51 47.74 -10.53
CA LYS D 181 26.24 46.42 -10.01
C LYS D 181 25.91 45.45 -11.14
N ASN D 182 25.17 45.94 -12.14
CA ASN D 182 24.83 45.10 -13.28
C ASN D 182 26.10 44.74 -14.05
N LEU D 183 26.93 45.74 -14.36
CA LEU D 183 28.23 45.48 -14.99
C LEU D 183 28.90 44.27 -14.36
N ILE D 184 29.12 44.37 -13.06
CA ILE D 184 29.80 43.35 -12.27
C ILE D 184 29.10 41.99 -12.42
N ARG D 185 27.82 41.95 -12.08
CA ARG D 185 27.03 40.72 -12.14
C ARG D 185 27.15 40.03 -13.50
N GLN D 186 27.34 40.83 -14.54
CA GLN D 186 27.32 40.31 -15.90
C GLN D 186 28.71 39.90 -16.42
N THR D 187 29.73 39.97 -15.58
CA THR D 187 31.10 39.70 -16.05
C THR D 187 31.96 38.87 -15.09
N VAL D 188 31.96 39.19 -13.81
CA VAL D 188 32.93 38.60 -12.88
C VAL D 188 32.83 37.07 -12.83
N PHE D 189 31.65 36.54 -13.11
CA PHE D 189 31.44 35.10 -13.05
C PHE D 189 32.32 34.36 -14.08
N ALA D 190 32.65 35.05 -15.18
CA ALA D 190 33.36 34.44 -16.30
C ALA D 190 34.88 34.62 -16.17
N VAL D 191 35.32 34.93 -14.96
CA VAL D 191 36.74 35.09 -14.66
C VAL D 191 37.39 33.72 -14.38
N SER D 192 38.69 33.61 -14.65
CA SER D 192 39.44 32.39 -14.37
C SER D 192 39.71 32.23 -12.88
N THR D 193 39.65 30.99 -12.39
CA THR D 193 39.80 30.71 -10.96
C THR D 193 41.21 30.28 -10.60
N SER D 194 41.95 29.76 -11.57
CA SER D 194 43.32 29.30 -11.33
C SER D 194 44.23 30.47 -10.98
N GLU D 195 45.10 30.25 -9.99
CA GLU D 195 46.06 31.26 -9.57
C GLU D 195 47.36 31.13 -10.35
N THR D 196 47.37 30.24 -11.34
CA THR D 196 48.55 30.03 -12.17
C THR D 196 48.83 31.27 -13.02
N ARG D 197 47.76 31.87 -13.52
CA ARG D 197 47.85 33.03 -14.40
C ARG D 197 47.00 34.17 -13.83
N PRO D 198 47.51 34.85 -12.78
CA PRO D 198 46.84 35.89 -11.99
C PRO D 198 45.99 36.88 -12.77
N ILE D 199 46.48 37.40 -13.88
CA ILE D 199 45.81 38.50 -14.57
C ILE D 199 44.43 38.09 -15.09
N LEU D 200 44.26 36.81 -15.39
CA LEU D 200 42.99 36.29 -15.86
C LEU D 200 42.01 36.08 -14.70
N THR D 201 42.48 36.26 -13.48
CA THR D 201 41.62 36.19 -12.30
C THR D 201 40.95 37.53 -12.03
N GLY D 202 41.27 38.51 -12.86
CA GLY D 202 40.67 39.84 -12.77
C GLY D 202 39.83 40.16 -13.98
N VAL D 203 39.13 41.29 -13.90
CA VAL D 203 38.32 41.79 -15.00
C VAL D 203 39.00 43.02 -15.59
N ASN D 204 39.25 42.98 -16.89
CA ASN D 204 39.90 44.09 -17.58
C ASN D 204 38.95 45.24 -17.84
N TRP D 205 39.19 46.37 -17.16
CA TRP D 205 38.42 47.57 -17.37
C TRP D 205 39.15 48.48 -18.36
N LYS D 206 38.50 48.76 -19.49
CA LYS D 206 39.10 49.55 -20.55
C LYS D 206 38.20 50.72 -20.91
N VAL D 207 38.74 51.94 -20.76
CA VAL D 207 38.00 53.15 -21.08
C VAL D 207 38.59 53.81 -22.32
N GLU D 208 37.71 54.16 -23.25
CA GLU D 208 38.15 54.91 -24.41
C GLU D 208 36.93 55.62 -24.99
N GLN D 209 37.13 56.74 -25.56
CA GLN D 209 36.09 57.48 -26.25
C GLN D 209 34.78 57.45 -25.46
N SER D 210 34.86 57.75 -24.17
CA SER D 210 33.68 57.84 -23.30
C SER D 210 32.89 56.53 -23.23
N GLU D 211 33.60 55.41 -23.40
CA GLU D 211 32.97 54.09 -23.30
C GLU D 211 33.80 53.15 -22.43
N LEU D 212 33.12 52.33 -21.63
CA LEU D 212 33.78 51.35 -20.77
C LEU D 212 33.54 49.94 -21.30
N LEU D 213 34.62 49.19 -21.47
CA LEU D 213 34.55 47.79 -21.88
C LEU D 213 35.13 46.89 -20.79
N CYS D 214 34.26 46.10 -20.18
CA CYS D 214 34.67 45.14 -19.15
C CYS D 214 34.83 43.75 -19.75
N THR D 215 36.03 43.18 -19.65
CA THR D 215 36.31 41.86 -20.20
C THR D 215 36.72 40.89 -19.10
N ALA D 216 35.97 39.79 -18.98
CA ALA D 216 36.30 38.69 -18.09
C ALA D 216 36.53 37.43 -18.92
N THR D 217 37.72 36.86 -18.81
CA THR D 217 38.08 35.71 -19.63
C THR D 217 38.35 34.48 -18.77
N ASP D 218 37.60 33.42 -19.03
CA ASP D 218 37.83 32.13 -18.39
C ASP D 218 38.70 31.29 -19.32
N SER D 219 38.83 30.00 -19.02
CA SER D 219 39.60 29.12 -19.88
C SER D 219 38.80 28.72 -21.12
N HIS D 220 37.47 28.69 -21.00
CA HIS D 220 36.61 28.20 -22.08
C HIS D 220 35.51 29.17 -22.49
N ARG D 221 35.45 30.33 -21.83
CA ARG D 221 34.42 31.31 -22.13
C ARG D 221 34.82 32.69 -21.64
N LEU D 222 34.17 33.72 -22.17
CA LEU D 222 34.43 35.08 -21.73
C LEU D 222 33.15 35.92 -21.75
N ALA D 223 33.22 37.09 -21.13
CA ALA D 223 32.11 38.03 -21.10
C ALA D 223 32.61 39.43 -21.44
N LEU D 224 31.84 40.13 -22.27
CA LEU D 224 32.17 41.48 -22.61
C LEU D 224 31.00 42.37 -22.30
N ARG D 225 31.22 43.40 -21.50
CA ARG D 225 30.16 44.29 -21.15
C ARG D 225 30.51 45.72 -21.53
N LYS D 226 29.61 46.38 -22.23
CA LYS D 226 29.88 47.72 -22.70
C LYS D 226 29.01 48.76 -22.07
N ALA D 227 29.60 49.77 -21.46
CA ALA D 227 28.83 50.81 -20.81
C ALA D 227 29.15 52.21 -21.27
N LYS D 228 28.12 53.01 -21.54
CA LYS D 228 28.31 54.38 -21.98
C LYS D 228 28.47 55.31 -20.78
N LEU D 229 29.62 55.96 -20.68
CA LEU D 229 29.92 56.85 -19.57
C LEU D 229 29.58 58.29 -19.92
N ASP D 230 29.48 59.13 -18.89
CA ASP D 230 29.21 60.56 -19.08
C ASP D 230 30.49 61.36 -18.81
N ILE D 231 31.48 61.17 -19.66
CA ILE D 231 32.80 61.78 -19.51
C ILE D 231 33.29 62.16 -20.91
N PRO D 232 34.47 62.78 -21.03
CA PRO D 232 34.88 63.23 -22.36
C PRO D 232 35.63 62.14 -23.15
N GLU D 233 35.62 62.26 -24.47
CA GLU D 233 36.31 61.32 -25.37
C GLU D 233 37.82 61.25 -25.12
N ASP D 234 38.35 62.32 -24.48
CA ASP D 234 39.81 62.39 -24.17
C ASP D 234 40.49 61.37 -23.20
N ARG D 235 39.74 61.03 -22.12
CA ARG D 235 40.29 60.13 -21.10
C ARG D 235 40.31 58.68 -21.57
N SER D 236 41.35 57.96 -21.16
CA SER D 236 41.50 56.56 -21.52
C SER D 236 42.12 55.78 -20.35
N TYR D 237 41.69 54.53 -20.19
CA TYR D 237 42.22 53.65 -19.15
C TYR D 237 42.31 52.22 -19.65
N ASN D 238 43.22 51.46 -19.05
CA ASN D 238 43.30 50.02 -19.27
C ASN D 238 43.87 49.33 -18.05
N VAL D 239 42.99 48.85 -17.18
CA VAL D 239 43.37 48.25 -15.92
C VAL D 239 42.64 46.93 -15.67
N VAL D 240 43.21 46.10 -14.81
CA VAL D 240 42.62 44.81 -14.46
C VAL D 240 42.28 44.77 -12.98
N ILE D 241 40.99 44.66 -12.67
CA ILE D 241 40.50 44.63 -11.29
C ILE D 241 40.19 43.20 -10.88
N PRO D 242 40.72 42.74 -9.73
CA PRO D 242 40.43 41.37 -9.28
C PRO D 242 38.94 41.08 -9.14
N GLY D 243 38.55 39.87 -9.52
CA GLY D 243 37.15 39.47 -9.49
C GLY D 243 36.53 39.52 -8.11
N LYS D 244 37.28 39.11 -7.10
CA LYS D 244 36.77 39.11 -5.73
C LYS D 244 36.39 40.52 -5.28
N SER D 245 37.24 41.49 -5.62
CA SER D 245 37.02 42.87 -5.22
C SER D 245 35.65 43.36 -5.66
N LEU D 246 35.35 43.18 -6.94
CA LEU D 246 34.09 43.63 -7.51
C LEU D 246 32.90 42.90 -6.90
N THR D 247 33.09 41.62 -6.57
CA THR D 247 32.04 40.83 -5.95
C THR D 247 31.74 41.37 -4.56
N GLU D 248 32.79 41.60 -3.77
CA GLU D 248 32.63 42.17 -2.43
C GLU D 248 32.08 43.59 -2.51
N LEU D 249 32.51 44.34 -3.52
CA LEU D 249 31.98 45.68 -3.75
C LEU D 249 30.48 45.61 -4.02
N SER D 250 30.07 44.67 -4.87
CA SER D 250 28.67 44.54 -5.24
C SER D 250 27.80 44.26 -4.03
N LYS D 251 28.37 43.59 -3.03
CA LYS D 251 27.62 43.21 -1.84
C LYS D 251 27.26 44.42 -0.97
N ILE D 252 28.23 45.30 -0.73
CA ILE D 252 28.03 46.42 0.18
C ILE D 252 27.18 47.53 -0.43
N LEU D 253 27.09 47.55 -1.76
CA LEU D 253 26.29 48.56 -2.45
C LEU D 253 24.82 48.19 -2.45
N ASP D 254 23.96 49.20 -2.42
CA ASP D 254 22.51 49.00 -2.40
C ASP D 254 21.94 49.10 -3.81
N ASP D 255 20.78 48.49 -4.01
CA ASP D 255 20.10 48.55 -5.30
C ASP D 255 19.36 49.89 -5.44
N ASN D 256 20.11 50.92 -5.81
CA ASN D 256 19.53 52.23 -6.06
C ASN D 256 20.23 52.89 -7.25
N GLN D 257 19.77 54.08 -7.63
CA GLN D 257 20.31 54.78 -8.79
C GLN D 257 21.27 55.89 -8.38
N GLU D 258 21.64 55.91 -7.11
CA GLU D 258 22.60 56.90 -6.60
C GLU D 258 23.94 56.73 -7.31
N LEU D 259 24.58 57.84 -7.64
CA LEU D 259 25.83 57.80 -8.39
C LEU D 259 27.00 57.31 -7.55
N VAL D 260 27.94 56.62 -8.21
CA VAL D 260 29.15 56.14 -7.58
C VAL D 260 30.37 56.72 -8.28
N ASP D 261 31.29 57.29 -7.51
CA ASP D 261 32.50 57.89 -8.07
C ASP D 261 33.65 56.90 -8.05
N ILE D 262 34.24 56.66 -9.23
CA ILE D 262 35.36 55.74 -9.36
C ILE D 262 36.63 56.47 -9.78
N VAL D 263 37.69 56.31 -8.99
CA VAL D 263 38.99 56.91 -9.29
C VAL D 263 39.99 55.81 -9.65
N ILE D 264 40.60 55.93 -10.82
CA ILE D 264 41.54 54.93 -11.32
C ILE D 264 42.95 55.50 -11.36
N THR D 265 43.89 54.77 -10.76
CA THR D 265 45.29 55.14 -10.76
C THR D 265 46.12 54.04 -11.45
N GLU D 266 47.43 54.21 -11.45
CA GLU D 266 48.32 53.26 -12.11
C GLU D 266 48.30 51.91 -11.41
N THR D 267 48.19 51.93 -10.08
CA THR D 267 48.29 50.70 -9.29
C THR D 267 46.98 50.30 -8.60
N GLN D 268 46.08 51.26 -8.39
CA GLN D 268 44.88 51.02 -7.58
C GLN D 268 43.62 51.66 -8.13
N VAL D 269 42.48 51.18 -7.63
CA VAL D 269 41.18 51.78 -7.88
C VAL D 269 40.55 52.16 -6.56
N LEU D 270 39.66 53.15 -6.61
CA LEU D 270 38.89 53.55 -5.44
C LEU D 270 37.44 53.79 -5.85
N PHE D 271 36.53 53.08 -5.19
CA PHE D 271 35.10 53.27 -5.38
C PHE D 271 34.53 54.07 -4.20
N LYS D 272 33.92 55.20 -4.51
CA LYS D 272 33.39 56.11 -3.50
C LYS D 272 31.87 56.18 -3.56
N ALA D 273 31.24 55.68 -2.51
CA ALA D 273 29.79 55.78 -2.36
C ALA D 273 29.48 56.42 -1.02
N LYS D 274 28.20 56.63 -0.74
CA LYS D 274 27.81 57.36 0.45
C LYS D 274 28.27 56.64 1.71
N ASN D 275 29.12 57.32 2.49
CA ASN D 275 29.59 56.82 3.77
C ASN D 275 30.34 55.49 3.66
N VAL D 276 31.04 55.31 2.55
CA VAL D 276 31.84 54.11 2.35
C VAL D 276 32.85 54.29 1.22
N LEU D 277 34.08 53.85 1.49
CA LEU D 277 35.14 53.82 0.48
C LEU D 277 35.54 52.38 0.22
N PHE D 278 35.75 52.04 -1.05
CA PHE D 278 36.23 50.71 -1.42
C PHE D 278 37.52 50.83 -2.23
N PHE D 279 38.62 50.39 -1.65
CA PHE D 279 39.92 50.40 -2.31
C PHE D 279 40.25 49.00 -2.81
N SER D 280 40.88 48.91 -3.97
CA SER D 280 41.27 47.63 -4.54
C SER D 280 42.51 47.74 -5.41
N ARG D 281 43.45 46.84 -5.23
CA ARG D 281 44.66 46.84 -6.02
C ARG D 281 44.37 46.38 -7.45
N LEU D 282 45.20 46.79 -8.40
CA LEU D 282 45.08 46.46 -9.82
C LEU D 282 46.14 45.46 -10.23
N LEU D 283 45.69 44.35 -10.81
CA LEU D 283 46.59 43.31 -11.29
C LEU D 283 47.52 43.86 -12.36
N ASP D 284 48.83 43.76 -12.13
CA ASP D 284 49.81 44.29 -13.06
C ASP D 284 49.97 43.36 -14.26
N GLY D 285 50.33 43.94 -15.41
CA GLY D 285 50.50 43.19 -16.63
C GLY D 285 49.52 43.61 -17.70
N ASN D 286 49.75 43.16 -18.92
CA ASN D 286 48.88 43.47 -20.04
C ASN D 286 47.83 42.38 -20.25
N TYR D 287 46.56 42.78 -20.29
CA TYR D 287 45.47 41.85 -20.49
C TYR D 287 45.41 41.41 -21.96
N PRO D 288 45.37 40.10 -22.22
CA PRO D 288 45.36 39.66 -23.62
C PRO D 288 44.11 40.13 -24.38
N ASP D 289 44.25 40.30 -25.70
CA ASP D 289 43.16 40.77 -26.53
C ASP D 289 42.19 39.63 -26.87
N THR D 290 41.56 39.08 -25.85
CA THR D 290 40.71 37.91 -26.03
C THR D 290 39.37 38.25 -26.67
N THR D 291 39.03 39.54 -26.67
CA THR D 291 37.83 40.01 -27.37
C THR D 291 37.92 39.72 -28.86
N SER D 292 39.14 39.48 -29.33
CA SER D 292 39.38 39.18 -30.73
C SER D 292 38.76 37.84 -31.17
N LEU D 293 38.12 37.12 -30.26
CA LEU D 293 37.49 35.88 -30.61
C LEU D 293 36.06 36.08 -30.99
N ILE D 294 35.51 37.24 -30.68
CA ILE D 294 34.11 37.54 -30.98
C ILE D 294 33.94 37.82 -32.47
N PRO D 295 33.15 36.98 -33.16
CA PRO D 295 32.97 37.17 -34.60
C PRO D 295 31.80 38.11 -34.94
N GLN D 296 31.74 38.55 -36.18
CA GLN D 296 30.63 39.36 -36.66
C GLN D 296 29.74 38.53 -37.58
N ASP D 297 30.19 37.33 -37.93
CA ASP D 297 29.44 36.44 -38.80
C ASP D 297 28.80 35.29 -38.04
N SER D 298 27.82 34.65 -38.69
CA SER D 298 27.11 33.52 -38.12
C SER D 298 26.37 32.77 -39.22
N LYS D 299 26.39 31.44 -39.15
CA LYS D 299 25.74 30.60 -40.15
C LYS D 299 24.36 30.15 -39.69
N THR D 300 24.17 30.12 -38.38
CA THR D 300 22.89 29.76 -37.79
C THR D 300 22.50 30.78 -36.74
N GLU D 301 21.25 31.21 -36.79
CA GLU D 301 20.72 32.21 -35.86
C GLU D 301 19.47 31.69 -35.19
N ILE D 302 19.48 31.74 -33.86
CA ILE D 302 18.38 31.21 -33.05
C ILE D 302 17.96 32.23 -32.02
N ILE D 303 16.66 32.53 -32.00
CA ILE D 303 16.06 33.34 -30.95
C ILE D 303 15.06 32.48 -30.19
N VAL D 304 15.24 32.38 -28.88
CA VAL D 304 14.41 31.50 -28.08
C VAL D 304 14.04 32.12 -26.73
N ASN D 305 12.91 31.68 -26.20
CA ASN D 305 12.48 32.05 -24.86
C ASN D 305 13.56 31.75 -23.83
N THR D 306 14.01 32.79 -23.13
CA THR D 306 15.09 32.67 -22.16
C THR D 306 14.78 31.64 -21.08
N LYS D 307 13.61 31.77 -20.47
CA LYS D 307 13.21 30.93 -19.36
C LYS D 307 13.13 29.46 -19.76
N GLU D 308 12.38 29.18 -20.83
CA GLU D 308 12.23 27.82 -21.33
C GLU D 308 13.56 27.21 -21.73
N PHE D 309 14.40 27.99 -22.39
CA PHE D 309 15.72 27.52 -22.81
C PHE D 309 16.58 27.17 -21.60
N LEU D 310 16.59 28.06 -20.62
CA LEU D 310 17.36 27.86 -19.40
C LEU D 310 16.91 26.60 -18.66
N GLN D 311 15.60 26.41 -18.56
CA GLN D 311 15.03 25.28 -17.86
C GLN D 311 15.37 23.94 -18.53
N ALA D 312 15.41 23.95 -19.86
CA ALA D 312 15.71 22.75 -20.61
C ALA D 312 17.19 22.39 -20.50
N ILE D 313 18.06 23.39 -20.60
CA ILE D 313 19.49 23.18 -20.44
C ILE D 313 19.79 22.71 -19.02
N ASP D 314 18.95 23.11 -18.08
CA ASP D 314 19.11 22.75 -16.69
C ASP D 314 18.79 21.27 -16.47
N ARG D 315 17.68 20.82 -17.05
CA ARG D 315 17.28 19.42 -16.98
C ARG D 315 18.28 18.52 -17.69
N ALA D 316 18.86 19.03 -18.77
CA ALA D 316 19.80 18.26 -19.57
C ALA D 316 21.09 18.01 -18.82
N SER D 317 21.40 18.86 -17.85
CA SER D 317 22.66 18.79 -17.11
C SER D 317 22.53 17.97 -15.82
N LEU D 318 21.35 17.43 -15.56
CA LEU D 318 21.10 16.72 -14.31
C LEU D 318 21.79 15.36 -14.24
N LEU D 319 22.08 14.77 -15.39
CA LEU D 319 22.65 13.42 -15.42
C LEU D 319 24.17 13.43 -15.22
N ALA D 320 24.71 14.58 -14.82
CA ALA D 320 26.13 14.67 -14.50
C ALA D 320 26.45 13.86 -13.25
N ARG D 321 27.35 12.88 -13.39
CA ARG D 321 27.83 12.14 -12.25
C ARG D 321 28.88 12.98 -11.53
N GLU D 322 28.76 13.10 -10.21
CA GLU D 322 29.63 13.97 -9.42
C GLU D 322 31.10 13.65 -9.64
N GLY D 323 31.88 14.68 -9.96
CA GLY D 323 33.29 14.53 -10.24
C GLY D 323 33.57 14.36 -11.72
N ASN D 325 33.42 16.03 -16.63
CA ASN D 325 32.42 17.09 -16.73
C ASN D 325 31.29 16.68 -17.66
N ASN D 326 30.13 17.31 -17.49
CA ASN D 326 28.96 17.00 -18.30
C ASN D 326 29.03 17.66 -19.66
N VAL D 327 28.41 17.03 -20.65
CA VAL D 327 28.31 17.57 -21.99
C VAL D 327 26.85 17.56 -22.44
N VAL D 328 26.45 18.61 -23.13
CA VAL D 328 25.09 18.75 -23.64
C VAL D 328 25.15 19.13 -25.12
N LYS D 329 24.18 18.62 -25.89
CA LYS D 329 24.15 18.80 -27.32
C LYS D 329 22.92 19.61 -27.75
N LEU D 330 23.15 20.57 -28.64
CA LEU D 330 22.07 21.35 -29.22
C LEU D 330 21.89 21.00 -30.71
N SER D 331 20.68 20.63 -31.09
CA SER D 331 20.35 20.36 -32.48
C SER D 331 19.25 21.29 -32.95
N ALA D 332 19.51 22.05 -34.01
CA ALA D 332 18.56 23.04 -34.50
C ALA D 332 18.46 23.02 -36.02
N LYS D 333 17.23 23.19 -36.51
CA LYS D 333 16.94 23.24 -37.95
C LYS D 333 15.74 24.15 -38.18
N PRO D 334 15.76 24.94 -39.26
CA PRO D 334 14.62 25.81 -39.54
C PRO D 334 13.29 25.05 -39.66
N ALA D 335 12.22 25.66 -39.17
CA ALA D 335 10.89 25.06 -39.17
C ALA D 335 10.86 23.74 -38.40
N GLU D 336 11.72 23.63 -37.40
CA GLU D 336 11.75 22.46 -36.53
C GLU D 336 12.07 22.88 -35.10
N SER D 337 11.54 22.13 -34.14
CA SER D 337 11.82 22.38 -32.73
C SER D 337 13.29 22.17 -32.42
N ILE D 338 13.81 22.99 -31.52
CA ILE D 338 15.15 22.79 -30.99
C ILE D 338 15.18 21.53 -30.13
N GLU D 339 16.23 20.73 -30.27
CA GLU D 339 16.41 19.55 -29.45
C GLU D 339 17.63 19.68 -28.54
N ILE D 340 17.37 19.65 -27.23
CA ILE D 340 18.43 19.59 -26.24
C ILE D 340 18.56 18.15 -25.78
N SER D 341 19.78 17.63 -25.71
CA SER D 341 19.99 16.26 -25.31
C SER D 341 21.30 16.07 -24.55
N SER D 342 21.37 14.99 -23.77
CA SER D 342 22.58 14.65 -23.03
C SER D 342 22.66 13.14 -22.85
N ASN D 343 23.88 12.61 -22.83
CA ASN D 343 24.08 11.17 -22.74
C ASN D 343 25.10 10.79 -21.66
N SER D 344 24.69 9.89 -20.77
CA SER D 344 25.56 9.33 -19.75
C SER D 344 25.41 7.82 -19.77
N PRO D 345 26.40 7.10 -20.33
CA PRO D 345 26.26 5.66 -20.59
C PRO D 345 25.83 4.82 -19.38
N GLU D 346 26.38 5.09 -18.21
CA GLU D 346 26.14 4.26 -17.04
C GLU D 346 24.78 4.59 -16.42
N ILE D 347 24.34 5.83 -16.57
CA ILE D 347 23.10 6.28 -15.94
C ILE D 347 21.87 6.41 -16.81
N GLY D 348 22.04 6.95 -18.01
CA GLY D 348 20.93 7.13 -18.93
C GLY D 348 21.12 8.32 -19.84
N LYS D 349 20.02 8.81 -20.40
CA LYS D 349 20.05 9.96 -21.30
C LYS D 349 18.80 10.82 -21.14
N VAL D 350 18.87 12.02 -21.71
CA VAL D 350 17.78 12.97 -21.64
C VAL D 350 17.63 13.67 -22.99
N VAL D 351 16.39 13.95 -23.37
CA VAL D 351 16.10 14.68 -24.59
C VAL D 351 14.92 15.61 -24.33
N GLU D 352 15.01 16.84 -24.82
CA GLU D 352 13.94 17.81 -24.63
C GLU D 352 13.80 18.74 -25.83
N ALA D 353 12.56 18.99 -26.22
CA ALA D 353 12.27 19.85 -27.37
C ALA D 353 11.84 21.25 -26.94
N ILE D 354 12.24 22.25 -27.74
CA ILE D 354 11.86 23.63 -27.51
C ILE D 354 11.45 24.29 -28.81
N VAL D 355 10.27 24.91 -28.83
CA VAL D 355 9.87 25.74 -29.96
C VAL D 355 10.58 27.08 -29.88
N ALA D 356 11.33 27.41 -30.92
CA ALA D 356 12.07 28.66 -30.96
C ALA D 356 11.19 29.78 -31.52
N ASP D 357 11.45 31.00 -31.07
CA ASP D 357 10.77 32.17 -31.63
C ASP D 357 11.24 32.39 -33.07
N GLN D 358 12.49 32.03 -33.33
CA GLN D 358 13.07 32.18 -34.66
C GLN D 358 14.31 31.33 -34.84
N ILE D 359 14.33 30.58 -35.94
CA ILE D 359 15.49 29.80 -36.35
C ILE D 359 15.82 30.15 -37.80
N GLU D 360 17.06 30.52 -38.06
CA GLU D 360 17.50 30.91 -39.39
C GLU D 360 18.89 30.41 -39.70
N GLY D 361 19.05 29.92 -40.93
CA GLY D 361 20.35 29.52 -41.44
C GLY D 361 20.59 28.03 -41.51
N GLU D 362 21.86 27.67 -41.36
CA GLU D 362 22.33 26.32 -41.56
C GLU D 362 21.89 25.36 -40.45
N GLU D 363 21.60 24.11 -40.82
CA GLU D 363 21.31 23.07 -39.84
C GLU D 363 22.48 22.93 -38.88
N LEU D 364 22.19 22.82 -37.60
CA LEU D 364 23.23 22.85 -36.57
C LEU D 364 23.15 21.67 -35.63
N ASN D 365 24.33 21.11 -35.33
CA ASN D 365 24.51 20.15 -34.25
C ASN D 365 25.79 20.46 -33.49
N ILE D 366 25.63 21.00 -32.30
CA ILE D 366 26.77 21.50 -31.53
C ILE D 366 26.70 21.03 -30.07
N SER D 367 27.86 20.84 -29.47
CA SER D 367 27.97 20.39 -28.08
C SER D 367 28.73 21.39 -27.23
N PHE D 368 28.41 21.43 -25.93
CA PHE D 368 29.01 22.39 -25.02
C PHE D 368 28.78 21.99 -23.57
N SER D 369 29.57 22.56 -22.66
CA SER D 369 29.38 22.32 -21.24
C SER D 369 28.12 23.04 -20.77
N PRO D 370 27.22 22.33 -20.07
CA PRO D 370 25.96 22.98 -19.70
C PRO D 370 26.15 24.14 -18.73
N LYS D 371 27.19 24.07 -17.91
CA LYS D 371 27.44 25.09 -16.90
C LYS D 371 27.66 26.46 -17.53
N TYR D 372 28.57 26.52 -18.50
CA TYR D 372 28.90 27.77 -19.19
C TYR D 372 27.65 28.42 -19.80
N MET D 373 26.84 27.63 -20.48
CA MET D 373 25.60 28.12 -21.06
C MET D 373 24.69 28.66 -19.97
N LEU D 374 24.48 27.86 -18.92
CA LEU D 374 23.61 28.26 -17.82
C LEU D 374 24.10 29.54 -17.14
N ASP D 375 25.41 29.68 -16.99
CA ASP D 375 25.98 30.89 -16.42
C ASP D 375 25.61 32.10 -17.27
N ALA D 376 25.80 31.99 -18.57
CA ALA D 376 25.53 33.09 -19.49
C ALA D 376 24.05 33.48 -19.48
N LEU D 377 23.17 32.48 -19.41
CA LEU D 377 21.73 32.72 -19.46
C LEU D 377 21.22 33.45 -18.23
N LYS D 378 21.77 33.17 -17.07
CA LYS D 378 21.32 33.77 -15.85
C LYS D 378 21.54 35.25 -15.83
N VAL D 379 22.43 35.70 -16.67
CA VAL D 379 22.83 37.09 -16.70
C VAL D 379 21.89 37.94 -17.55
N LEU D 380 21.46 37.38 -18.68
CA LEU D 380 20.69 38.12 -19.67
C LEU D 380 19.27 38.37 -19.16
N GLU D 381 18.86 39.64 -19.19
CA GLU D 381 17.67 40.09 -18.48
C GLU D 381 16.37 39.89 -19.25
N GLY D 382 16.46 39.96 -20.58
CA GLY D 382 15.26 39.93 -21.41
C GLY D 382 14.54 38.60 -21.44
N ALA D 383 13.37 38.59 -22.08
CA ALA D 383 12.58 37.37 -22.22
C ALA D 383 13.03 36.55 -23.41
N GLU D 384 14.00 37.08 -24.16
CA GLU D 384 14.55 36.40 -25.33
C GLU D 384 16.07 36.38 -25.26
N ILE D 385 16.66 35.31 -25.77
CA ILE D 385 18.11 35.25 -25.96
C ILE D 385 18.44 34.90 -27.40
N ARG D 386 19.47 35.60 -27.92
CA ARG D 386 19.92 35.36 -29.29
C ARG D 386 21.21 34.56 -29.26
N VAL D 387 21.15 33.34 -29.81
CA VAL D 387 22.33 32.49 -29.91
C VAL D 387 22.75 32.40 -31.36
N SER D 388 24.03 32.66 -31.61
CA SER D 388 24.57 32.73 -32.97
C SER D 388 25.69 31.73 -33.15
N PHE D 389 25.57 30.91 -34.21
CA PHE D 389 26.52 29.83 -34.46
C PHE D 389 27.17 29.93 -35.83
N THR D 390 28.36 29.34 -35.94
CA THR D 390 29.03 29.16 -37.22
C THR D 390 29.70 27.78 -37.23
N GLY D 391 28.87 26.74 -37.28
CA GLY D 391 29.37 25.37 -37.25
C GLY D 391 29.47 24.82 -35.83
N ALA D 392 29.88 23.57 -35.72
CA ALA D 392 29.89 22.85 -34.45
C ALA D 392 31.11 23.14 -33.57
N MET D 393 32.19 23.61 -34.17
CA MET D 393 33.47 23.72 -33.45
C MET D 393 33.96 25.15 -33.26
N ARG D 394 33.27 26.12 -33.85
CA ARG D 394 33.63 27.53 -33.65
C ARG D 394 32.92 28.08 -32.41
N PRO D 395 33.59 29.00 -31.69
CA PRO D 395 32.94 29.70 -30.56
C PRO D 395 31.62 30.32 -30.96
N PHE D 396 30.56 30.07 -30.18
CA PHE D 396 29.26 30.66 -30.44
C PHE D 396 28.98 31.77 -29.44
N LEU D 397 28.04 32.65 -29.81
CA LEU D 397 27.74 33.82 -28.99
C LEU D 397 26.34 33.72 -28.39
N ILE D 398 26.19 34.25 -27.18
CA ILE D 398 24.88 34.42 -26.56
C ILE D 398 24.67 35.90 -26.27
N ARG D 399 23.53 36.41 -26.71
CA ARG D 399 23.20 37.82 -26.55
C ARG D 399 21.70 37.96 -26.42
N THR D 400 21.24 39.17 -26.07
CA THR D 400 19.83 39.49 -26.19
C THR D 400 19.65 40.14 -27.56
N PRO D 401 18.53 39.84 -28.25
CA PRO D 401 18.34 40.35 -29.62
C PRO D 401 18.44 41.87 -29.70
N ASN D 402 18.97 42.40 -30.80
CA ASN D 402 19.12 43.84 -30.99
C ASN D 402 19.68 44.55 -29.76
N ASP D 403 20.80 44.02 -29.27
CA ASP D 403 21.48 44.59 -28.11
C ASP D 403 22.91 44.05 -28.07
N GLU D 404 23.87 44.97 -28.10
CA GLU D 404 25.27 44.62 -28.14
C GLU D 404 26.03 45.08 -26.90
N THR D 405 25.30 45.48 -25.86
CA THR D 405 25.94 45.93 -24.63
C THR D 405 26.64 44.76 -23.94
N ILE D 406 26.01 43.60 -23.98
CA ILE D 406 26.55 42.40 -23.34
C ILE D 406 26.72 41.27 -24.36
N VAL D 407 27.90 40.67 -24.35
CA VAL D 407 28.23 39.57 -25.26
C VAL D 407 28.86 38.42 -24.50
N GLN D 408 28.24 37.26 -24.58
CA GLN D 408 28.76 36.03 -23.96
C GLN D 408 29.32 35.12 -25.04
N LEU D 409 30.56 34.68 -24.85
CA LEU D 409 31.21 33.79 -25.81
C LEU D 409 31.61 32.48 -25.14
N ILE D 410 31.23 31.36 -25.77
CA ILE D 410 31.53 30.04 -25.24
C ILE D 410 32.18 29.17 -26.32
N LEU D 411 33.29 28.54 -25.97
CA LEU D 411 33.94 27.58 -26.86
C LEU D 411 33.25 26.23 -26.72
N PRO D 412 32.75 25.67 -27.84
CA PRO D 412 31.97 24.42 -27.75
C PRO D 412 32.83 23.19 -27.49
N VAL D 413 32.18 22.08 -27.18
CA VAL D 413 32.85 20.81 -27.06
C VAL D 413 32.99 20.17 -28.43
N ARG D 414 34.24 20.06 -28.89
CA ARG D 414 34.51 19.42 -30.18
C ARG D 414 34.37 17.91 -30.04
N THR D 415 33.56 17.31 -30.91
CA THR D 415 33.32 15.87 -30.87
C THR D 415 34.01 15.16 -32.02
N TYR D 416 35.02 14.35 -31.68
CA TYR D 416 35.72 13.54 -32.68
C TYR D 416 35.31 12.08 -32.52
N VAL D 417 34.43 11.63 -33.41
CA VAL D 417 33.79 10.32 -33.30
C VAL D 417 34.80 9.16 -33.25
N ASP D 418 35.79 9.20 -34.13
CA ASP D 418 36.74 8.09 -34.24
C ASP D 418 37.85 8.15 -33.19
N SER D 419 37.99 9.30 -32.54
CA SER D 419 39.06 9.52 -31.58
C SER D 419 38.89 8.66 -30.32
N VAL D 420 40.02 8.39 -29.64
CA VAL D 420 39.99 7.68 -28.37
C VAL D 420 39.29 8.52 -27.33
N GLU D 421 39.64 9.82 -27.30
CA GLU D 421 38.97 10.80 -26.46
C GLU D 421 38.07 11.67 -27.34
N PRO D 422 36.79 11.29 -27.47
CA PRO D 422 35.96 11.96 -28.48
C PRO D 422 35.66 13.42 -28.16
N GLU D 423 35.44 13.71 -26.89
CA GLU D 423 35.02 15.05 -26.47
C GLU D 423 36.21 15.88 -26.03
N VAL D 424 36.49 16.93 -26.80
CA VAL D 424 37.64 17.79 -26.56
C VAL D 424 37.18 19.23 -26.35
N GLN D 425 37.87 19.95 -25.46
CA GLN D 425 37.54 21.32 -25.12
C GLN D 425 38.71 22.25 -25.39
N GLU D 426 38.55 23.18 -26.33
CA GLU D 426 39.58 24.14 -26.64
C GLU D 426 39.60 25.25 -25.60
N MET D 427 40.77 25.84 -25.39
CA MET D 427 40.93 26.95 -24.46
C MET D 427 41.10 28.26 -25.21
N ILE D 428 40.67 29.36 -24.59
CA ILE D 428 40.85 30.68 -25.16
C ILE D 428 42.32 31.08 -25.09
N VAL D 429 42.88 31.07 -23.89
CA VAL D 429 44.29 31.34 -23.68
C VAL D 429 45.04 30.03 -23.45
N PRO D 430 45.93 29.64 -24.40
CA PRO D 430 46.60 28.35 -24.24
C PRO D 430 47.54 28.30 -23.04
N LEU D 431 47.96 27.11 -22.66
CA LEU D 431 48.88 26.91 -21.54
C LEU D 431 50.29 26.64 -22.05
N THR D 432 51.27 27.33 -21.46
CA THR D 432 52.67 27.16 -21.82
C THR D 432 53.44 26.48 -20.68
N PHE D 433 54.45 25.69 -21.05
CA PHE D 433 55.26 24.96 -20.08
C PHE D 433 56.73 24.99 -20.47
N HIS D 434 57.52 25.79 -19.74
CA HIS D 434 58.95 25.89 -19.99
C HIS D 434 59.69 24.73 -19.34
N TYR D 435 60.54 24.07 -20.11
CA TYR D 435 61.33 22.94 -19.62
C TYR D 435 62.81 23.14 -19.93
N SER D 436 63.66 22.30 -19.34
CA SER D 436 65.10 22.37 -19.55
C SER D 436 65.54 21.44 -20.67
N THR D 437 66.55 21.85 -21.43
CA THR D 437 67.06 21.08 -22.56
C THR D 437 67.28 19.60 -22.21
N ASN D 438 67.55 19.32 -20.94
CA ASN D 438 67.73 17.96 -20.45
C ASN D 438 66.38 17.30 -20.19
N GLU D 439 65.63 17.85 -19.24
CA GLU D 439 64.35 17.27 -18.83
C GLU D 439 63.30 17.36 -19.93
N ALA D 440 63.32 18.46 -20.69
CA ALA D 440 62.40 18.63 -21.82
C ALA D 440 62.56 17.52 -22.83
N LEU D 441 63.80 17.18 -23.14
CA LEU D 441 64.13 16.20 -24.15
C LEU D 441 63.40 14.87 -23.92
N ILE D 442 63.55 14.34 -22.71
CA ILE D 442 62.90 13.08 -22.35
C ILE D 442 61.39 13.17 -22.49
N ILE D 443 60.82 14.29 -22.05
CA ILE D 443 59.38 14.50 -22.13
C ILE D 443 58.89 14.50 -23.57
N GLU D 444 59.51 15.34 -24.41
CA GLU D 444 59.14 15.42 -25.82
C GLU D 444 59.31 14.08 -26.53
N GLN D 445 60.34 13.33 -26.14
CA GLN D 445 60.60 12.02 -26.72
C GLN D 445 59.48 11.04 -26.42
N HIS D 446 59.21 10.85 -25.14
CA HIS D 446 58.16 9.94 -24.69
C HIS D 446 56.77 10.39 -25.10
N PHE D 456 47.30 17.20 -25.31
CA PHE D 456 47.38 17.37 -26.75
C PHE D 456 48.37 18.51 -27.06
N LEU D 457 49.57 18.13 -27.51
CA LEU D 457 50.68 19.05 -27.57
C LEU D 457 50.84 19.79 -28.89
N GLU D 458 51.45 20.98 -28.81
CA GLU D 458 51.87 21.73 -29.97
C GLU D 458 53.19 22.42 -29.63
N SER D 459 54.12 22.44 -30.58
CA SER D 459 55.45 22.99 -30.35
C SER D 459 55.60 24.38 -30.97
N PHE D 460 55.60 25.41 -30.13
CA PHE D 460 55.75 26.79 -30.59
C PHE D 460 56.81 27.55 -29.79
N GLY D 461 57.16 27.01 -28.63
CA GLY D 461 58.12 27.66 -27.75
C GLY D 461 59.54 27.15 -27.94
N SER D 462 60.50 27.86 -27.37
CA SER D 462 61.90 27.47 -27.44
C SER D 462 62.12 26.16 -26.69
N ASN D 463 61.88 25.05 -27.39
CA ASN D 463 61.81 23.73 -26.78
C ASN D 463 60.88 23.74 -25.55
N SER D 464 59.81 24.52 -25.66
CA SER D 464 58.74 24.53 -24.69
C SER D 464 57.41 24.38 -25.43
N TYR D 465 56.48 23.63 -24.84
CA TYR D 465 55.26 23.22 -25.53
C TYR D 465 54.06 24.10 -25.19
N ILE D 466 53.13 24.21 -26.14
CA ILE D 466 51.88 24.93 -25.93
C ILE D 466 50.71 23.97 -26.10
N VAL D 467 49.71 24.08 -25.23
CA VAL D 467 48.54 23.22 -25.27
C VAL D 467 47.31 24.02 -25.68
N ARG D 468 46.77 23.69 -26.86
CA ARG D 468 45.63 24.42 -27.40
C ARG D 468 44.31 23.94 -26.79
N CYS D 469 44.23 22.63 -26.52
CA CYS D 469 43.00 22.02 -26.03
C CYS D 469 43.25 20.78 -25.18
N HIS D 470 42.19 20.29 -24.55
CA HIS D 470 42.29 19.15 -23.65
C HIS D 470 40.97 18.37 -23.63
N PRO D 471 40.95 17.19 -23.01
CA PRO D 471 39.71 16.42 -22.89
C PRO D 471 38.62 17.15 -22.11
N ALA D 472 37.36 16.93 -22.48
CA ALA D 472 36.25 17.63 -21.87
C ALA D 472 36.02 17.24 -20.41
N TRP D 473 36.46 16.04 -20.03
CA TRP D 473 36.18 15.54 -18.68
C TRP D 473 37.11 16.13 -17.63
N PHE D 474 38.12 16.87 -18.06
CA PHE D 474 39.07 17.47 -17.13
C PHE D 474 38.37 18.35 -16.10
N PRO D 475 38.85 18.33 -14.84
CA PRO D 475 38.27 19.20 -13.80
C PRO D 475 38.47 20.67 -14.11
N LYS D 476 37.42 21.47 -13.90
CA LYS D 476 37.47 22.90 -14.20
C LYS D 476 38.31 23.65 -13.19
N GLY D 477 39.24 24.47 -13.69
CA GLY D 477 40.15 25.22 -12.83
C GLY D 477 41.39 24.42 -12.46
N GLU D 478 41.39 23.13 -12.80
CA GLU D 478 42.49 22.23 -12.47
C GLU D 478 43.11 21.63 -13.72
N GLU D 479 42.89 22.27 -14.86
CA GLU D 479 43.40 21.76 -16.13
C GLU D 479 44.92 21.82 -16.18
N ALA D 480 45.48 22.97 -15.85
CA ALA D 480 46.92 23.19 -15.93
C ALA D 480 47.68 22.28 -14.96
N GLU D 481 47.19 22.19 -13.72
CA GLU D 481 47.84 21.40 -12.69
C GLU D 481 47.89 19.93 -13.08
N LEU D 482 46.84 19.45 -13.72
CA LEU D 482 46.78 18.06 -14.17
C LEU D 482 47.85 17.79 -15.22
N ILE D 483 47.92 18.66 -16.24
CA ILE D 483 48.90 18.52 -17.31
C ILE D 483 50.33 18.44 -16.75
N GLU D 484 50.62 19.25 -15.75
CA GLU D 484 51.96 19.28 -15.15
C GLU D 484 52.23 18.00 -14.37
N GLU D 485 51.19 17.45 -13.74
CA GLU D 485 51.33 16.24 -12.96
C GLU D 485 51.57 15.02 -13.86
N ILE D 486 50.90 15.00 -15.01
CA ILE D 486 51.10 13.93 -15.98
C ILE D 486 52.49 14.03 -16.59
#